data_3LY6
#
_entry.id   3LY6
#
_cell.length_a   134.175
_cell.length_b   215.759
_cell.length_c   165.956
_cell.angle_alpha   90.00
_cell.angle_beta   90.00
_cell.angle_gamma   90.00
#
_symmetry.space_group_name_H-M   'C 2 2 21'
#
loop_
_entity.id
_entity.type
_entity.pdbx_description
1 polymer 'Protein-glutamine gamma-glutamyltransferase 2'
2 non-polymer "ADENOSINE-5'-TRIPHOSPHATE"
#
_entity_poly.entity_id   1
_entity_poly.type   'polypeptide(L)'
_entity_poly.pdbx_seq_one_letter_code
;MAEELVLERCDLELETNGRDHHTADLCREKLVVRRGQPFWLTLHFEGRNYEASVDSLTFSVVTGPAPSQEAGTKARFPLR
DAVEEGDWTATVVDQQDCTLSLQLTTPANAPIGLYRLSLEASTGYQGSSFVLGHFILLFNAWCPADAVYLDSEEERQEYV
LTQQGFIYQGSAKFIKNIPWNFGQFEDGILDICLILLDVNPKFLKNAGRDCSRRSSPVYVGRVGSGMVNCNDDQGVLLGR
WDNNYGDGVSPMSWIGSVDILRRWKNHGCQRVKYGQCWVFAAVACTVLRCLGIPTRVVTNYNSAHDQNSNLLIEYFRNEF
GEIQGDKSEMIWNFHCWVESWMTRPDLQPGYEGWQALDPTPQEKSEGTYCCGPVPVRAIKEGDLSTKYDAPFVFAEVNAD
VVDWIQQDDGSVHKSINRSLIVGLKISTKSVGRDEREDITHTYKYPEGSSEEREAFTRANHLNKLAEKEETGMAMRIRVG
QSMNMGSDFDVFAHITNNTAEEYVCRLLLCARTVSYNGILGPECGTKYLLNLNLEPFSEKSVPLCILYEKYRDCLTESNL
IKVRALLVEPVINSYLLAERDLYLENPEIKIRILGEPKQKRKLVAEVSLQNPLPVALEGCTFTVEGAGLTEEQKTVEIPD
PVEAGEEVKVRMDLLPLHMGLHKLVVNFESDKLKAVKGFRNVIIGPALEHHHHHHHH
;
_entity_poly.pdbx_strand_id   A,B,C
#
# COMPACT_ATOMS: atom_id res chain seq x y z
N GLU A 4 20.26 39.79 14.53
CA GLU A 4 19.02 40.41 13.96
C GLU A 4 17.80 40.10 14.84
N LEU A 5 16.60 40.48 14.39
CA LEU A 5 15.37 40.22 15.14
C LEU A 5 14.21 40.07 14.17
N VAL A 6 13.44 39.00 14.36
CA VAL A 6 12.28 38.73 13.50
C VAL A 6 11.21 39.79 13.63
N LEU A 7 10.66 40.20 12.50
CA LEU A 7 9.64 41.24 12.44
C LEU A 7 8.20 40.76 12.72
N GLU A 8 7.46 40.42 11.67
CA GLU A 8 6.06 39.95 11.79
C GLU A 8 5.00 41.05 11.99
N ARG A 9 4.41 41.51 10.89
CA ARG A 9 3.39 42.55 10.92
C ARG A 9 2.06 42.02 10.36
N CYS A 10 1.62 40.85 10.83
CA CYS A 10 0.38 40.24 10.35
C CYS A 10 0.30 38.77 10.77
N ASP A 11 -0.85 38.14 10.51
CA ASP A 11 -1.07 36.74 10.86
C ASP A 11 -2.44 36.26 10.41
N LEU A 12 -2.58 35.98 9.10
CA LEU A 12 -3.83 35.52 8.49
C LEU A 12 -4.19 34.09 8.91
N GLU A 13 -5.49 33.79 8.93
CA GLU A 13 -5.99 32.48 9.32
C GLU A 13 -6.81 31.87 8.21
N LEU A 14 -7.11 32.70 7.22
CA LEU A 14 -7.89 32.33 6.05
C LEU A 14 -9.27 31.69 6.32
N GLU A 15 -10.14 31.78 5.32
CA GLU A 15 -11.48 31.24 5.40
C GLU A 15 -11.54 29.93 4.62
N THR A 16 -10.46 29.63 3.92
CA THR A 16 -10.36 28.39 3.17
C THR A 16 -10.24 27.29 4.23
N ASN A 17 -10.04 27.69 5.48
CA ASN A 17 -9.92 26.75 6.59
C ASN A 17 -11.34 26.35 6.94
N GLY A 18 -12.24 27.33 6.88
CA GLY A 18 -13.64 27.09 7.18
C GLY A 18 -14.21 26.06 6.22
N ARG A 19 -14.03 26.30 4.93
CA ARG A 19 -14.53 25.36 3.95
C ARG A 19 -13.90 23.99 4.16
N ASP A 20 -12.62 23.98 4.51
CA ASP A 20 -11.88 22.74 4.72
C ASP A 20 -12.32 21.93 5.95
N HIS A 21 -12.66 22.62 7.04
CA HIS A 21 -13.08 21.91 8.26
C HIS A 21 -14.58 21.82 8.44
N HIS A 22 -15.31 22.19 7.39
CA HIS A 22 -16.76 22.18 7.41
C HIS A 22 -17.20 23.03 8.58
N THR A 23 -16.66 24.24 8.65
CA THR A 23 -16.97 25.16 9.74
C THR A 23 -17.06 26.57 9.21
N ALA A 24 -17.37 26.69 7.91
CA ALA A 24 -17.48 27.98 7.24
C ALA A 24 -18.44 28.95 7.93
N ASP A 25 -19.68 28.50 8.14
CA ASP A 25 -20.70 29.31 8.81
C ASP A 25 -20.24 29.73 10.21
N LEU A 26 -19.62 28.79 10.90
CA LEU A 26 -19.10 28.98 12.24
C LEU A 26 -17.87 29.90 12.23
N CYS A 27 -17.33 30.14 11.04
CA CYS A 27 -16.14 30.98 10.90
C CYS A 27 -16.39 32.45 10.68
N ARG A 28 -16.71 33.15 11.77
CA ARG A 28 -16.96 34.58 11.71
C ARG A 28 -16.18 35.19 12.87
N GLU A 29 -15.25 36.08 12.55
CA GLU A 29 -14.44 36.75 13.57
C GLU A 29 -13.91 35.83 14.68
N LYS A 30 -13.18 34.80 14.26
CA LYS A 30 -12.56 33.81 15.15
C LYS A 30 -12.57 32.48 14.44
N LEU A 31 -11.38 31.93 14.22
CA LEU A 31 -11.22 30.66 13.53
C LEU A 31 -11.75 29.49 14.31
N VAL A 32 -12.45 28.63 13.59
CA VAL A 32 -13.00 27.41 14.16
C VAL A 32 -12.57 26.29 13.22
N VAL A 33 -12.06 25.20 13.81
CA VAL A 33 -11.59 24.03 13.04
C VAL A 33 -11.95 22.74 13.75
N ARG A 34 -11.70 21.61 13.10
CA ARG A 34 -11.99 20.32 13.72
C ARG A 34 -10.70 19.52 13.90
N ARG A 35 -10.52 19.03 15.13
CA ARG A 35 -9.35 18.26 15.51
C ARG A 35 -9.00 17.15 14.54
N GLY A 36 -7.72 16.77 14.55
CA GLY A 36 -7.27 15.69 13.70
C GLY A 36 -7.11 16.08 12.24
N GLN A 37 -7.17 17.37 11.96
CA GLN A 37 -7.02 17.82 10.60
C GLN A 37 -6.17 19.06 10.62
N PRO A 38 -5.41 19.31 9.53
CA PRO A 38 -4.53 20.48 9.43
C PRO A 38 -5.18 21.72 8.85
N PHE A 39 -4.69 22.89 9.25
CA PHE A 39 -5.20 24.15 8.75
C PHE A 39 -4.12 25.17 8.36
N TRP A 40 -4.37 25.88 7.25
CA TRP A 40 -3.46 26.89 6.76
C TRP A 40 -3.23 27.94 7.83
N LEU A 41 -2.13 28.68 7.68
CA LEU A 41 -1.76 29.72 8.63
C LEU A 41 -0.61 30.52 8.04
N THR A 42 -0.93 31.52 7.22
CA THR A 42 0.11 32.34 6.63
C THR A 42 0.58 33.43 7.61
N LEU A 43 1.89 33.68 7.63
CA LEU A 43 2.50 34.68 8.48
C LEU A 43 3.19 35.73 7.63
N HIS A 44 3.04 36.99 8.00
CA HIS A 44 3.65 38.07 7.24
C HIS A 44 4.63 38.87 8.08
N PHE A 45 5.89 38.87 7.66
CA PHE A 45 6.92 39.63 8.37
C PHE A 45 7.24 40.84 7.50
N GLU A 46 7.80 41.88 8.10
CA GLU A 46 8.15 43.07 7.32
C GLU A 46 9.64 43.02 6.97
N GLY A 47 9.99 43.56 5.81
CA GLY A 47 11.37 43.54 5.39
C GLY A 47 11.93 42.14 5.23
N ARG A 48 12.35 41.54 6.34
CA ARG A 48 12.93 40.20 6.30
C ARG A 48 11.93 39.06 6.44
N ASN A 49 12.19 37.97 5.73
CA ASN A 49 11.36 36.77 5.77
C ASN A 49 11.84 35.90 6.93
N TYR A 50 11.61 34.60 6.85
CA TYR A 50 12.06 33.68 7.90
C TYR A 50 13.45 33.16 7.53
N GLU A 51 14.33 33.11 8.52
CA GLU A 51 15.69 32.63 8.28
C GLU A 51 15.89 31.33 9.04
N ALA A 52 15.70 30.20 8.36
CA ALA A 52 15.88 28.89 8.98
C ALA A 52 17.22 28.83 9.70
N SER A 53 18.18 29.53 9.12
CA SER A 53 19.55 29.62 9.63
C SER A 53 19.57 29.96 11.10
N VAL A 54 19.49 31.26 11.36
CA VAL A 54 19.54 31.84 12.70
C VAL A 54 18.21 31.85 13.46
N ASP A 55 17.10 31.97 12.73
CA ASP A 55 15.76 32.01 13.34
C ASP A 55 15.26 30.63 13.80
N SER A 56 14.77 30.57 15.03
CA SER A 56 14.27 29.32 15.59
C SER A 56 12.97 29.56 16.35
N LEU A 57 11.83 29.47 15.67
CA LEU A 57 10.54 29.69 16.31
C LEU A 57 9.75 28.41 16.61
N THR A 58 9.25 28.32 17.84
CA THR A 58 8.46 27.18 18.29
C THR A 58 7.05 27.65 18.65
N PHE A 59 6.05 26.81 18.37
CA PHE A 59 4.67 27.17 18.67
C PHE A 59 4.21 26.60 19.99
N SER A 60 3.09 27.09 20.47
CA SER A 60 2.54 26.64 21.75
C SER A 60 1.07 27.02 21.87
N VAL A 61 0.26 26.12 22.40
CA VAL A 61 -1.17 26.36 22.57
C VAL A 61 -1.73 25.84 23.88
N VAL A 62 -2.52 26.65 24.55
CA VAL A 62 -3.13 26.24 25.81
C VAL A 62 -4.65 26.37 25.67
N THR A 63 -5.40 25.63 26.47
CA THR A 63 -6.85 25.71 26.39
C THR A 63 -7.54 25.92 27.73
N GLY A 64 -7.46 24.93 28.62
CA GLY A 64 -8.14 25.08 29.90
C GLY A 64 -7.81 26.37 30.62
N PRO A 65 -8.56 26.72 31.68
CA PRO A 65 -8.25 27.96 32.39
C PRO A 65 -6.97 27.63 33.19
N ALA A 66 -6.62 26.35 33.18
CA ALA A 66 -5.46 25.81 33.86
C ALA A 66 -4.80 24.82 32.91
N PRO A 67 -4.14 25.32 31.84
CA PRO A 67 -3.47 24.47 30.86
C PRO A 67 -2.63 23.36 31.48
N SER A 68 -1.99 22.56 30.63
CA SER A 68 -1.17 21.45 31.09
C SER A 68 -0.65 20.59 29.95
N GLN A 69 0.63 20.24 30.03
CA GLN A 69 1.28 19.40 29.04
C GLN A 69 0.75 17.98 29.24
N GLU A 70 0.63 17.60 30.49
CA GLU A 70 0.17 16.29 30.85
C GLU A 70 -1.32 16.10 30.74
N ALA A 71 -2.09 17.16 30.99
CA ALA A 71 -3.54 17.03 30.92
C ALA A 71 -4.08 17.21 29.50
N GLY A 72 -3.17 17.16 28.53
CA GLY A 72 -3.56 17.32 27.14
C GLY A 72 -4.35 18.60 26.93
N THR A 73 -4.10 19.61 27.76
CA THR A 73 -4.80 20.89 27.66
C THR A 73 -3.85 22.04 27.34
N LYS A 74 -2.60 21.69 27.03
CA LYS A 74 -1.57 22.66 26.69
C LYS A 74 -0.45 21.90 26.00
N ALA A 75 0.13 22.50 24.97
CA ALA A 75 1.22 21.85 24.24
C ALA A 75 1.96 22.84 23.37
N ARG A 76 3.28 22.73 23.37
CA ARG A 76 4.15 23.57 22.56
C ARG A 76 4.86 22.63 21.61
N PHE A 77 5.16 23.10 20.40
CA PHE A 77 5.80 22.25 19.40
C PHE A 77 6.67 22.99 18.39
N PRO A 78 7.76 22.36 17.94
CA PRO A 78 8.72 22.90 16.99
C PRO A 78 8.12 23.19 15.62
N LEU A 79 8.79 24.04 14.87
CA LEU A 79 8.36 24.39 13.52
C LEU A 79 9.35 23.72 12.59
N ARG A 80 8.89 22.74 11.82
CA ARG A 80 9.76 22.02 10.89
C ARG A 80 9.12 21.90 9.51
N ASP A 81 9.66 21.01 8.69
CA ASP A 81 9.08 20.75 7.38
C ASP A 81 9.10 19.25 7.20
N ALA A 82 9.21 18.56 8.33
CA ALA A 82 9.20 17.11 8.39
C ALA A 82 7.75 16.76 8.68
N VAL A 83 7.46 16.43 9.94
CA VAL A 83 6.11 16.07 10.34
C VAL A 83 6.11 15.47 11.74
N GLY A 86 3.15 11.82 17.81
CA GLY A 86 3.66 13.11 18.28
C GLY A 86 2.54 14.14 18.14
N ASP A 87 1.54 13.81 17.34
CA ASP A 87 0.36 14.63 17.03
C ASP A 87 0.29 16.19 16.85
N TRP A 88 0.71 16.97 17.85
CA TRP A 88 0.67 18.44 17.74
C TRP A 88 1.89 18.92 16.93
N THR A 89 1.71 19.05 15.61
CA THR A 89 2.76 19.44 14.67
C THR A 89 2.53 20.82 14.08
N ALA A 90 3.55 21.33 13.40
CA ALA A 90 3.48 22.64 12.74
C ALA A 90 4.63 22.56 11.75
N THR A 91 4.35 22.82 10.48
CA THR A 91 5.38 22.71 9.45
C THR A 91 5.26 23.79 8.38
N VAL A 92 6.38 24.12 7.75
CA VAL A 92 6.40 25.13 6.68
C VAL A 92 6.00 24.49 5.36
N VAL A 93 4.89 24.95 4.79
CA VAL A 93 4.39 24.42 3.54
C VAL A 93 4.83 25.29 2.33
N ASP A 94 5.32 26.49 2.62
CA ASP A 94 5.80 27.41 1.59
C ASP A 94 6.25 28.68 2.29
N GLN A 95 6.79 29.63 1.52
CA GLN A 95 7.28 30.88 2.07
C GLN A 95 7.92 31.68 0.95
N GLN A 96 7.44 32.92 0.76
CA GLN A 96 8.01 33.75 -0.29
C GLN A 96 7.79 35.23 0.01
N ASP A 97 8.72 36.07 -0.43
CA ASP A 97 8.64 37.51 -0.22
C ASP A 97 8.94 37.85 1.25
N CYS A 98 7.92 37.78 2.09
CA CYS A 98 8.06 38.07 3.51
C CYS A 98 7.07 37.19 4.25
N THR A 99 6.16 36.60 3.48
CA THR A 99 5.13 35.72 4.02
C THR A 99 5.69 34.33 4.30
N LEU A 100 5.06 33.62 5.23
CA LEU A 100 5.49 32.27 5.61
C LEU A 100 4.27 31.45 5.99
N SER A 101 3.73 30.70 5.04
CA SER A 101 2.55 29.88 5.30
C SER A 101 2.90 28.52 5.90
N LEU A 102 2.26 28.19 7.02
CA LEU A 102 2.52 26.93 7.70
C LEU A 102 1.29 26.04 7.64
N GLN A 103 1.37 24.93 8.37
CA GLN A 103 0.27 23.98 8.47
C GLN A 103 0.36 23.24 9.79
N LEU A 104 -0.59 23.55 10.66
CA LEU A 104 -0.64 22.94 11.96
C LEU A 104 -1.58 21.75 11.93
N THR A 105 -1.31 20.80 12.81
CA THR A 105 -2.10 19.58 12.91
C THR A 105 -2.39 19.29 14.36
N THR A 106 -3.65 19.02 14.63
CA THR A 106 -4.09 18.69 15.97
C THR A 106 -4.30 17.20 16.08
N PRO A 107 -4.34 16.70 17.31
CA PRO A 107 -4.57 15.26 17.49
C PRO A 107 -6.02 14.95 17.17
N ALA A 108 -6.35 13.68 17.07
CA ALA A 108 -7.73 13.31 16.79
C ALA A 108 -8.39 12.98 18.12
N ASN A 109 -7.84 13.57 19.17
CA ASN A 109 -8.36 13.37 20.51
C ASN A 109 -8.01 14.57 21.35
N ALA A 110 -7.59 15.63 20.67
CA ALA A 110 -7.25 16.88 21.34
C ALA A 110 -8.55 17.34 21.98
N PRO A 111 -8.49 17.83 23.23
CA PRO A 111 -9.73 18.29 23.86
C PRO A 111 -10.29 19.49 23.08
N ILE A 112 -11.62 19.61 23.05
CA ILE A 112 -12.26 20.69 22.34
C ILE A 112 -12.46 21.92 23.22
N GLY A 113 -12.40 23.08 22.60
CA GLY A 113 -12.58 24.32 23.32
C GLY A 113 -11.86 25.47 22.63
N LEU A 114 -11.65 26.55 23.37
CA LEU A 114 -10.96 27.71 22.84
C LEU A 114 -9.48 27.56 23.15
N TYR A 115 -8.63 27.75 22.15
CA TYR A 115 -7.20 27.64 22.34
C TYR A 115 -6.51 28.96 22.08
N ARG A 116 -5.39 29.19 22.78
CA ARG A 116 -4.60 30.41 22.62
C ARG A 116 -3.33 29.99 21.89
N LEU A 117 -3.15 30.52 20.69
CA LEU A 117 -2.00 30.19 19.87
C LEU A 117 -0.86 31.17 20.05
N SER A 118 0.21 30.69 20.69
CA SER A 118 1.38 31.50 20.96
C SER A 118 2.55 31.17 20.02
N LEU A 119 3.43 32.14 19.81
CA LEU A 119 4.60 31.94 18.96
C LEU A 119 5.88 32.28 19.72
N GLU A 120 6.83 31.34 19.75
CA GLU A 120 8.11 31.51 20.43
C GLU A 120 9.20 31.84 19.42
N ALA A 121 9.61 33.10 19.33
CA ALA A 121 10.65 33.48 18.38
C ALA A 121 12.02 33.74 19.02
N SER A 122 13.02 33.02 18.53
CA SER A 122 14.40 33.15 19.00
C SER A 122 15.28 33.42 17.79
N THR A 123 15.33 34.67 17.35
CA THR A 123 16.15 35.03 16.19
C THR A 123 17.64 34.97 16.56
N GLY A 124 17.97 34.16 17.57
CA GLY A 124 19.33 34.00 18.02
C GLY A 124 19.38 33.60 19.50
N TYR A 125 19.13 34.59 20.35
CA TYR A 125 19.13 34.40 21.80
C TYR A 125 18.09 35.31 22.46
N GLN A 126 17.73 36.38 21.77
CA GLN A 126 16.72 37.30 22.28
C GLN A 126 15.37 36.95 21.69
N GLY A 127 15.09 37.46 20.49
CA GLY A 127 13.82 37.18 19.84
C GLY A 127 12.63 37.66 20.64
N SER A 128 11.42 37.39 20.14
CA SER A 128 10.20 37.81 20.81
C SER A 128 9.13 36.70 20.87
N SER A 129 8.50 36.57 22.03
CA SER A 129 7.45 35.54 22.25
C SER A 129 6.09 36.18 22.50
N PHE A 130 5.10 35.85 21.67
CA PHE A 130 3.77 36.43 21.82
C PHE A 130 2.63 35.64 21.16
N VAL A 131 1.40 36.08 21.44
CA VAL A 131 0.19 35.44 20.90
C VAL A 131 -0.04 35.74 19.42
N LEU A 132 -0.73 34.82 18.75
CA LEU A 132 -1.03 34.94 17.34
C LEU A 132 -2.54 35.07 17.15
N GLY A 133 -3.30 34.52 18.10
CA GLY A 133 -4.75 34.59 18.01
C GLY A 133 -5.38 33.43 18.76
N HIS A 134 -6.69 33.23 18.57
CA HIS A 134 -7.41 32.14 19.22
C HIS A 134 -8.19 31.32 18.19
N PHE A 135 -8.52 30.08 18.52
CA PHE A 135 -9.30 29.23 17.62
C PHE A 135 -10.11 28.23 18.42
N ILE A 136 -11.24 27.80 17.87
CA ILE A 136 -12.06 26.79 18.55
C ILE A 136 -11.91 25.44 17.82
N LEU A 137 -11.52 24.41 18.57
CA LEU A 137 -11.32 23.09 18.00
C LEU A 137 -12.54 22.23 18.35
N LEU A 138 -13.17 21.68 17.32
CA LEU A 138 -14.36 20.87 17.51
C LEU A 138 -14.14 19.41 17.11
N PHE A 139 -15.06 18.54 17.51
CA PHE A 139 -14.99 17.14 17.16
C PHE A 139 -15.08 17.03 15.65
N ASN A 140 -14.22 16.22 15.05
CA ASN A 140 -14.22 16.07 13.60
C ASN A 140 -14.84 14.74 13.20
N ALA A 141 -15.97 14.77 12.49
CA ALA A 141 -16.64 13.54 12.09
C ALA A 141 -16.11 13.08 10.74
N TRP A 142 -15.28 13.88 10.11
CA TRP A 142 -14.71 13.54 8.81
C TRP A 142 -13.34 12.89 8.96
N CYS A 143 -12.80 12.92 10.18
CA CYS A 143 -11.48 12.34 10.45
C CYS A 143 -11.60 10.94 11.04
N PRO A 144 -11.10 9.93 10.31
CA PRO A 144 -11.15 8.52 10.70
C PRO A 144 -10.54 8.22 12.06
N ALA A 145 -9.61 9.07 12.48
CA ALA A 145 -8.95 8.87 13.75
C ALA A 145 -9.76 9.40 14.93
N ASP A 146 -10.79 10.20 14.65
CA ASP A 146 -11.62 10.76 15.70
C ASP A 146 -12.62 9.74 16.20
N ALA A 147 -13.07 9.90 17.44
CA ALA A 147 -14.02 8.94 18.03
C ALA A 147 -15.43 9.13 17.53
N VAL A 148 -15.64 10.15 16.72
CA VAL A 148 -16.98 10.42 16.20
C VAL A 148 -17.04 10.22 14.69
N TYR A 149 -15.97 9.66 14.13
CA TYR A 149 -15.90 9.44 12.70
C TYR A 149 -17.15 8.80 12.10
N LEU A 150 -17.48 9.24 10.90
CA LEU A 150 -18.61 8.74 10.15
C LEU A 150 -18.11 8.51 8.74
N ASP A 151 -18.38 7.30 8.23
CA ASP A 151 -17.98 6.91 6.89
C ASP A 151 -18.82 7.62 5.83
N SER A 152 -20.15 7.47 5.90
CA SER A 152 -21.07 8.09 4.94
C SER A 152 -21.08 9.61 4.98
N GLU A 153 -20.70 10.21 3.87
CA GLU A 153 -20.68 11.66 3.76
C GLU A 153 -22.05 12.27 4.06
N GLU A 154 -23.12 11.74 3.45
CA GLU A 154 -24.42 12.32 3.71
C GLU A 154 -24.83 12.21 5.17
N GLU A 155 -24.41 11.14 5.83
CA GLU A 155 -24.75 10.99 7.24
C GLU A 155 -24.06 12.06 8.05
N ARG A 156 -22.84 12.39 7.63
CA ARG A 156 -22.07 13.43 8.31
C ARG A 156 -22.82 14.73 8.14
N GLN A 157 -23.38 14.92 6.95
CA GLN A 157 -24.11 16.13 6.66
C GLN A 157 -25.36 16.22 7.53
N GLU A 158 -26.19 15.20 7.42
CA GLU A 158 -27.44 15.18 8.16
C GLU A 158 -27.26 15.36 9.65
N TYR A 159 -26.38 14.56 10.24
CA TYR A 159 -26.16 14.58 11.67
C TYR A 159 -25.23 15.60 12.28
N VAL A 160 -24.51 16.38 11.46
CA VAL A 160 -23.61 17.38 12.01
C VAL A 160 -23.83 18.74 11.43
N LEU A 161 -23.92 18.82 10.11
CA LEU A 161 -24.09 20.10 9.46
C LEU A 161 -25.53 20.62 9.25
N THR A 162 -26.50 19.70 9.11
CA THR A 162 -27.88 20.09 8.87
C THR A 162 -28.44 20.91 10.03
N GLN A 163 -29.00 22.08 9.72
CA GLN A 163 -29.52 22.98 10.75
C GLN A 163 -31.00 22.89 11.01
N GLN A 164 -31.76 22.40 10.05
CA GLN A 164 -33.20 22.27 10.21
C GLN A 164 -33.50 20.80 10.42
N GLY A 165 -34.69 20.48 10.90
CA GLY A 165 -35.02 19.08 11.10
C GLY A 165 -36.45 18.84 11.59
N PHE A 166 -36.72 17.57 11.90
CA PHE A 166 -38.03 17.16 12.37
C PHE A 166 -37.95 16.49 13.72
N ILE A 167 -39.03 16.65 14.49
CA ILE A 167 -39.17 16.04 15.80
C ILE A 167 -40.53 15.39 15.71
N TYR A 168 -40.58 14.09 15.93
CA TYR A 168 -41.85 13.39 15.79
C TYR A 168 -42.75 13.36 17.02
N GLN A 169 -43.96 13.86 16.82
CA GLN A 169 -44.97 13.94 17.84
C GLN A 169 -46.28 13.29 17.36
N GLY A 170 -47.40 13.76 17.89
CA GLY A 170 -48.69 13.19 17.52
C GLY A 170 -48.96 11.88 18.22
N SER A 171 -49.35 10.87 17.46
CA SER A 171 -49.64 9.56 18.03
C SER A 171 -48.98 8.47 17.20
N ALA A 172 -48.89 7.28 17.75
CA ALA A 172 -48.27 6.18 17.04
C ALA A 172 -49.13 5.79 15.85
N LYS A 173 -50.44 5.91 16.01
CA LYS A 173 -51.39 5.56 14.96
C LYS A 173 -51.48 6.67 13.90
N PHE A 174 -50.93 7.83 14.24
CA PHE A 174 -50.94 9.00 13.35
C PHE A 174 -49.75 9.90 13.69
N ILE A 175 -48.55 9.50 13.30
CA ILE A 175 -47.38 10.29 13.59
C ILE A 175 -47.42 11.68 12.93
N LYS A 176 -46.89 12.67 13.64
CA LYS A 176 -46.86 14.05 13.15
C LYS A 176 -45.43 14.56 13.24
N ASN A 177 -44.94 15.22 12.19
CA ASN A 177 -43.57 15.72 12.18
C ASN A 177 -43.46 17.22 12.37
N ILE A 178 -42.99 17.64 13.55
CA ILE A 178 -42.85 19.06 13.84
C ILE A 178 -41.48 19.57 13.39
N PRO A 179 -41.48 20.68 12.64
CA PRO A 179 -40.25 21.29 12.14
C PRO A 179 -39.49 21.97 13.26
N TRP A 180 -38.17 21.90 13.20
CA TRP A 180 -37.35 22.52 14.22
C TRP A 180 -36.08 23.12 13.64
N ASN A 181 -35.74 24.31 14.14
CA ASN A 181 -34.56 25.02 13.73
C ASN A 181 -33.49 24.75 14.77
N PHE A 182 -32.58 23.84 14.47
CA PHE A 182 -31.49 23.54 15.39
C PHE A 182 -30.49 24.68 15.37
N GLY A 183 -30.42 25.37 14.24
CA GLY A 183 -29.50 26.49 14.05
C GLY A 183 -28.16 26.46 14.76
N GLN A 184 -27.55 25.29 14.91
CA GLN A 184 -26.27 25.18 15.62
C GLN A 184 -25.15 26.08 15.09
N PHE A 185 -25.30 26.64 13.89
CA PHE A 185 -24.25 27.49 13.34
C PHE A 185 -24.69 28.94 13.27
N GLU A 186 -25.79 29.23 13.94
CA GLU A 186 -26.30 30.59 13.96
C GLU A 186 -25.42 31.41 14.89
N ASP A 187 -25.12 32.64 14.49
CA ASP A 187 -24.26 33.54 15.27
C ASP A 187 -24.44 33.49 16.80
N GLY A 188 -23.31 33.38 17.49
CA GLY A 188 -23.27 33.33 18.95
C GLY A 188 -23.52 31.98 19.60
N ILE A 189 -24.35 31.17 18.97
CA ILE A 189 -24.69 29.87 19.48
C ILE A 189 -23.51 29.02 19.92
N LEU A 190 -22.39 29.09 19.21
CA LEU A 190 -21.23 28.29 19.59
C LEU A 190 -20.73 28.75 20.94
N ASP A 191 -20.42 30.04 21.03
CA ASP A 191 -19.90 30.63 22.26
C ASP A 191 -20.80 30.32 23.46
N ILE A 192 -22.11 30.29 23.24
CA ILE A 192 -23.06 29.99 24.31
C ILE A 192 -22.89 28.52 24.72
N CYS A 193 -22.47 27.70 23.76
CA CYS A 193 -22.23 26.28 24.00
C CYS A 193 -21.02 26.06 24.89
N LEU A 194 -19.93 26.74 24.56
CA LEU A 194 -18.71 26.64 25.33
C LEU A 194 -19.02 27.12 26.76
N ILE A 195 -19.71 28.24 26.87
CA ILE A 195 -20.10 28.77 28.16
C ILE A 195 -20.85 27.65 28.90
N LEU A 196 -21.83 27.05 28.22
CA LEU A 196 -22.65 25.98 28.78
C LEU A 196 -21.79 24.88 29.41
N LEU A 197 -20.60 24.70 28.88
CA LEU A 197 -19.68 23.70 29.39
C LEU A 197 -18.87 24.27 30.55
N ASP A 198 -18.48 25.54 30.43
CA ASP A 198 -17.69 26.21 31.46
C ASP A 198 -18.49 26.57 32.68
N VAL A 199 -19.72 26.08 32.77
CA VAL A 199 -20.53 26.43 33.91
C VAL A 199 -21.23 25.21 34.51
N ASN A 200 -20.69 24.04 34.23
CA ASN A 200 -21.29 22.81 34.74
C ASN A 200 -20.45 22.31 35.93
N PRO A 201 -21.05 21.50 36.82
CA PRO A 201 -20.34 20.97 37.99
C PRO A 201 -18.92 20.52 37.67
N LYS A 202 -18.79 19.41 36.94
CA LYS A 202 -17.49 18.87 36.57
C LYS A 202 -16.41 19.95 36.40
N PHE A 203 -16.82 21.12 35.90
CA PHE A 203 -15.89 22.22 35.64
C PHE A 203 -15.61 23.13 36.81
N LEU A 204 -16.66 23.45 37.55
CA LEU A 204 -16.52 24.30 38.71
C LEU A 204 -15.82 23.51 39.81
N LYS A 205 -16.07 22.22 39.88
CA LYS A 205 -15.46 21.36 40.88
C LYS A 205 -14.00 21.13 40.56
N ASN A 206 -13.59 21.36 39.31
CA ASN A 206 -12.20 21.14 38.91
C ASN A 206 -11.97 21.50 37.45
N ALA A 207 -11.80 22.79 37.18
CA ALA A 207 -11.56 23.31 35.83
C ALA A 207 -10.60 22.47 34.97
N GLY A 208 -9.46 22.08 35.54
CA GLY A 208 -8.50 21.30 34.79
C GLY A 208 -9.02 19.93 34.37
N ARG A 209 -9.50 19.16 35.33
CA ARG A 209 -10.05 17.82 35.09
C ARG A 209 -11.08 17.88 33.96
N ASP A 210 -12.08 18.73 34.15
CA ASP A 210 -13.15 18.90 33.18
C ASP A 210 -12.66 19.36 31.81
N CYS A 211 -11.92 20.46 31.77
CA CYS A 211 -11.37 20.98 30.53
C CYS A 211 -10.50 19.95 29.80
N SER A 212 -9.94 19.02 30.55
CA SER A 212 -9.10 17.99 29.97
C SER A 212 -9.93 16.92 29.28
N ARG A 213 -10.88 16.34 30.01
CA ARG A 213 -11.75 15.31 29.49
C ARG A 213 -12.63 15.71 28.31
N ARG A 214 -12.60 16.97 27.93
CA ARG A 214 -13.40 17.45 26.80
C ARG A 214 -12.89 16.95 25.46
N SER A 215 -12.13 15.87 25.49
CA SER A 215 -11.59 15.28 24.28
C SER A 215 -12.39 14.01 24.03
N SER A 216 -13.27 13.70 24.97
CA SER A 216 -14.11 12.52 24.88
C SER A 216 -15.54 12.86 24.51
N PRO A 217 -16.02 12.31 23.38
CA PRO A 217 -17.41 12.61 22.98
C PRO A 217 -18.37 12.05 24.03
N VAL A 218 -18.02 10.92 24.61
CA VAL A 218 -18.89 10.33 25.62
C VAL A 218 -18.96 11.21 26.86
N TYR A 219 -17.86 11.88 27.19
CA TYR A 219 -17.85 12.78 28.36
C TYR A 219 -18.67 14.02 28.02
N VAL A 220 -18.24 14.75 27.00
CA VAL A 220 -18.92 15.96 26.54
C VAL A 220 -20.43 15.70 26.35
N GLY A 221 -20.76 14.53 25.83
CA GLY A 221 -22.16 14.18 25.62
C GLY A 221 -22.94 14.20 26.92
N ARG A 222 -22.39 13.60 27.97
CA ARG A 222 -23.02 13.54 29.28
C ARG A 222 -23.20 14.93 29.86
N VAL A 223 -22.17 15.74 29.72
CA VAL A 223 -22.19 17.10 30.22
C VAL A 223 -23.27 17.92 29.53
N GLY A 224 -23.21 18.00 28.19
CA GLY A 224 -24.23 18.72 27.45
C GLY A 224 -25.63 18.27 27.81
N SER A 225 -25.92 16.98 27.59
CA SER A 225 -27.24 16.39 27.88
C SER A 225 -27.80 16.84 29.21
N GLY A 226 -26.99 16.68 30.25
CA GLY A 226 -27.39 17.05 31.60
C GLY A 226 -27.52 18.53 31.89
N MET A 227 -26.82 19.34 31.11
CA MET A 227 -26.86 20.80 31.31
C MET A 227 -28.13 21.43 30.75
N VAL A 228 -28.99 20.63 30.14
CA VAL A 228 -30.23 21.11 29.56
C VAL A 228 -31.31 21.21 30.65
N ASN A 229 -31.49 20.14 31.40
CA ASN A 229 -32.47 20.14 32.46
C ASN A 229 -31.90 19.54 33.74
N CYS A 230 -31.72 18.21 33.78
CA CYS A 230 -31.19 17.51 34.96
C CYS A 230 -30.26 18.39 35.79
N ASN A 231 -30.78 18.79 36.94
CA ASN A 231 -30.14 19.68 37.89
C ASN A 231 -30.11 21.09 37.32
N ASP A 232 -31.23 21.79 37.52
CA ASP A 232 -31.42 23.15 37.05
C ASP A 232 -30.69 24.09 38.00
N ASP A 233 -29.77 23.53 38.77
CA ASP A 233 -28.95 24.28 39.70
C ASP A 233 -28.21 25.29 38.80
N GLN A 234 -28.16 24.96 37.52
CA GLN A 234 -27.50 25.78 36.51
C GLN A 234 -27.83 25.24 35.11
N GLY A 235 -29.10 24.91 34.88
CA GLY A 235 -29.50 24.38 33.58
C GLY A 235 -29.92 25.42 32.56
N VAL A 236 -30.46 24.96 31.44
CA VAL A 236 -30.90 25.84 30.36
C VAL A 236 -32.40 25.99 30.27
N LEU A 237 -33.13 24.91 30.54
CA LEU A 237 -34.59 24.96 30.48
C LEU A 237 -35.24 24.46 31.75
N LEU A 238 -36.34 25.09 32.13
CA LEU A 238 -37.08 24.67 33.31
C LEU A 238 -38.32 23.91 32.83
N GLY A 239 -38.47 22.67 33.29
CA GLY A 239 -39.62 21.89 32.88
C GLY A 239 -40.92 22.43 33.44
N ARG A 240 -42.03 21.97 32.87
CA ARG A 240 -43.36 22.37 33.31
C ARG A 240 -44.32 21.47 32.53
N TRP A 241 -45.19 20.77 33.26
CA TRP A 241 -46.13 19.84 32.62
C TRP A 241 -47.61 20.08 32.96
N ASP A 242 -47.89 20.83 34.00
CA ASP A 242 -49.27 21.10 34.44
C ASP A 242 -50.17 21.72 33.36
N ASN A 243 -49.56 22.42 32.41
CA ASN A 243 -50.24 23.08 31.31
C ASN A 243 -50.69 24.52 31.58
N ASN A 244 -49.89 25.23 32.37
CA ASN A 244 -50.15 26.62 32.71
C ASN A 244 -48.82 27.34 32.49
N TYR A 245 -48.61 27.79 31.25
CA TYR A 245 -47.37 28.42 30.86
C TYR A 245 -47.42 29.94 30.68
N GLY A 246 -48.55 30.54 31.04
CA GLY A 246 -48.73 31.97 30.91
C GLY A 246 -47.57 32.92 31.17
N ASP A 247 -46.73 32.59 32.13
CA ASP A 247 -45.59 33.44 32.47
C ASP A 247 -44.29 32.96 31.83
N GLY A 248 -44.42 32.42 30.61
CA GLY A 248 -43.27 31.92 29.88
C GLY A 248 -43.69 31.51 28.48
N VAL A 249 -43.00 30.53 27.92
CA VAL A 249 -43.32 30.09 26.57
C VAL A 249 -43.75 28.63 26.55
N SER A 250 -44.96 28.38 26.07
CA SER A 250 -45.47 27.03 25.97
C SER A 250 -44.41 26.16 25.29
N PRO A 251 -44.04 25.03 25.90
CA PRO A 251 -43.04 24.15 25.32
C PRO A 251 -43.33 23.85 23.83
N MET A 252 -44.62 23.76 23.51
CA MET A 252 -45.04 23.49 22.16
C MET A 252 -44.88 24.71 21.25
N SER A 253 -44.65 25.88 21.84
CA SER A 253 -44.51 27.09 21.05
C SER A 253 -43.14 27.26 20.40
N TRP A 254 -42.10 26.73 21.04
CA TRP A 254 -40.76 26.85 20.49
C TRP A 254 -40.66 26.24 19.12
N ILE A 255 -39.89 26.85 18.24
CA ILE A 255 -39.68 26.30 16.92
C ILE A 255 -38.19 26.25 16.57
N GLY A 256 -37.36 26.26 17.59
CA GLY A 256 -35.92 26.22 17.39
C GLY A 256 -35.13 26.59 18.62
N SER A 257 -34.11 25.78 18.89
CA SER A 257 -33.22 25.99 20.04
C SER A 257 -32.52 27.34 20.08
N VAL A 258 -32.27 27.92 18.91
CA VAL A 258 -31.58 29.19 18.80
C VAL A 258 -32.07 30.27 19.74
N ASP A 259 -33.39 30.40 19.87
CA ASP A 259 -33.92 31.43 20.78
C ASP A 259 -33.79 31.06 22.26
N ILE A 260 -34.01 29.79 22.57
CA ILE A 260 -33.91 29.32 23.94
C ILE A 260 -32.48 29.54 24.46
N LEU A 261 -31.47 29.19 23.65
CA LEU A 261 -30.07 29.37 24.05
C LEU A 261 -29.75 30.85 24.33
N ARG A 262 -30.20 31.74 23.46
CA ARG A 262 -29.94 33.18 23.63
C ARG A 262 -30.68 33.70 24.85
N ARG A 263 -31.93 33.26 25.03
CA ARG A 263 -32.72 33.66 26.17
C ARG A 263 -32.04 33.18 27.44
N TRP A 264 -31.23 32.14 27.30
CA TRP A 264 -30.53 31.58 28.45
C TRP A 264 -29.37 32.48 28.87
N LYS A 265 -28.43 32.70 27.94
CA LYS A 265 -27.26 33.53 28.20
C LYS A 265 -27.67 34.97 28.48
N ASN A 266 -28.51 35.51 27.60
CA ASN A 266 -28.99 36.88 27.71
C ASN A 266 -29.61 37.23 29.05
N HIS A 267 -30.11 36.22 29.77
CA HIS A 267 -30.68 36.44 31.09
C HIS A 267 -29.70 35.88 32.12
N GLY A 268 -28.41 36.14 31.88
CA GLY A 268 -27.36 35.67 32.76
C GLY A 268 -27.46 34.19 33.10
N CYS A 269 -27.57 33.36 32.07
CA CYS A 269 -27.66 31.91 32.27
C CYS A 269 -28.75 31.43 33.23
N GLN A 270 -29.95 32.02 33.11
CA GLN A 270 -31.09 31.61 33.95
C GLN A 270 -31.97 30.67 33.15
N ARG A 271 -32.29 29.53 33.75
CA ARG A 271 -33.13 28.51 33.14
C ARG A 271 -34.24 29.19 32.38
N VAL A 272 -34.41 28.85 31.11
CA VAL A 272 -35.45 29.46 30.28
C VAL A 272 -36.85 28.93 30.57
N LYS A 273 -37.81 29.85 30.50
CA LYS A 273 -39.21 29.57 30.81
C LYS A 273 -40.02 28.56 30.04
N TYR A 274 -40.03 27.35 30.61
CA TYR A 274 -40.77 26.19 30.14
C TYR A 274 -40.36 25.45 28.87
N GLY A 275 -40.15 24.15 29.08
CA GLY A 275 -39.78 23.22 28.04
C GLY A 275 -40.17 21.82 28.46
N GLN A 276 -40.08 20.85 27.55
CA GLN A 276 -40.43 19.48 27.87
C GLN A 276 -39.48 18.53 27.14
N CYS A 277 -39.58 17.24 27.44
CA CYS A 277 -38.66 16.27 26.87
C CYS A 277 -38.15 16.46 25.45
N TRP A 278 -39.03 16.78 24.50
CA TRP A 278 -38.55 16.98 23.14
C TRP A 278 -37.80 18.31 23.02
N VAL A 279 -38.18 19.28 23.82
CA VAL A 279 -37.49 20.57 23.78
C VAL A 279 -36.09 20.39 24.35
N PHE A 280 -35.95 19.50 25.33
CA PHE A 280 -34.64 19.25 25.91
C PHE A 280 -33.77 18.58 24.86
N ALA A 281 -34.29 17.49 24.31
CA ALA A 281 -33.60 16.72 23.30
C ALA A 281 -33.17 17.59 22.13
N ALA A 282 -34.05 18.51 21.74
CA ALA A 282 -33.79 19.39 20.62
C ALA A 282 -32.63 20.34 20.86
N VAL A 283 -32.56 20.99 22.01
CA VAL A 283 -31.45 21.91 22.24
C VAL A 283 -30.18 21.09 22.48
N ALA A 284 -30.35 19.88 22.99
CA ALA A 284 -29.25 18.97 23.25
C ALA A 284 -28.61 18.63 21.91
N CYS A 285 -29.47 18.38 20.93
CA CYS A 285 -29.02 18.07 19.59
C CYS A 285 -28.35 19.32 19.03
N THR A 286 -28.89 20.49 19.37
CA THR A 286 -28.32 21.73 18.88
C THR A 286 -26.91 21.88 19.44
N VAL A 287 -26.77 21.58 20.73
CA VAL A 287 -25.47 21.69 21.37
C VAL A 287 -24.45 20.73 20.78
N LEU A 288 -24.70 19.43 20.89
CA LEU A 288 -23.78 18.43 20.38
C LEU A 288 -23.40 18.64 18.92
N ARG A 289 -24.39 18.90 18.08
CA ARG A 289 -24.12 19.12 16.66
C ARG A 289 -23.15 20.27 16.47
N CYS A 290 -23.34 21.32 17.25
CA CYS A 290 -22.48 22.50 17.18
C CYS A 290 -21.04 22.01 17.43
N LEU A 291 -20.85 21.34 18.56
CA LEU A 291 -19.56 20.82 18.98
C LEU A 291 -18.95 19.78 18.05
N GLY A 292 -19.74 19.21 17.15
CA GLY A 292 -19.18 18.25 16.21
C GLY A 292 -19.56 16.80 16.38
N ILE A 293 -20.27 16.47 17.45
CA ILE A 293 -20.68 15.09 17.70
C ILE A 293 -21.98 14.76 16.97
N PRO A 294 -21.93 13.86 15.97
CA PRO A 294 -23.13 13.50 15.23
C PRO A 294 -24.30 13.13 16.16
N THR A 295 -25.37 13.91 16.08
CA THR A 295 -26.53 13.69 16.93
C THR A 295 -27.83 13.84 16.14
N ARG A 296 -28.84 13.04 16.52
CA ARG A 296 -30.15 13.09 15.90
C ARG A 296 -31.21 12.89 16.98
N VAL A 297 -32.23 13.74 17.03
CA VAL A 297 -33.26 13.55 18.06
C VAL A 297 -34.24 12.44 17.64
N VAL A 298 -34.51 11.55 18.57
CA VAL A 298 -35.39 10.41 18.35
C VAL A 298 -36.68 10.47 19.15
N THR A 299 -37.73 9.86 18.63
CA THR A 299 -39.03 9.83 19.32
C THR A 299 -39.47 8.39 19.56
N ASN A 300 -40.02 8.14 20.73
CA ASN A 300 -40.49 6.81 21.08
C ASN A 300 -41.95 6.89 21.53
N TYR A 301 -42.82 6.12 20.88
CA TYR A 301 -44.24 6.12 21.20
C TYR A 301 -44.57 5.06 22.21
N ASN A 302 -45.52 5.37 23.09
CA ASN A 302 -45.92 4.47 24.19
C ASN A 302 -44.66 4.16 24.98
N SER A 303 -44.00 5.22 25.43
CA SER A 303 -42.76 5.11 26.19
C SER A 303 -43.09 4.89 27.65
N ALA A 304 -42.50 3.86 28.25
CA ALA A 304 -42.73 3.57 29.66
C ALA A 304 -41.77 4.41 30.46
N HIS A 305 -41.89 5.73 30.32
CA HIS A 305 -40.99 6.65 31.00
C HIS A 305 -41.36 6.93 32.45
N ASP A 306 -40.37 7.43 33.18
CA ASP A 306 -40.46 7.77 34.59
C ASP A 306 -40.63 6.57 35.51
N GLN A 307 -40.96 5.41 34.95
CA GLN A 307 -41.08 4.23 35.80
C GLN A 307 -39.70 4.11 36.40
N ASN A 308 -39.59 3.46 37.55
CA ASN A 308 -38.29 3.37 38.18
C ASN A 308 -37.36 2.50 37.37
N SER A 309 -37.90 1.98 36.28
CA SER A 309 -37.20 1.10 35.34
C SER A 309 -37.87 -0.26 35.39
N ASN A 310 -38.87 -0.39 36.25
CA ASN A 310 -39.56 -1.66 36.40
C ASN A 310 -40.07 -2.18 35.07
N LEU A 311 -39.49 -3.29 34.63
CA LEU A 311 -39.85 -3.94 33.38
C LEU A 311 -41.25 -4.51 33.47
N LEU A 312 -41.93 -4.23 34.58
CA LEU A 312 -43.29 -4.67 34.79
C LEU A 312 -44.05 -3.56 35.50
N ILE A 313 -45.19 -3.20 34.94
CA ILE A 313 -46.02 -2.13 35.44
C ILE A 313 -47.44 -2.65 35.65
N GLU A 314 -48.05 -2.31 36.77
CA GLU A 314 -49.39 -2.75 37.05
C GLU A 314 -50.31 -1.56 37.30
N TYR A 315 -51.51 -1.64 36.74
CA TYR A 315 -52.50 -0.59 36.90
C TYR A 315 -53.79 -1.21 37.42
N PHE A 316 -54.49 -0.50 38.29
CA PHE A 316 -55.73 -1.02 38.83
C PHE A 316 -56.83 -0.04 38.50
N ARG A 317 -57.82 -0.54 37.77
CA ARG A 317 -58.93 0.28 37.30
C ARG A 317 -60.25 -0.12 37.91
N ASN A 318 -61.15 0.86 38.08
CA ASN A 318 -62.49 0.59 38.63
C ASN A 318 -63.28 -0.18 37.57
N GLU A 319 -64.58 -0.38 37.79
CA GLU A 319 -65.35 -1.14 36.80
C GLU A 319 -65.64 -0.34 35.53
N PHE A 320 -64.71 0.56 35.20
CA PHE A 320 -64.84 1.39 34.00
C PHE A 320 -63.54 1.49 33.26
N GLY A 321 -62.55 0.76 33.73
CA GLY A 321 -61.26 0.79 33.07
C GLY A 321 -60.53 2.08 33.37
N GLU A 322 -61.07 2.84 34.31
CA GLU A 322 -60.44 4.09 34.69
C GLU A 322 -59.34 3.82 35.70
N ILE A 323 -58.08 3.92 35.26
CA ILE A 323 -56.95 3.70 36.14
C ILE A 323 -57.22 4.34 37.50
N GLN A 324 -57.77 3.52 38.40
CA GLN A 324 -58.08 3.94 39.75
C GLN A 324 -56.75 4.27 40.40
N GLY A 325 -55.72 3.56 39.96
CA GLY A 325 -54.37 3.74 40.47
C GLY A 325 -54.07 5.00 41.26
N ASP A 326 -53.14 5.79 40.75
CA ASP A 326 -52.68 7.04 41.36
C ASP A 326 -51.26 6.82 41.87
N LYS A 327 -50.49 7.91 41.97
CA LYS A 327 -49.10 7.81 42.41
C LYS A 327 -48.34 7.00 41.36
N SER A 328 -49.10 6.29 40.53
CA SER A 328 -48.56 5.47 39.46
C SER A 328 -48.45 6.34 38.20
N GLU A 329 -47.33 6.20 37.49
CA GLU A 329 -47.06 6.97 36.27
C GLU A 329 -47.73 6.29 35.05
N MET A 330 -48.39 7.08 34.22
CA MET A 330 -49.05 6.56 33.03
C MET A 330 -48.01 6.34 31.95
N ILE A 331 -48.32 5.54 30.94
CA ILE A 331 -47.35 5.35 29.87
C ILE A 331 -47.43 6.60 29.01
N TRP A 332 -46.27 7.15 28.68
CA TRP A 332 -46.21 8.36 27.87
C TRP A 332 -46.66 8.11 26.43
N ASN A 333 -47.43 9.03 25.87
CA ASN A 333 -47.88 8.89 24.50
C ASN A 333 -46.63 8.78 23.66
N PHE A 334 -45.66 9.61 23.99
CA PHE A 334 -44.37 9.62 23.32
C PHE A 334 -43.43 10.41 24.19
N HIS A 335 -42.17 10.00 24.19
CA HIS A 335 -41.12 10.64 24.95
C HIS A 335 -39.97 10.75 23.98
N CYS A 336 -39.16 11.79 24.13
CA CYS A 336 -38.04 11.99 23.22
C CYS A 336 -36.68 12.09 23.91
N TRP A 337 -35.67 11.62 23.19
CA TRP A 337 -34.30 11.70 23.66
C TRP A 337 -33.47 11.81 22.39
N VAL A 338 -32.15 11.87 22.50
CA VAL A 338 -31.34 11.95 21.29
C VAL A 338 -30.39 10.77 21.24
N GLU A 339 -29.68 10.65 20.11
CA GLU A 339 -28.71 9.59 19.92
C GLU A 339 -27.47 10.26 19.35
N SER A 340 -26.30 9.86 19.83
CA SER A 340 -25.05 10.42 19.35
C SER A 340 -24.08 9.35 18.94
N TRP A 341 -23.47 9.59 17.78
CA TRP A 341 -22.52 8.69 17.13
C TRP A 341 -21.10 8.85 17.64
N MET A 342 -20.58 7.80 18.27
CA MET A 342 -19.23 7.84 18.80
C MET A 342 -18.77 6.44 19.15
N THR A 343 -17.45 6.30 19.31
CA THR A 343 -16.87 5.02 19.67
C THR A 343 -16.88 4.92 21.17
N ARG A 344 -16.84 3.72 21.72
CA ARG A 344 -16.85 3.57 23.17
C ARG A 344 -15.61 2.92 23.76
N PRO A 345 -14.49 3.69 23.82
CA PRO A 345 -13.21 3.23 24.35
C PRO A 345 -13.26 3.10 25.86
N ASP A 346 -14.35 2.56 26.37
CA ASP A 346 -14.53 2.38 27.80
C ASP A 346 -15.50 1.22 28.02
N LEU A 347 -15.71 0.46 26.96
CA LEU A 347 -16.61 -0.68 26.98
C LEU A 347 -16.06 -1.81 26.12
N GLN A 348 -16.46 -3.04 26.47
CA GLN A 348 -16.04 -4.23 25.74
C GLN A 348 -16.37 -4.08 24.25
N PRO A 349 -15.36 -3.69 23.44
CA PRO A 349 -15.46 -3.47 21.99
C PRO A 349 -16.65 -4.12 21.28
N GLY A 350 -17.23 -3.38 20.35
CA GLY A 350 -18.39 -3.85 19.60
C GLY A 350 -19.58 -2.96 19.90
N TYR A 351 -19.39 -1.99 20.78
CA TYR A 351 -20.43 -1.07 21.17
C TYR A 351 -20.24 0.36 20.68
N GLU A 352 -19.58 0.52 19.54
CA GLU A 352 -19.36 1.83 18.95
C GLU A 352 -20.62 2.12 18.15
N GLY A 353 -20.92 3.40 17.95
CA GLY A 353 -22.10 3.75 17.19
C GLY A 353 -23.07 4.63 17.93
N TRP A 354 -24.37 4.38 17.75
CA TRP A 354 -25.41 5.19 18.39
C TRP A 354 -25.54 5.03 19.90
N GLN A 355 -25.22 6.10 20.61
CA GLN A 355 -25.30 6.12 22.06
C GLN A 355 -26.56 6.92 22.41
N ALA A 356 -27.47 6.33 23.17
CA ALA A 356 -28.71 7.01 23.53
C ALA A 356 -28.57 7.93 24.74
N LEU A 357 -28.73 9.23 24.53
CA LEU A 357 -28.63 10.20 25.62
C LEU A 357 -29.98 10.83 25.87
N ASP A 358 -30.45 10.78 27.12
CA ASP A 358 -31.74 11.36 27.46
C ASP A 358 -31.56 12.56 28.36
N PRO A 359 -31.86 13.77 27.86
CA PRO A 359 -31.72 14.98 28.67
C PRO A 359 -32.92 15.26 29.57
N THR A 360 -33.81 14.27 29.68
CA THR A 360 -35.00 14.40 30.52
C THR A 360 -34.81 13.65 31.81
N PRO A 361 -34.84 14.35 32.95
CA PRO A 361 -34.66 13.71 34.26
C PRO A 361 -35.84 12.84 34.60
N GLN A 362 -35.56 11.68 35.17
CA GLN A 362 -36.61 10.78 35.57
C GLN A 362 -36.28 10.18 36.91
N GLU A 363 -37.27 10.12 37.79
CA GLU A 363 -37.07 9.57 39.12
C GLU A 363 -36.43 8.19 38.96
N LYS A 364 -35.20 8.06 39.43
CA LYS A 364 -34.45 6.80 39.33
C LYS A 364 -34.41 6.00 40.63
N SER A 365 -33.72 4.86 40.61
CA SER A 365 -33.61 3.97 41.77
C SER A 365 -32.86 4.58 42.97
N GLU A 366 -32.73 5.90 42.97
CA GLU A 366 -32.02 6.62 44.04
C GLU A 366 -32.57 8.05 44.15
N GLY A 367 -32.49 8.80 43.06
CA GLY A 367 -32.98 10.17 43.05
C GLY A 367 -33.54 10.68 41.72
N THR A 368 -33.08 11.85 41.29
CA THR A 368 -33.58 12.44 40.05
C THR A 368 -32.55 13.07 39.11
N TYR A 369 -32.06 12.28 38.18
CA TYR A 369 -31.11 12.78 37.19
C TYR A 369 -31.50 12.17 35.84
N CYS A 370 -30.70 12.45 34.81
CA CYS A 370 -30.99 11.89 33.49
C CYS A 370 -30.08 10.72 33.12
N CYS A 371 -30.27 10.17 31.94
CA CYS A 371 -29.50 9.01 31.55
C CYS A 371 -28.62 9.10 30.30
N GLY A 372 -27.90 8.02 30.04
CA GLY A 372 -27.04 7.93 28.88
C GLY A 372 -25.68 8.58 29.09
N PRO A 373 -24.74 8.41 28.14
CA PRO A 373 -24.93 7.64 26.91
C PRO A 373 -24.80 6.13 27.08
N VAL A 374 -25.68 5.38 26.44
CA VAL A 374 -25.64 3.93 26.49
C VAL A 374 -25.72 3.40 25.07
N PRO A 375 -24.91 2.39 24.73
CA PRO A 375 -24.97 1.88 23.37
C PRO A 375 -26.37 1.33 23.05
N VAL A 376 -26.89 1.69 21.89
CA VAL A 376 -28.21 1.20 21.52
C VAL A 376 -28.12 -0.31 21.26
N ARG A 377 -27.05 -0.73 20.59
CA ARG A 377 -26.85 -2.14 20.29
C ARG A 377 -26.93 -2.90 21.62
N ALA A 378 -26.59 -2.20 22.69
CA ALA A 378 -26.66 -2.79 24.02
C ALA A 378 -28.11 -2.94 24.44
N ILE A 379 -28.88 -1.89 24.26
CA ILE A 379 -30.29 -1.94 24.65
C ILE A 379 -31.01 -2.99 23.81
N LYS A 380 -30.43 -3.33 22.66
CA LYS A 380 -31.05 -4.32 21.80
C LYS A 380 -30.74 -5.73 22.26
N GLU A 381 -29.52 -5.93 22.73
CA GLU A 381 -29.09 -7.24 23.20
C GLU A 381 -29.65 -7.63 24.57
N GLY A 382 -29.89 -6.64 25.42
CA GLY A 382 -30.41 -6.93 26.75
C GLY A 382 -29.22 -6.87 27.70
N ASP A 383 -28.11 -6.35 27.20
CA ASP A 383 -26.88 -6.20 27.96
C ASP A 383 -27.04 -5.04 28.95
N LEU A 384 -28.06 -5.14 29.80
CA LEU A 384 -28.39 -4.11 30.79
C LEU A 384 -27.22 -3.69 31.70
N SER A 385 -26.10 -4.39 31.61
CA SER A 385 -24.96 -4.04 32.45
C SER A 385 -24.03 -3.01 31.82
N THR A 386 -24.25 -2.68 30.54
CA THR A 386 -23.41 -1.70 29.89
C THR A 386 -23.58 -0.34 30.54
N LYS A 387 -22.45 0.33 30.76
CA LYS A 387 -22.42 1.63 31.41
C LYS A 387 -23.33 2.71 30.85
N TYR A 388 -23.96 3.39 31.81
CA TYR A 388 -24.87 4.51 31.62
C TYR A 388 -26.34 4.30 31.44
N ASP A 389 -26.96 3.95 32.56
CA ASP A 389 -28.39 3.78 32.66
C ASP A 389 -29.03 2.82 31.67
N ALA A 390 -28.30 1.80 31.25
CA ALA A 390 -28.83 0.84 30.31
C ALA A 390 -30.22 0.31 30.71
N PRO A 391 -30.41 -0.02 31.99
CA PRO A 391 -31.68 -0.54 32.50
C PRO A 391 -32.89 0.35 32.24
N PHE A 392 -32.73 1.65 32.37
CA PHE A 392 -33.85 2.58 32.14
C PHE A 392 -34.28 2.59 30.67
N VAL A 393 -33.32 2.85 29.78
CA VAL A 393 -33.60 2.88 28.35
C VAL A 393 -34.24 1.57 27.89
N PHE A 394 -33.96 0.47 28.60
CA PHE A 394 -34.52 -0.81 28.23
C PHE A 394 -36.01 -0.87 28.52
N ALA A 395 -36.39 -0.44 29.71
CA ALA A 395 -37.79 -0.45 30.13
C ALA A 395 -38.57 0.64 29.40
N GLU A 396 -37.82 1.64 28.97
CA GLU A 396 -38.36 2.77 28.25
C GLU A 396 -39.01 2.21 26.99
N VAL A 397 -38.37 1.17 26.43
CA VAL A 397 -38.79 0.53 25.20
C VAL A 397 -39.40 -0.86 25.35
N ASN A 398 -39.04 -1.57 26.43
CA ASN A 398 -39.53 -2.93 26.64
C ASN A 398 -40.36 -3.17 27.89
N ALA A 399 -40.80 -2.12 28.57
CA ALA A 399 -41.60 -2.33 29.76
C ALA A 399 -42.80 -3.21 29.42
N ASP A 400 -43.31 -3.92 30.42
CA ASP A 400 -44.46 -4.78 30.23
C ASP A 400 -45.56 -4.15 31.06
N VAL A 401 -46.80 -4.26 30.63
CA VAL A 401 -47.90 -3.65 31.38
C VAL A 401 -49.08 -4.60 31.61
N VAL A 402 -49.64 -4.57 32.81
CA VAL A 402 -50.78 -5.42 33.14
C VAL A 402 -51.92 -4.57 33.68
N ASP A 403 -53.09 -4.70 33.08
CA ASP A 403 -54.23 -3.92 33.50
C ASP A 403 -55.21 -4.73 34.33
N TRP A 404 -55.26 -4.44 35.63
CA TRP A 404 -56.16 -5.12 36.55
C TRP A 404 -57.45 -4.35 36.71
N ILE A 405 -58.55 -5.06 36.85
CA ILE A 405 -59.82 -4.39 37.04
C ILE A 405 -60.41 -4.78 38.40
N GLN A 406 -60.65 -3.79 39.24
CA GLN A 406 -61.19 -4.01 40.57
C GLN A 406 -62.57 -4.66 40.58
N GLN A 407 -62.72 -5.70 41.38
CA GLN A 407 -64.00 -6.39 41.49
C GLN A 407 -64.72 -5.63 42.60
N ASP A 408 -65.97 -5.22 42.33
CA ASP A 408 -66.77 -4.48 43.31
C ASP A 408 -67.20 -5.45 44.41
N ASP A 409 -66.28 -6.30 44.83
CA ASP A 409 -66.56 -7.29 45.85
C ASP A 409 -65.29 -8.07 46.22
N GLY A 410 -64.17 -7.37 46.31
CA GLY A 410 -62.93 -8.06 46.67
C GLY A 410 -61.74 -7.74 45.80
N SER A 411 -61.04 -8.79 45.36
CA SER A 411 -59.85 -8.61 44.56
C SER A 411 -60.09 -8.20 43.11
N VAL A 412 -58.99 -7.93 42.42
CA VAL A 412 -58.96 -7.50 41.03
C VAL A 412 -58.88 -8.70 40.08
N HIS A 413 -59.34 -8.49 38.85
CA HIS A 413 -59.34 -9.53 37.84
C HIS A 413 -58.52 -9.07 36.63
N LYS A 414 -57.55 -9.88 36.21
CA LYS A 414 -56.68 -9.53 35.07
C LYS A 414 -57.47 -9.38 33.77
N SER A 415 -57.19 -8.32 33.02
CA SER A 415 -57.89 -8.06 31.76
C SER A 415 -57.00 -8.18 30.54
N ILE A 416 -57.63 -8.39 29.39
CA ILE A 416 -56.90 -8.51 28.15
C ILE A 416 -56.86 -7.14 27.48
N ASN A 417 -55.66 -6.61 27.27
CA ASN A 417 -55.51 -5.31 26.64
C ASN A 417 -54.52 -5.43 25.49
N ARG A 418 -54.96 -6.05 24.39
CA ARG A 418 -54.11 -6.23 23.24
C ARG A 418 -53.84 -4.95 22.46
N SER A 419 -54.42 -3.85 22.92
CA SER A 419 -54.24 -2.58 22.23
C SER A 419 -53.11 -1.69 22.73
N LEU A 420 -52.21 -2.21 23.57
CA LEU A 420 -51.10 -1.40 24.06
C LEU A 420 -49.77 -2.05 23.78
N ILE A 421 -48.79 -1.25 23.40
CA ILE A 421 -47.47 -1.75 23.10
C ILE A 421 -46.44 -0.71 23.48
N VAL A 422 -45.52 -1.08 24.35
CA VAL A 422 -44.47 -0.17 24.77
C VAL A 422 -43.33 -0.24 23.76
N GLY A 423 -42.96 0.92 23.21
CA GLY A 423 -41.88 0.95 22.24
C GLY A 423 -42.45 0.82 20.84
N LEU A 424 -43.08 1.88 20.37
CA LEU A 424 -43.70 1.90 19.06
C LEU A 424 -43.08 2.90 18.11
N LYS A 425 -43.19 2.61 16.81
CA LYS A 425 -42.69 3.48 15.76
C LYS A 425 -41.50 4.38 16.14
N ILE A 426 -40.52 3.86 16.87
CA ILE A 426 -39.37 4.68 17.26
C ILE A 426 -38.83 5.35 16.00
N SER A 427 -39.00 6.67 15.94
CA SER A 427 -38.60 7.41 14.76
C SER A 427 -37.69 8.64 14.90
N THR A 428 -37.09 9.02 13.77
CA THR A 428 -36.22 10.17 13.65
C THR A 428 -36.15 10.51 12.16
N LYS A 429 -35.82 11.75 11.83
CA LYS A 429 -35.76 12.20 10.44
C LYS A 429 -34.88 11.31 9.59
N SER A 430 -35.13 11.29 8.29
CA SER A 430 -34.33 10.50 7.35
C SER A 430 -33.07 11.26 6.97
N VAL A 431 -32.00 10.54 6.70
CA VAL A 431 -30.77 11.18 6.32
C VAL A 431 -30.84 11.74 4.90
N GLY A 432 -30.79 13.06 4.78
CA GLY A 432 -30.83 13.70 3.47
C GLY A 432 -32.20 13.94 2.86
N ARG A 433 -33.24 13.51 3.57
CA ARG A 433 -34.59 13.67 3.07
C ARG A 433 -35.54 14.13 4.16
N ASP A 434 -36.79 14.39 3.80
CA ASP A 434 -37.79 14.84 4.75
C ASP A 434 -38.68 13.71 5.26
N GLU A 435 -38.52 12.51 4.72
CA GLU A 435 -39.35 11.40 5.17
C GLU A 435 -38.92 11.00 6.56
N ARG A 436 -39.71 10.16 7.20
CA ARG A 436 -39.40 9.68 8.53
C ARG A 436 -38.71 8.32 8.44
N GLU A 437 -37.76 8.04 9.33
CA GLU A 437 -37.07 6.75 9.32
C GLU A 437 -37.35 5.96 10.60
N ASP A 438 -38.09 4.87 10.49
CA ASP A 438 -38.39 4.07 11.65
C ASP A 438 -37.15 3.30 12.05
N ILE A 439 -36.62 3.61 13.23
CA ILE A 439 -35.44 2.92 13.73
C ILE A 439 -35.80 2.04 14.91
N THR A 440 -37.03 1.54 14.94
CA THR A 440 -37.45 0.68 16.03
C THR A 440 -36.68 -0.62 16.02
N HIS A 441 -36.23 -1.04 14.84
CA HIS A 441 -35.48 -2.28 14.70
C HIS A 441 -34.09 -2.19 15.31
N THR A 442 -33.64 -0.98 15.61
CA THR A 442 -32.30 -0.83 16.19
C THR A 442 -32.34 -0.95 17.73
N TYR A 443 -33.53 -1.02 18.28
CA TYR A 443 -33.71 -1.15 19.72
C TYR A 443 -34.27 -2.53 20.13
N LYS A 444 -35.12 -3.11 19.28
CA LYS A 444 -35.73 -4.39 19.61
C LYS A 444 -35.66 -5.40 18.48
N TYR A 445 -35.46 -6.66 18.81
CA TYR A 445 -35.43 -7.70 17.80
C TYR A 445 -36.90 -7.97 17.51
N PRO A 446 -37.21 -8.56 16.35
CA PRO A 446 -38.60 -8.85 16.00
C PRO A 446 -39.21 -9.72 17.07
N GLU A 447 -40.49 -9.52 17.36
CA GLU A 447 -41.17 -10.33 18.37
C GLU A 447 -41.19 -11.79 17.92
N GLY A 448 -41.20 -12.70 18.88
CA GLY A 448 -41.22 -14.12 18.55
C GLY A 448 -39.83 -14.68 18.33
N SER A 449 -39.05 -14.00 17.49
CA SER A 449 -37.69 -14.43 17.17
C SER A 449 -36.90 -15.01 18.35
N SER A 450 -35.81 -15.67 18.01
CA SER A 450 -34.93 -16.27 18.99
C SER A 450 -34.04 -15.19 19.62
N GLU A 451 -33.58 -14.26 18.79
CA GLU A 451 -32.72 -13.17 19.25
C GLU A 451 -33.45 -12.35 20.30
N GLU A 452 -34.77 -12.31 20.19
CA GLU A 452 -35.57 -11.57 21.14
C GLU A 452 -35.60 -12.34 22.46
N ARG A 453 -35.63 -13.67 22.37
CA ARG A 453 -35.68 -14.48 23.57
C ARG A 453 -34.35 -14.42 24.28
N GLU A 454 -33.26 -14.56 23.54
CA GLU A 454 -31.94 -14.52 24.18
C GLU A 454 -31.64 -13.13 24.70
N ALA A 455 -32.34 -12.13 24.19
CA ALA A 455 -32.13 -10.75 24.62
C ALA A 455 -32.87 -10.48 25.93
N PHE A 456 -34.13 -10.90 25.98
CA PHE A 456 -34.96 -10.73 27.16
C PHE A 456 -34.40 -11.59 28.29
N THR A 457 -33.38 -12.36 27.96
CA THR A 457 -32.75 -13.24 28.93
C THR A 457 -31.55 -12.54 29.59
N ARG A 458 -30.78 -11.80 28.80
CA ARG A 458 -29.64 -11.05 29.36
C ARG A 458 -30.28 -9.94 30.20
N ALA A 459 -31.60 -9.84 30.14
CA ALA A 459 -32.32 -8.80 30.88
C ALA A 459 -33.29 -9.35 31.92
N ASN A 460 -33.42 -10.67 32.00
CA ASN A 460 -34.33 -11.29 32.96
C ASN A 460 -35.75 -10.81 32.72
N HIS A 461 -36.02 -10.42 31.48
CA HIS A 461 -37.34 -9.92 31.11
C HIS A 461 -38.12 -10.99 30.36
N LEU A 462 -37.93 -12.26 30.76
CA LEU A 462 -38.64 -13.35 30.11
C LEU A 462 -40.07 -13.43 30.59
N ASN A 463 -40.73 -12.28 30.64
CA ASN A 463 -42.12 -12.18 31.06
C ASN A 463 -42.90 -11.92 29.77
N LYS A 464 -43.18 -13.00 29.05
CA LYS A 464 -43.89 -12.91 27.77
C LYS A 464 -44.42 -14.24 27.27
N LEU A 465 -45.55 -14.68 27.81
CA LEU A 465 -46.19 -15.92 27.39
C LEU A 465 -47.66 -15.63 27.03
N ALA A 466 -47.85 -14.73 26.07
CA ALA A 466 -49.19 -14.30 25.62
C ALA A 466 -50.35 -15.27 25.85
N GLU A 467 -51.53 -14.70 26.09
CA GLU A 467 -52.75 -15.47 26.32
C GLU A 467 -53.45 -15.68 24.96
N LYS A 468 -52.78 -16.42 24.08
CA LYS A 468 -53.27 -16.72 22.74
C LYS A 468 -54.60 -17.50 22.77
N GLU A 469 -55.18 -17.63 23.96
CA GLU A 469 -56.45 -18.36 24.09
C GLU A 469 -57.68 -17.43 24.17
N GLU A 470 -57.57 -16.34 24.93
CA GLU A 470 -58.66 -15.39 25.10
C GLU A 470 -60.02 -16.07 25.24
N THR A 471 -61.11 -15.30 25.16
CA THR A 471 -62.44 -15.92 25.25
C THR A 471 -63.27 -15.65 24.00
N GLY A 472 -62.62 -15.77 22.84
CA GLY A 472 -63.29 -15.57 21.57
C GLY A 472 -63.67 -14.16 21.17
N MET A 473 -63.16 -13.17 21.87
CA MET A 473 -63.48 -11.79 21.54
C MET A 473 -62.29 -10.84 21.51
N ALA A 474 -62.41 -9.82 20.66
CA ALA A 474 -61.38 -8.79 20.52
C ALA A 474 -62.04 -7.42 20.36
N MET A 475 -61.33 -6.37 20.73
CA MET A 475 -61.86 -5.02 20.61
C MET A 475 -60.73 -4.04 20.35
N ARG A 476 -61.01 -3.04 19.54
CA ARG A 476 -60.03 -2.02 19.19
C ARG A 476 -60.79 -0.74 18.87
N ILE A 477 -60.13 0.40 18.99
CA ILE A 477 -60.78 1.68 18.72
C ILE A 477 -60.47 2.11 17.31
N ARG A 478 -61.52 2.44 16.55
CA ARG A 478 -61.38 2.90 15.17
C ARG A 478 -61.80 4.37 15.10
N VAL A 479 -61.15 5.13 14.22
CA VAL A 479 -61.47 6.55 14.09
C VAL A 479 -62.20 6.90 12.78
N GLY A 480 -62.35 5.92 11.90
CA GLY A 480 -63.01 6.18 10.62
C GLY A 480 -62.02 6.90 9.74
N GLN A 481 -61.98 8.23 9.83
CA GLN A 481 -61.04 9.03 9.06
C GLN A 481 -60.39 10.06 9.98
N SER A 482 -59.56 10.94 9.42
CA SER A 482 -58.88 11.99 10.18
C SER A 482 -59.84 13.07 10.72
N MET A 483 -59.67 13.43 11.98
CA MET A 483 -60.51 14.45 12.59
C MET A 483 -59.64 15.67 12.88
N ASN A 484 -60.19 16.85 12.62
CA ASN A 484 -59.43 18.07 12.84
C ASN A 484 -59.76 18.83 14.10
N MET A 485 -58.80 19.61 14.54
CA MET A 485 -58.90 20.40 15.74
C MET A 485 -59.92 21.50 15.51
N GLY A 486 -61.04 21.43 16.23
CA GLY A 486 -62.06 22.45 16.11
C GLY A 486 -63.41 21.88 15.71
N SER A 487 -63.48 20.59 15.48
CA SER A 487 -64.76 20.01 15.07
C SER A 487 -65.22 18.87 15.94
N ASP A 488 -66.37 18.32 15.55
CA ASP A 488 -66.95 17.17 16.24
C ASP A 488 -66.60 15.99 15.35
N PHE A 489 -66.59 14.79 15.91
CA PHE A 489 -66.24 13.63 15.11
C PHE A 489 -66.59 12.38 15.88
N ASP A 490 -66.59 11.24 15.21
CA ASP A 490 -66.90 10.01 15.88
C ASP A 490 -65.74 9.03 15.91
N VAL A 491 -65.67 8.27 17.00
CA VAL A 491 -64.66 7.24 17.20
C VAL A 491 -65.51 6.02 17.47
N PHE A 492 -65.01 4.84 17.14
CA PHE A 492 -65.80 3.65 17.35
C PHE A 492 -65.13 2.55 18.15
N ALA A 493 -65.92 1.83 18.93
CA ALA A 493 -65.42 0.70 19.71
C ALA A 493 -65.76 -0.47 18.81
N HIS A 494 -64.76 -1.07 18.19
CA HIS A 494 -65.03 -2.18 17.30
C HIS A 494 -64.89 -3.52 18.02
N ILE A 495 -66.03 -4.18 18.21
CA ILE A 495 -66.07 -5.47 18.90
C ILE A 495 -66.22 -6.62 17.91
N THR A 496 -65.29 -7.56 17.97
CA THR A 496 -65.33 -8.72 17.10
C THR A 496 -65.63 -9.95 17.95
N ASN A 497 -66.58 -10.77 17.49
CA ASN A 497 -66.98 -11.96 18.22
C ASN A 497 -66.89 -13.20 17.35
N ASN A 498 -65.73 -13.84 17.34
CA ASN A 498 -65.62 -15.05 16.54
C ASN A 498 -65.95 -16.27 17.40
N THR A 499 -67.22 -16.40 17.75
CA THR A 499 -67.66 -17.51 18.57
C THR A 499 -69.07 -17.92 18.25
N ALA A 500 -69.41 -19.17 18.60
CA ALA A 500 -70.75 -19.70 18.38
C ALA A 500 -71.70 -19.00 19.33
N GLU A 501 -71.19 -18.67 20.51
CA GLU A 501 -71.94 -18.01 21.57
C GLU A 501 -72.40 -16.60 21.20
N GLU A 502 -73.60 -16.24 21.62
CA GLU A 502 -74.11 -14.89 21.34
C GLU A 502 -74.22 -14.14 22.68
N TYR A 503 -73.06 -13.66 23.15
CA TYR A 503 -72.93 -12.94 24.42
C TYR A 503 -73.78 -11.68 24.60
N VAL A 504 -73.80 -11.21 25.85
CA VAL A 504 -74.49 -10.00 26.26
C VAL A 504 -73.49 -9.36 27.20
N CYS A 505 -73.01 -8.16 26.84
CA CYS A 505 -72.00 -7.50 27.64
C CYS A 505 -72.36 -6.16 28.22
N ARG A 506 -71.35 -5.56 28.81
CA ARG A 506 -71.38 -4.24 29.40
C ARG A 506 -70.19 -3.58 28.72
N LEU A 507 -70.44 -2.60 27.87
CA LEU A 507 -69.36 -1.90 27.18
C LEU A 507 -69.28 -0.49 27.75
N LEU A 508 -68.14 -0.15 28.34
CA LEU A 508 -67.97 1.17 28.90
C LEU A 508 -67.02 1.97 28.01
N LEU A 509 -67.49 3.12 27.53
CA LEU A 509 -66.70 3.98 26.65
C LEU A 509 -66.42 5.33 27.29
N CYS A 510 -65.13 5.66 27.43
CA CYS A 510 -64.73 6.94 28.02
C CYS A 510 -63.60 7.64 27.27
N ALA A 511 -63.88 8.86 26.81
CA ALA A 511 -62.90 9.66 26.08
C ALA A 511 -62.44 10.83 26.95
N ARG A 512 -61.15 11.13 26.95
CA ARG A 512 -60.63 12.24 27.77
C ARG A 512 -59.44 12.93 27.15
N THR A 513 -59.35 14.24 27.33
CA THR A 513 -58.23 14.97 26.76
C THR A 513 -56.97 14.71 27.59
N VAL A 514 -55.92 14.23 26.92
CA VAL A 514 -54.66 13.92 27.59
C VAL A 514 -53.54 14.83 27.13
N SER A 515 -52.46 14.84 27.90
CA SER A 515 -51.27 15.62 27.61
C SER A 515 -50.29 14.61 27.03
N TYR A 516 -49.26 15.08 26.34
CA TYR A 516 -48.34 14.15 25.71
C TYR A 516 -47.70 13.13 26.63
N ASN A 517 -47.81 13.31 27.93
CA ASN A 517 -47.19 12.35 28.83
C ASN A 517 -48.16 11.48 29.61
N GLY A 518 -49.44 11.56 29.30
CA GLY A 518 -50.40 10.70 29.99
C GLY A 518 -51.30 11.34 31.03
N ILE A 519 -51.03 12.59 31.37
CA ILE A 519 -51.83 13.27 32.36
C ILE A 519 -53.25 13.40 31.82
N LEU A 520 -54.14 12.53 32.27
CA LEU A 520 -55.55 12.53 31.82
C LEU A 520 -56.40 13.69 32.36
N GLY A 521 -57.07 14.40 31.46
CA GLY A 521 -57.90 15.49 31.89
C GLY A 521 -59.34 15.03 32.01
N PRO A 522 -60.29 15.95 32.16
CA PRO A 522 -61.71 15.62 32.28
C PRO A 522 -62.25 14.88 31.05
N GLU A 523 -63.26 14.04 31.24
CA GLU A 523 -63.88 13.30 30.13
C GLU A 523 -64.60 14.22 29.14
N CYS A 524 -64.37 14.00 27.85
CA CYS A 524 -65.00 14.82 26.82
C CYS A 524 -65.95 14.00 25.97
N GLY A 525 -66.46 12.93 26.55
CA GLY A 525 -67.38 12.07 25.85
C GLY A 525 -67.43 10.71 26.51
N THR A 526 -68.65 10.24 26.77
CA THR A 526 -68.85 8.95 27.42
C THR A 526 -70.17 8.30 27.02
N LYS A 527 -70.12 6.98 26.83
CA LYS A 527 -71.30 6.19 26.48
C LYS A 527 -71.16 4.85 27.17
N TYR A 528 -72.24 4.38 27.79
CA TYR A 528 -72.25 3.11 28.52
C TYR A 528 -73.48 2.29 28.15
N LEU A 529 -73.25 1.12 27.56
CA LEU A 529 -74.35 0.25 27.19
C LEU A 529 -74.20 -0.95 28.12
N LEU A 530 -75.28 -1.25 28.84
CA LEU A 530 -75.24 -2.35 29.80
C LEU A 530 -75.89 -3.63 29.31
N ASN A 531 -76.46 -3.59 28.11
CA ASN A 531 -77.09 -4.75 27.51
C ASN A 531 -76.74 -4.82 26.03
N LEU A 532 -75.45 -4.89 25.73
CA LEU A 532 -74.97 -4.96 24.36
C LEU A 532 -75.10 -6.40 23.88
N ASN A 533 -75.72 -6.59 22.72
CA ASN A 533 -75.90 -7.91 22.15
C ASN A 533 -74.85 -8.19 21.09
N LEU A 534 -74.02 -9.21 21.32
CA LEU A 534 -72.98 -9.56 20.37
C LEU A 534 -73.27 -10.89 19.68
N GLU A 535 -74.17 -10.84 18.68
CA GLU A 535 -74.56 -12.03 17.92
C GLU A 535 -73.32 -12.81 17.49
N PRO A 536 -73.46 -14.15 17.32
CA PRO A 536 -72.39 -15.07 16.91
C PRO A 536 -71.66 -14.66 15.66
N PHE A 537 -70.39 -15.01 15.59
CA PHE A 537 -69.55 -14.72 14.42
C PHE A 537 -69.81 -13.39 13.70
N SER A 538 -70.03 -12.34 14.47
CA SER A 538 -70.30 -11.03 13.88
C SER A 538 -69.38 -9.99 14.49
N GLU A 539 -69.58 -8.74 14.11
CA GLU A 539 -68.80 -7.62 14.63
C GLU A 539 -69.77 -6.47 14.90
N LYS A 540 -69.58 -5.78 16.03
CA LYS A 540 -70.45 -4.66 16.41
C LYS A 540 -69.61 -3.40 16.45
N SER A 541 -70.20 -2.29 16.02
CA SER A 541 -69.50 -1.02 16.04
C SER A 541 -70.30 0.00 16.86
N VAL A 542 -69.74 0.40 17.99
CA VAL A 542 -70.42 1.35 18.86
C VAL A 542 -69.75 2.71 18.80
N PRO A 543 -70.53 3.73 18.43
CA PRO A 543 -70.13 5.13 18.28
C PRO A 543 -69.97 5.95 19.57
N LEU A 544 -69.08 6.94 19.51
CA LEU A 544 -68.81 7.84 20.63
C LEU A 544 -68.58 9.23 20.03
N CYS A 545 -69.54 10.12 20.22
CA CYS A 545 -69.41 11.46 19.67
C CYS A 545 -68.60 12.42 20.52
N ILE A 546 -67.43 12.78 20.00
CA ILE A 546 -66.55 13.69 20.68
C ILE A 546 -66.79 15.08 20.15
N LEU A 547 -67.42 15.91 20.98
CA LEU A 547 -67.77 17.29 20.62
C LEU A 547 -66.66 18.28 20.92
N TYR A 548 -66.51 19.26 20.04
CA TYR A 548 -65.52 20.29 20.22
C TYR A 548 -65.89 21.01 21.50
N GLU A 549 -67.16 21.37 21.57
CA GLU A 549 -67.68 22.07 22.70
C GLU A 549 -67.33 21.38 24.00
N LYS A 550 -67.08 20.08 23.95
CA LYS A 550 -66.76 19.34 25.17
C LYS A 550 -65.31 18.92 25.43
N TYR A 551 -64.38 19.29 24.57
CA TYR A 551 -62.98 18.94 24.80
C TYR A 551 -62.09 20.15 24.62
N ARG A 552 -62.70 21.22 24.12
CA ARG A 552 -61.98 22.46 23.86
C ARG A 552 -61.36 23.10 25.08
N ASP A 553 -62.04 23.06 26.22
CA ASP A 553 -61.50 23.68 27.42
C ASP A 553 -60.22 23.11 27.96
N CYS A 554 -60.11 21.78 28.03
CA CYS A 554 -58.91 21.16 28.58
C CYS A 554 -57.98 20.42 27.60
N LEU A 555 -57.81 20.92 26.38
CA LEU A 555 -56.93 20.26 25.43
C LEU A 555 -55.54 20.89 25.50
N THR A 556 -54.48 20.09 25.37
CA THR A 556 -53.13 20.63 25.41
C THR A 556 -52.70 21.01 24.02
N GLU A 557 -51.58 21.73 23.92
CA GLU A 557 -51.05 22.13 22.63
C GLU A 557 -50.74 20.92 21.72
N SER A 558 -50.76 19.73 22.30
CA SER A 558 -50.47 18.52 21.54
C SER A 558 -51.68 17.88 20.91
N ASN A 559 -52.84 18.53 21.05
CA ASN A 559 -54.10 18.04 20.49
C ASN A 559 -54.30 16.53 20.66
N LEU A 560 -54.17 16.06 21.90
CA LEU A 560 -54.34 14.64 22.18
C LEU A 560 -55.59 14.36 23.00
N ILE A 561 -56.33 13.32 22.61
CA ILE A 561 -57.53 12.90 23.30
C ILE A 561 -57.46 11.37 23.40
N LYS A 562 -57.57 10.82 24.61
CA LYS A 562 -57.51 9.36 24.78
C LYS A 562 -58.88 8.72 24.92
N VAL A 563 -59.14 7.75 24.05
CA VAL A 563 -60.39 7.04 24.08
C VAL A 563 -60.17 5.71 24.76
N ARG A 564 -61.09 5.34 25.64
CA ARG A 564 -60.96 4.09 26.39
C ARG A 564 -62.25 3.31 26.35
N ALA A 565 -62.13 1.99 26.24
CA ALA A 565 -63.30 1.14 26.20
C ALA A 565 -63.07 -0.14 27.00
N LEU A 566 -64.07 -0.51 27.78
CA LEU A 566 -64.02 -1.72 28.58
C LEU A 566 -65.21 -2.58 28.22
N LEU A 567 -64.93 -3.80 27.82
CA LEU A 567 -65.98 -4.74 27.44
C LEU A 567 -66.03 -5.80 28.53
N VAL A 568 -67.16 -5.85 29.24
CA VAL A 568 -67.33 -6.82 30.30
C VAL A 568 -68.33 -7.90 29.89
N GLU A 569 -67.96 -9.15 30.18
CA GLU A 569 -68.79 -10.31 29.89
C GLU A 569 -69.08 -10.97 31.24
N PRO A 570 -70.24 -10.67 31.86
CA PRO A 570 -70.65 -11.22 33.17
C PRO A 570 -70.44 -12.71 33.38
N VAL A 571 -71.05 -13.53 32.53
CA VAL A 571 -70.94 -14.99 32.63
C VAL A 571 -69.52 -15.44 33.00
N ILE A 572 -68.69 -15.71 31.99
CA ILE A 572 -67.30 -16.12 32.23
C ILE A 572 -66.50 -15.03 32.96
N ASN A 573 -67.17 -13.93 33.32
CA ASN A 573 -66.55 -12.80 34.00
C ASN A 573 -65.24 -12.38 33.32
N SER A 574 -65.36 -11.89 32.08
CA SER A 574 -64.20 -11.47 31.28
C SER A 574 -64.11 -9.99 31.01
N TYR A 575 -62.92 -9.45 31.17
CA TYR A 575 -62.67 -8.03 30.93
C TYR A 575 -61.74 -7.86 29.73
N LEU A 576 -62.17 -7.05 28.77
CA LEU A 576 -61.38 -6.77 27.58
C LEU A 576 -61.19 -5.27 27.53
N LEU A 577 -59.93 -4.84 27.56
CA LEU A 577 -59.59 -3.41 27.58
C LEU A 577 -59.03 -2.93 26.25
N ALA A 578 -59.38 -1.71 25.87
CA ALA A 578 -58.90 -1.13 24.63
C ALA A 578 -58.86 0.39 24.75
N GLU A 579 -57.68 0.96 24.55
CA GLU A 579 -57.52 2.40 24.63
C GLU A 579 -56.78 2.84 23.38
N ARG A 580 -56.93 4.10 23.00
CA ARG A 580 -56.23 4.65 21.85
C ARG A 580 -56.07 6.17 22.01
N ASP A 581 -54.93 6.70 21.58
CA ASP A 581 -54.68 8.13 21.67
C ASP A 581 -54.88 8.78 20.30
N LEU A 582 -55.84 9.69 20.22
CA LEU A 582 -56.16 10.39 18.97
C LEU A 582 -55.40 11.69 18.87
N TYR A 583 -55.10 12.13 17.65
CA TYR A 583 -54.42 13.40 17.43
C TYR A 583 -55.29 14.28 16.56
N LEU A 584 -55.76 15.39 17.10
CA LEU A 584 -56.60 16.28 16.31
C LEU A 584 -55.74 17.13 15.37
N GLU A 585 -55.95 16.93 14.08
CA GLU A 585 -55.18 17.63 13.05
C GLU A 585 -55.35 19.14 13.04
N ASN A 586 -54.23 19.85 13.05
CA ASN A 586 -54.23 21.32 13.02
C ASN A 586 -54.46 21.82 11.59
N PRO A 587 -54.86 23.08 11.45
CA PRO A 587 -55.08 23.60 10.10
C PRO A 587 -53.71 23.76 9.45
N GLU A 588 -53.58 23.48 8.16
CA GLU A 588 -52.30 23.62 7.48
C GLU A 588 -51.89 25.10 7.37
N ILE A 589 -50.63 25.36 7.06
CA ILE A 589 -50.16 26.74 6.90
C ILE A 589 -49.63 26.91 5.51
N LYS A 590 -50.35 27.67 4.68
CA LYS A 590 -49.90 27.89 3.30
C LYS A 590 -48.70 28.84 3.29
N ILE A 591 -47.69 28.47 2.50
CA ILE A 591 -46.49 29.28 2.42
C ILE A 591 -46.09 29.49 0.98
N ARG A 592 -45.96 30.75 0.60
CA ARG A 592 -45.55 31.11 -0.75
C ARG A 592 -44.27 31.91 -0.67
N ILE A 593 -43.33 31.59 -1.56
CA ILE A 593 -42.08 32.32 -1.60
C ILE A 593 -42.15 33.25 -2.82
N LEU A 594 -42.37 34.52 -2.52
CA LEU A 594 -42.49 35.52 -3.56
C LEU A 594 -41.14 36.08 -3.97
N GLY A 595 -40.93 36.22 -5.28
CA GLY A 595 -39.67 36.72 -5.78
C GLY A 595 -38.66 35.61 -6.03
N GLU A 596 -37.42 36.00 -6.33
CA GLU A 596 -36.34 35.06 -6.60
C GLU A 596 -35.44 34.81 -5.39
N PRO A 597 -35.29 33.55 -5.01
CA PRO A 597 -34.47 33.14 -3.87
C PRO A 597 -32.99 33.29 -4.19
N LYS A 598 -32.49 34.52 -4.10
CA LYS A 598 -31.08 34.78 -4.35
C LYS A 598 -30.39 35.12 -3.04
N GLN A 599 -29.09 34.86 -2.99
CA GLN A 599 -28.31 35.14 -1.79
C GLN A 599 -28.21 36.64 -1.58
N LYS A 600 -28.08 37.07 -0.33
CA LYS A 600 -28.00 38.50 0.00
C LYS A 600 -28.95 39.29 -0.91
N ARG A 601 -30.24 38.99 -0.79
CA ARG A 601 -31.26 39.66 -1.58
C ARG A 601 -32.56 39.57 -0.79
N LYS A 602 -33.44 40.55 -0.95
CA LYS A 602 -34.70 40.53 -0.24
C LYS A 602 -35.46 39.26 -0.63
N LEU A 603 -36.39 38.86 0.22
CA LEU A 603 -37.19 37.69 -0.05
C LEU A 603 -38.41 37.85 0.78
N VAL A 604 -39.55 37.44 0.25
CA VAL A 604 -40.80 37.57 1.00
C VAL A 604 -41.54 36.24 1.14
N ALA A 605 -42.08 36.05 2.33
CA ALA A 605 -42.82 34.83 2.61
C ALA A 605 -44.23 35.17 3.04
N GLU A 606 -45.19 34.70 2.26
CA GLU A 606 -46.59 34.94 2.56
C GLU A 606 -47.09 33.68 3.25
N VAL A 607 -47.64 33.84 4.45
CA VAL A 607 -48.18 32.70 5.18
C VAL A 607 -49.65 32.90 5.50
N SER A 608 -50.45 31.88 5.18
CA SER A 608 -51.88 31.94 5.45
C SER A 608 -52.22 30.79 6.36
N LEU A 609 -53.40 30.85 6.94
CA LEU A 609 -53.92 29.85 7.86
C LEU A 609 -55.41 30.11 7.77
N GLN A 610 -56.24 29.08 7.83
CA GLN A 610 -57.68 29.33 7.75
C GLN A 610 -58.37 28.85 9.01
N ASN A 611 -58.76 29.78 9.86
CA ASN A 611 -59.42 29.45 11.12
C ASN A 611 -60.44 28.29 11.04
N PRO A 612 -60.12 27.16 11.66
CA PRO A 612 -60.95 25.95 11.69
C PRO A 612 -61.98 25.90 12.82
N LEU A 613 -61.84 26.79 13.80
CA LEU A 613 -62.79 26.79 14.92
C LEU A 613 -64.12 27.36 14.51
N PRO A 614 -65.15 27.13 15.34
CA PRO A 614 -66.49 27.65 15.06
C PRO A 614 -66.60 29.05 15.63
N VAL A 615 -65.59 29.43 16.41
CA VAL A 615 -65.53 30.75 17.05
C VAL A 615 -64.38 31.54 16.46
N ALA A 616 -64.39 32.85 16.65
CA ALA A 616 -63.34 33.68 16.09
C ALA A 616 -62.01 33.44 16.76
N LEU A 617 -60.97 34.04 16.19
CA LEU A 617 -59.60 33.93 16.70
C LEU A 617 -59.09 35.34 17.02
N GLU A 618 -58.57 35.52 18.21
CA GLU A 618 -58.05 36.82 18.61
C GLU A 618 -56.55 36.79 18.98
N GLY A 619 -55.88 37.92 18.78
CA GLY A 619 -54.46 38.03 19.09
C GLY A 619 -53.62 37.03 18.31
N CYS A 620 -53.93 36.87 17.03
CA CYS A 620 -53.22 35.95 16.19
C CYS A 620 -51.80 36.42 15.89
N THR A 621 -50.84 35.51 16.05
CA THR A 621 -49.45 35.85 15.81
C THR A 621 -48.72 34.82 14.97
N PHE A 622 -47.93 35.29 14.02
CA PHE A 622 -47.14 34.44 13.16
C PHE A 622 -45.69 34.67 13.53
N THR A 623 -44.95 33.59 13.71
CA THR A 623 -43.55 33.70 14.06
C THR A 623 -42.73 32.86 13.11
N VAL A 624 -41.65 33.42 12.61
CA VAL A 624 -40.80 32.74 11.66
C VAL A 624 -39.34 32.71 12.09
N GLU A 625 -38.66 31.62 11.73
CA GLU A 625 -37.26 31.43 12.10
C GLU A 625 -36.64 30.52 11.04
N GLY A 626 -35.32 30.38 11.05
CA GLY A 626 -34.67 29.51 10.09
C GLY A 626 -33.24 29.88 9.78
N ALA A 627 -32.30 29.11 10.30
CA ALA A 627 -30.88 29.38 10.09
C ALA A 627 -30.50 29.29 8.62
N GLY A 628 -30.26 30.46 8.03
CA GLY A 628 -29.89 30.52 6.62
C GLY A 628 -30.80 31.50 5.92
N LEU A 629 -32.00 31.69 6.46
CA LEU A 629 -32.97 32.63 5.89
C LEU A 629 -33.05 33.94 6.67
N THR A 630 -32.86 33.90 7.98
CA THR A 630 -32.87 35.13 8.80
C THR A 630 -31.90 35.04 9.94
N GLU A 631 -31.38 36.20 10.33
CA GLU A 631 -30.46 36.26 11.43
C GLU A 631 -31.28 36.27 12.71
N GLU A 632 -32.39 36.99 12.65
CA GLU A 632 -33.28 37.11 13.80
C GLU A 632 -34.67 36.55 13.49
N GLN A 633 -35.38 36.19 14.56
CA GLN A 633 -36.73 35.65 14.49
C GLN A 633 -37.61 36.79 13.98
N LYS A 634 -38.69 36.45 13.31
CA LYS A 634 -39.57 37.47 12.78
C LYS A 634 -40.97 37.19 13.29
N THR A 635 -41.61 38.20 13.87
CA THR A 635 -42.96 38.06 14.38
C THR A 635 -43.91 39.15 13.89
N VAL A 636 -45.08 38.74 13.45
CA VAL A 636 -46.09 39.68 12.96
C VAL A 636 -47.35 39.42 13.78
N GLU A 637 -48.04 40.49 14.14
CA GLU A 637 -49.26 40.38 14.91
C GLU A 637 -50.47 40.78 14.06
N ILE A 638 -51.48 39.92 14.00
CA ILE A 638 -52.69 40.21 13.24
C ILE A 638 -53.60 40.99 14.19
N PRO A 639 -53.68 42.31 13.99
CA PRO A 639 -54.47 43.27 14.76
C PRO A 639 -55.93 42.93 15.11
N ASP A 640 -56.69 42.49 14.12
CA ASP A 640 -58.09 42.17 14.39
C ASP A 640 -58.36 40.67 14.43
N PRO A 641 -59.47 40.27 15.06
CA PRO A 641 -59.81 38.85 15.15
C PRO A 641 -60.14 38.23 13.80
N VAL A 642 -59.94 36.91 13.72
CA VAL A 642 -60.23 36.16 12.51
C VAL A 642 -61.50 35.37 12.78
N GLU A 643 -62.60 35.76 12.13
CA GLU A 643 -63.86 35.08 12.33
C GLU A 643 -63.80 33.61 11.98
N ALA A 644 -64.85 32.87 12.35
CA ALA A 644 -64.93 31.43 12.11
C ALA A 644 -64.45 30.98 10.73
N GLY A 645 -65.05 31.50 9.68
CA GLY A 645 -64.61 31.09 8.38
C GLY A 645 -63.27 31.66 7.97
N GLU A 646 -63.18 32.99 8.05
CA GLU A 646 -62.01 33.78 7.68
C GLU A 646 -60.64 33.12 7.74
N GLU A 647 -59.78 33.51 6.80
CA GLU A 647 -58.41 33.04 6.71
C GLU A 647 -57.54 34.20 7.18
N VAL A 648 -56.30 33.90 7.55
CA VAL A 648 -55.38 34.94 7.97
C VAL A 648 -54.24 34.88 6.98
N LYS A 649 -53.64 36.01 6.70
CA LYS A 649 -52.53 36.04 5.77
C LYS A 649 -51.60 37.15 6.18
N VAL A 650 -50.33 37.01 5.85
CA VAL A 650 -49.36 38.04 6.19
C VAL A 650 -48.05 37.72 5.48
N ARG A 651 -47.23 38.74 5.28
CA ARG A 651 -45.97 38.55 4.60
C ARG A 651 -44.83 38.91 5.54
N MET A 652 -43.65 38.37 5.25
CA MET A 652 -42.50 38.65 6.08
C MET A 652 -41.27 38.77 5.21
N ASP A 653 -40.64 39.93 5.27
CA ASP A 653 -39.45 40.19 4.49
C ASP A 653 -38.27 39.54 5.18
N LEU A 654 -37.60 38.66 4.44
CA LEU A 654 -36.44 37.97 4.98
C LEU A 654 -35.26 38.32 4.10
N LEU A 655 -34.06 38.14 4.64
CA LEU A 655 -32.86 38.44 3.90
C LEU A 655 -31.88 37.26 3.98
N PRO A 656 -32.08 36.21 3.15
CA PRO A 656 -31.23 35.01 3.14
C PRO A 656 -29.79 35.43 3.02
N LEU A 657 -28.94 34.91 3.89
CA LEU A 657 -27.55 35.27 3.84
C LEU A 657 -26.71 34.13 3.29
N HIS A 658 -27.07 32.91 3.65
CA HIS A 658 -26.34 31.76 3.16
C HIS A 658 -27.14 31.11 2.03
N MET A 659 -26.44 30.58 1.04
CA MET A 659 -27.13 29.91 -0.07
C MET A 659 -27.40 28.48 0.34
N GLY A 660 -27.73 27.62 -0.61
CA GLY A 660 -28.02 26.23 -0.29
C GLY A 660 -29.46 25.98 0.09
N LEU A 661 -29.70 24.88 0.79
CA LEU A 661 -31.05 24.54 1.22
C LEU A 661 -31.28 25.04 2.63
N HIS A 662 -32.49 25.50 2.92
CA HIS A 662 -32.82 26.00 4.23
C HIS A 662 -34.29 25.77 4.47
N LYS A 663 -34.64 25.29 5.66
CA LYS A 663 -36.03 25.06 5.97
C LYS A 663 -36.55 26.22 6.81
N LEU A 664 -37.60 26.87 6.32
CA LEU A 664 -38.19 27.97 7.04
C LEU A 664 -39.29 27.45 7.96
N VAL A 665 -39.10 27.55 9.26
CA VAL A 665 -40.11 27.08 10.20
C VAL A 665 -40.96 28.26 10.66
N VAL A 666 -42.26 28.03 10.82
CA VAL A 666 -43.14 29.08 11.26
C VAL A 666 -44.08 28.52 12.32
N ASN A 667 -44.56 29.38 13.20
CA ASN A 667 -45.48 28.97 14.24
C ASN A 667 -46.60 29.99 14.34
N PHE A 668 -47.84 29.53 14.39
CA PHE A 668 -48.99 30.41 14.51
C PHE A 668 -49.57 30.31 15.92
N GLU A 669 -49.79 31.47 16.54
CA GLU A 669 -50.30 31.55 17.90
C GLU A 669 -51.56 32.40 17.94
N SER A 670 -52.51 32.01 18.79
CA SER A 670 -53.76 32.75 18.94
C SER A 670 -54.40 32.36 20.27
N ASP A 671 -55.48 33.03 20.65
CA ASP A 671 -56.14 32.74 21.91
C ASP A 671 -56.84 31.38 21.97
N LYS A 672 -57.46 30.95 20.88
CA LYS A 672 -58.15 29.67 20.85
C LYS A 672 -57.42 28.60 20.03
N LEU A 673 -56.31 28.96 19.40
CA LEU A 673 -55.59 28.01 18.57
C LEU A 673 -54.11 28.24 18.70
N LYS A 674 -53.46 27.53 19.60
CA LYS A 674 -52.03 27.73 19.81
C LYS A 674 -51.13 26.67 19.23
N ALA A 675 -49.89 27.09 18.99
CA ALA A 675 -48.85 26.23 18.47
C ALA A 675 -49.19 25.42 17.26
N VAL A 676 -49.62 26.07 16.18
CA VAL A 676 -49.87 25.30 14.96
C VAL A 676 -48.61 25.58 14.15
N LYS A 677 -47.96 24.53 13.68
CA LYS A 677 -46.71 24.64 12.95
C LYS A 677 -46.80 24.72 11.44
N GLY A 678 -45.65 25.04 10.84
CA GLY A 678 -45.56 25.13 9.39
C GLY A 678 -44.10 25.21 8.99
N PHE A 679 -43.79 24.85 7.75
CA PHE A 679 -42.41 24.93 7.28
C PHE A 679 -42.36 24.85 5.76
N ARG A 680 -41.27 25.33 5.19
CA ARG A 680 -41.10 25.33 3.73
C ARG A 680 -39.63 25.22 3.34
N ASN A 681 -39.32 24.32 2.43
CA ASN A 681 -37.94 24.17 1.97
C ASN A 681 -37.62 25.24 0.95
N VAL A 682 -36.53 25.94 1.20
CA VAL A 682 -36.13 27.03 0.33
C VAL A 682 -34.68 26.89 -0.11
N ILE A 683 -34.47 26.89 -1.43
CA ILE A 683 -33.12 26.80 -2.00
C ILE A 683 -32.66 28.20 -2.38
N ILE A 684 -31.60 28.69 -1.72
CA ILE A 684 -31.08 30.03 -1.99
C ILE A 684 -29.88 29.94 -2.92
N GLY A 685 -29.97 30.59 -4.07
CA GLY A 685 -28.87 30.55 -5.03
C GLY A 685 -27.95 31.74 -4.97
N PRO A 686 -27.07 31.89 -5.97
CA PRO A 686 -26.10 32.98 -6.09
C PRO A 686 -26.78 34.31 -6.42
N ALA A 687 -26.24 35.41 -5.92
CA ALA A 687 -26.81 36.72 -6.20
C ALA A 687 -26.36 37.15 -7.59
N LEU A 688 -25.12 36.76 -7.94
CA LEU A 688 -24.48 37.06 -9.22
C LEU A 688 -23.66 38.34 -9.14
N GLU B 4 43.39 37.72 32.66
CA GLU B 4 42.07 37.65 31.95
C GLU B 4 41.43 36.27 32.15
N LEU B 5 40.30 36.02 31.49
CA LEU B 5 39.62 34.72 31.60
C LEU B 5 38.89 34.41 30.30
N VAL B 6 39.08 33.19 29.80
CA VAL B 6 38.46 32.75 28.56
C VAL B 6 36.93 32.69 28.67
N LEU B 7 36.27 33.19 27.63
CA LEU B 7 34.81 33.25 27.58
C LEU B 7 34.12 31.96 27.14
N GLU B 8 33.85 31.82 25.84
CA GLU B 8 33.19 30.63 25.27
C GLU B 8 31.66 30.56 25.46
N ARG B 9 30.92 31.03 24.46
CA ARG B 9 29.46 31.03 24.51
C ARG B 9 28.90 30.19 23.35
N CYS B 10 29.40 28.97 23.18
CA CYS B 10 28.95 28.08 22.10
C CYS B 10 29.92 26.93 21.91
N ASP B 11 29.54 25.97 21.06
CA ASP B 11 30.36 24.80 20.77
C ASP B 11 29.74 23.89 19.69
N LEU B 12 29.82 24.31 18.44
CA LEU B 12 29.26 23.58 17.30
C LEU B 12 30.01 22.27 17.02
N GLU B 13 29.29 21.29 16.46
CA GLU B 13 29.86 19.99 16.15
C GLU B 13 29.73 19.68 14.68
N LEU B 14 28.94 20.50 14.01
CA LEU B 14 28.65 20.40 12.59
C LEU B 14 28.13 19.03 12.10
N GLU B 15 27.43 19.07 10.97
CA GLU B 15 26.88 17.88 10.36
C GLU B 15 27.77 17.43 9.20
N THR B 16 28.74 18.26 8.87
CA THR B 16 29.68 17.94 7.82
C THR B 16 30.55 16.81 8.37
N ASN B 17 30.41 16.55 9.67
CA ASN B 17 31.14 15.46 10.32
C ASN B 17 30.41 14.18 9.97
N GLY B 18 29.09 14.28 9.96
CA GLY B 18 28.25 13.13 9.63
C GLY B 18 28.58 12.65 8.25
N ARG B 19 28.53 13.57 7.28
CA ARG B 19 28.86 13.19 5.91
C ARG B 19 30.27 12.61 5.83
N ASP B 20 31.19 13.20 6.58
CA ASP B 20 32.56 12.77 6.60
C ASP B 20 32.81 11.39 7.22
N HIS B 21 32.08 11.06 8.27
CA HIS B 21 32.28 9.76 8.92
C HIS B 21 31.26 8.72 8.50
N HIS B 22 30.49 9.03 7.46
CA HIS B 22 29.47 8.13 6.95
C HIS B 22 28.56 7.78 8.12
N THR B 23 28.11 8.82 8.81
CA THR B 23 27.23 8.64 9.96
C THR B 23 26.19 9.74 9.97
N ALA B 24 25.88 10.26 8.79
CA ALA B 24 24.89 11.32 8.65
C ALA B 24 23.52 10.98 9.23
N ASP B 25 22.96 9.83 8.83
CA ASP B 25 21.65 9.38 9.32
C ASP B 25 21.69 9.21 10.83
N LEU B 26 22.80 8.67 11.31
CA LEU B 26 23.05 8.42 12.72
C LEU B 26 23.27 9.73 13.49
N CYS B 27 23.49 10.82 12.74
CA CYS B 27 23.73 12.13 13.35
C CYS B 27 22.50 12.99 13.57
N ARG B 28 21.79 12.69 14.64
CA ARG B 28 20.61 13.43 15.01
C ARG B 28 20.72 13.68 16.51
N GLU B 29 20.76 14.96 16.90
CA GLU B 29 20.87 15.32 18.31
C GLU B 29 21.89 14.52 19.13
N LYS B 30 23.14 14.54 18.67
CA LYS B 30 24.27 13.87 19.31
C LYS B 30 25.22 13.42 18.21
N LEU B 31 26.45 13.89 18.27
CA LEU B 31 27.45 13.57 17.27
C LEU B 31 27.89 12.12 17.32
N VAL B 32 28.01 11.54 16.14
CA VAL B 32 28.45 10.16 16.00
C VAL B 32 29.54 10.23 14.95
N VAL B 33 30.67 9.58 15.25
CA VAL B 33 31.83 9.55 14.34
C VAL B 33 32.49 8.17 14.38
N ARG B 34 33.45 7.95 13.49
CA ARG B 34 34.16 6.67 13.45
C ARG B 34 35.64 6.86 13.79
N ARG B 35 36.11 6.05 14.73
CA ARG B 35 37.48 6.08 15.21
C ARG B 35 38.51 6.11 14.10
N GLY B 36 39.70 6.61 14.42
CA GLY B 36 40.78 6.66 13.44
C GLY B 36 40.64 7.76 12.39
N GLN B 37 39.69 8.65 12.59
CA GLN B 37 39.47 9.72 11.65
C GLN B 37 39.21 10.99 12.42
N PRO B 38 39.57 12.15 11.84
CA PRO B 38 39.38 13.44 12.49
C PRO B 38 38.04 14.10 12.20
N PHE B 39 37.57 14.92 13.12
CA PHE B 39 36.31 15.64 12.95
C PHE B 39 36.37 17.12 13.39
N TRP B 40 35.71 17.96 12.59
CA TRP B 40 35.64 19.39 12.85
C TRP B 40 35.07 19.64 14.23
N LEU B 41 35.32 20.82 14.76
CA LEU B 41 34.83 21.20 16.08
C LEU B 41 35.09 22.69 16.26
N THR B 42 34.16 23.53 15.82
CA THR B 42 34.32 24.97 15.96
C THR B 42 33.89 25.42 17.36
N LEU B 43 34.65 26.36 17.93
CA LEU B 43 34.37 26.91 19.27
C LEU B 43 34.13 28.40 19.15
N HIS B 44 33.12 28.89 19.85
CA HIS B 44 32.80 30.31 19.81
C HIS B 44 32.94 30.97 21.18
N PHE B 45 33.83 31.94 21.28
CA PHE B 45 34.02 32.67 22.52
C PHE B 45 33.42 34.05 22.31
N GLU B 46 33.07 34.73 23.40
CA GLU B 46 32.50 36.06 23.27
C GLU B 46 33.59 37.11 23.48
N GLY B 47 33.46 38.24 22.80
CA GLY B 47 34.45 39.29 22.93
C GLY B 47 35.84 38.85 22.50
N ARG B 48 36.55 38.16 23.39
CA ARG B 48 37.91 37.69 23.09
C ARG B 48 37.99 36.31 22.47
N ASN B 49 38.94 36.14 21.55
CA ASN B 49 39.18 34.89 20.85
C ASN B 49 40.14 34.07 21.73
N TYR B 50 40.90 33.17 21.11
CA TYR B 50 41.86 32.36 21.85
C TYR B 50 43.20 33.08 21.85
N GLU B 51 43.87 33.08 22.99
CA GLU B 51 45.16 33.74 23.08
C GLU B 51 46.24 32.67 23.33
N ALA B 52 46.90 32.21 22.26
CA ALA B 52 47.94 31.19 22.40
C ALA B 52 48.94 31.62 23.47
N SER B 53 49.13 32.93 23.58
CA SER B 53 50.05 33.54 24.52
C SER B 53 49.84 33.01 25.94
N VAL B 54 48.86 33.63 26.60
CA VAL B 54 48.48 33.35 27.98
C VAL B 54 47.50 32.16 28.18
N ASP B 55 46.64 31.93 27.20
CA ASP B 55 45.65 30.83 27.27
C ASP B 55 46.28 29.46 26.99
N SER B 56 45.97 28.49 27.86
CA SER B 56 46.50 27.15 27.70
C SER B 56 45.40 26.10 27.96
N LEU B 57 44.66 25.73 26.93
CA LEU B 57 43.58 24.75 27.08
C LEU B 57 43.91 23.32 26.60
N THR B 58 43.62 22.35 27.46
CA THR B 58 43.85 20.93 27.17
C THR B 58 42.53 20.18 27.14
N PHE B 59 42.41 19.21 26.24
CA PHE B 59 41.18 18.44 26.12
C PHE B 59 41.26 17.13 26.89
N SER B 60 40.10 16.52 27.09
CA SER B 60 40.02 15.27 27.83
C SER B 60 38.70 14.55 27.54
N VAL B 61 38.76 13.23 27.37
CA VAL B 61 37.57 12.43 27.09
C VAL B 61 37.56 11.11 27.85
N VAL B 62 36.41 10.77 28.43
CA VAL B 62 36.25 9.52 29.17
C VAL B 62 35.09 8.77 28.56
N THR B 63 35.08 7.45 28.70
CA THR B 63 33.99 6.66 28.13
C THR B 63 33.34 5.69 29.11
N GLY B 64 34.08 4.68 29.55
CA GLY B 64 33.52 3.71 30.47
C GLY B 64 32.83 4.33 31.67
N PRO B 65 32.06 3.56 32.45
CA PRO B 65 31.40 4.14 33.62
C PRO B 65 32.51 4.32 34.64
N ALA B 66 33.66 3.75 34.30
CA ALA B 66 34.89 3.78 35.11
C ALA B 66 36.05 4.05 34.16
N PRO B 67 36.19 5.30 33.68
CA PRO B 67 37.26 5.70 32.77
C PRO B 67 38.63 5.22 33.20
N SER B 68 39.64 5.55 32.41
CA SER B 68 41.00 5.13 32.71
C SER B 68 41.99 5.50 31.60
N GLN B 69 43.14 5.99 32.01
CA GLN B 69 44.20 6.38 31.10
C GLN B 69 44.83 5.09 30.56
N GLU B 70 44.99 4.14 31.46
CA GLU B 70 45.59 2.87 31.13
C GLU B 70 44.67 1.89 30.43
N ALA B 71 43.38 1.96 30.73
CA ALA B 71 42.42 1.05 30.12
C ALA B 71 41.92 1.54 28.78
N GLY B 72 42.62 2.53 28.23
CA GLY B 72 42.22 3.10 26.96
C GLY B 72 40.77 3.52 26.96
N THR B 73 40.23 3.88 28.13
CA THR B 73 38.83 4.29 28.25
C THR B 73 38.70 5.75 28.72
N LYS B 74 39.84 6.44 28.81
CA LYS B 74 39.90 7.84 29.21
C LYS B 74 41.22 8.41 28.75
N ALA B 75 41.19 9.64 28.25
CA ALA B 75 42.40 10.26 27.76
C ALA B 75 42.25 11.77 27.63
N ARG B 76 43.27 12.49 28.07
CA ARG B 76 43.31 13.95 28.01
C ARG B 76 44.49 14.29 27.10
N PHE B 77 44.37 15.37 26.34
CA PHE B 77 45.43 15.73 25.41
C PHE B 77 45.51 17.23 25.10
N PRO B 78 46.74 17.72 24.88
CA PRO B 78 47.05 19.12 24.57
C PRO B 78 46.41 19.64 23.30
N LEU B 79 46.32 20.95 23.19
CA LEU B 79 45.78 21.57 22.01
C LEU B 79 46.95 22.24 21.32
N ARG B 80 47.32 21.76 20.15
CA ARG B 80 48.45 22.34 19.43
C ARG B 80 48.08 22.60 17.97
N ASP B 81 49.08 22.75 17.11
CA ASP B 81 48.86 22.90 15.67
C ASP B 81 49.95 22.07 14.97
N ALA B 82 50.47 21.12 15.74
CA ALA B 82 51.50 20.19 15.30
C ALA B 82 50.73 18.96 14.90
N VAL B 83 50.74 17.97 15.78
CA VAL B 83 50.02 16.71 15.53
C VAL B 83 50.45 15.63 16.50
N GLY B 86 50.88 8.53 19.40
CA GLY B 86 50.34 9.44 20.41
C GLY B 86 48.82 9.45 20.27
N ASP B 87 48.34 9.02 19.13
CA ASP B 87 46.92 8.95 18.73
C ASP B 87 45.79 9.95 19.10
N TRP B 88 45.55 10.20 20.38
CA TRP B 88 44.49 11.14 20.77
C TRP B 88 45.03 12.57 20.68
N THR B 89 44.80 13.21 19.53
CA THR B 89 45.28 14.56 19.25
C THR B 89 44.13 15.58 19.17
N ALA B 90 44.49 16.86 19.09
CA ALA B 90 43.53 17.95 18.97
C ALA B 90 44.41 19.10 18.51
N THR B 91 44.06 19.72 17.40
CA THR B 91 44.86 20.82 16.85
C THR B 91 44.01 21.94 16.27
N VAL B 92 44.56 23.15 16.25
CA VAL B 92 43.87 24.31 15.69
C VAL B 92 44.03 24.36 14.18
N VAL B 93 42.91 24.26 13.47
CA VAL B 93 42.93 24.27 12.01
C VAL B 93 42.66 25.66 11.44
N ASP B 94 42.13 26.54 12.30
CA ASP B 94 41.83 27.91 11.90
C ASP B 94 41.26 28.61 13.13
N GLN B 95 40.99 29.90 12.99
CA GLN B 95 40.46 30.70 14.09
C GLN B 95 40.35 32.15 13.65
N GLN B 96 39.16 32.72 13.75
CA GLN B 96 38.98 34.08 13.34
C GLN B 96 37.77 34.70 14.05
N ASP B 97 37.85 36.01 14.30
CA ASP B 97 36.78 36.74 14.96
C ASP B 97 36.75 36.40 16.45
N CYS B 98 36.06 35.33 16.79
CA CYS B 98 35.95 34.86 18.17
C CYS B 98 35.88 33.35 18.14
N THR B 99 35.63 32.82 16.95
CA THR B 99 35.52 31.39 16.74
C THR B 99 36.91 30.74 16.69
N LEU B 100 36.96 29.45 17.01
CA LEU B 100 38.20 28.68 17.01
C LEU B 100 37.92 27.24 16.59
N SER B 101 38.05 26.94 15.30
CA SER B 101 37.79 25.59 14.82
C SER B 101 39.00 24.67 15.00
N LEU B 102 38.76 23.51 15.61
CA LEU B 102 39.83 22.55 15.83
C LEU B 102 39.60 21.28 15.03
N GLN B 103 40.43 20.28 15.29
CA GLN B 103 40.32 18.99 14.62
C GLN B 103 40.88 17.92 15.54
N LEU B 104 39.98 17.09 16.06
CA LEU B 104 40.38 16.02 16.94
C LEU B 104 40.55 14.74 16.16
N THR B 105 41.41 13.88 16.66
CA THR B 105 41.71 12.62 16.03
C THR B 105 41.71 11.51 17.06
N THR B 106 41.00 10.44 16.74
CA THR B 106 40.92 9.30 17.62
C THR B 106 41.82 8.21 17.11
N PRO B 107 42.14 7.23 17.97
CA PRO B 107 43.00 6.13 17.53
C PRO B 107 42.17 5.21 16.63
N ALA B 108 42.82 4.29 15.96
CA ALA B 108 42.10 3.37 15.09
C ALA B 108 41.86 2.11 15.90
N ASN B 109 41.84 2.26 17.22
CA ASN B 109 41.62 1.14 18.11
C ASN B 109 41.02 1.68 19.38
N ALA B 110 40.56 2.92 19.31
CA ALA B 110 39.92 3.55 20.45
C ALA B 110 38.67 2.72 20.71
N PRO B 111 38.37 2.42 21.98
CA PRO B 111 37.17 1.63 22.25
C PRO B 111 35.94 2.41 21.81
N ILE B 112 34.91 1.69 21.37
CA ILE B 112 33.69 2.34 20.91
C ILE B 112 32.70 2.54 22.04
N GLY B 113 31.91 3.60 21.95
CA GLY B 113 30.91 3.89 22.96
C GLY B 113 30.62 5.38 23.03
N LEU B 114 29.99 5.79 24.12
CA LEU B 114 29.66 7.19 24.31
C LEU B 114 30.83 7.84 25.06
N TYR B 115 31.29 8.99 24.57
CA TYR B 115 32.40 9.69 25.20
C TYR B 115 31.96 11.07 25.70
N ARG B 116 32.57 11.51 26.80
CA ARG B 116 32.28 12.82 27.38
C ARG B 116 33.48 13.69 27.05
N LEU B 117 33.23 14.75 26.28
CA LEU B 117 34.29 15.65 25.86
C LEU B 117 34.41 16.84 26.80
N SER B 118 35.51 16.88 27.54
CA SER B 118 35.77 17.94 28.49
C SER B 118 36.84 18.93 27.99
N LEU B 119 36.79 20.16 28.46
CA LEU B 119 37.78 21.18 28.07
C LEU B 119 38.45 21.78 29.31
N GLU B 120 39.77 21.76 29.33
CA GLU B 120 40.57 22.30 30.45
C GLU B 120 41.13 23.67 30.09
N ALA B 121 40.52 24.75 30.58
CA ALA B 121 40.99 26.09 30.27
C ALA B 121 41.78 26.75 31.40
N SER B 122 43.00 27.17 31.08
CA SER B 122 43.87 27.85 32.04
C SER B 122 44.32 29.16 31.40
N THR B 123 43.48 30.18 31.49
CA THR B 123 43.80 31.47 30.91
C THR B 123 44.90 32.15 31.75
N GLY B 124 45.69 31.32 32.43
CA GLY B 124 46.78 31.81 33.25
C GLY B 124 47.08 30.87 34.40
N TYR B 125 46.21 30.89 35.40
CA TYR B 125 46.35 30.06 36.59
C TYR B 125 44.98 29.64 37.11
N GLN B 126 43.96 30.43 36.78
CA GLN B 126 42.60 30.14 37.18
C GLN B 126 41.88 29.38 36.05
N GLY B 127 41.34 30.14 35.10
CA GLY B 127 40.64 29.53 33.99
C GLY B 127 39.44 28.71 34.43
N SER B 128 38.78 28.06 33.48
CA SER B 128 37.62 27.24 33.76
C SER B 128 37.63 25.88 33.04
N SER B 129 37.28 24.83 33.76
CA SER B 129 37.26 23.46 33.21
C SER B 129 35.83 22.89 33.16
N PHE B 130 35.36 22.51 31.98
CA PHE B 130 34.00 21.99 31.84
C PHE B 130 33.76 21.14 30.60
N VAL B 131 32.57 20.51 30.54
CA VAL B 131 32.19 19.66 29.41
C VAL B 131 31.82 20.45 28.18
N LEU B 132 31.97 19.82 27.02
CA LEU B 132 31.66 20.43 25.73
C LEU B 132 30.50 19.69 25.06
N GLY B 133 30.33 18.43 25.43
CA GLY B 133 29.27 17.62 24.87
C GLY B 133 29.63 16.15 24.86
N HIS B 134 28.84 15.34 24.15
CA HIS B 134 29.10 13.90 24.05
C HIS B 134 29.12 13.46 22.59
N PHE B 135 29.74 12.32 22.33
CA PHE B 135 29.80 11.78 20.97
C PHE B 135 29.91 10.26 21.00
N ILE B 136 29.43 9.59 19.95
CA ILE B 136 29.54 8.14 19.89
C ILE B 136 30.60 7.77 18.84
N LEU B 137 31.60 7.00 19.27
CA LEU B 137 32.68 6.60 18.38
C LEU B 137 32.43 5.16 17.93
N LEU B 138 32.37 4.96 16.61
CA LEU B 138 32.10 3.65 16.05
C LEU B 138 33.27 3.10 15.26
N PHE B 139 33.22 1.80 14.97
CA PHE B 139 34.26 1.14 14.20
C PHE B 139 34.26 1.79 12.82
N ASN B 140 35.44 2.12 12.32
CA ASN B 140 35.57 2.76 11.02
C ASN B 140 36.06 1.76 9.97
N ALA B 141 35.24 1.48 8.96
CA ALA B 141 35.62 0.52 7.94
C ALA B 141 36.34 1.20 6.78
N TRP B 142 36.37 2.54 6.82
CA TRP B 142 37.02 3.34 5.80
C TRP B 142 38.44 3.71 6.20
N CYS B 143 38.82 3.42 7.44
CA CYS B 143 40.15 3.73 7.94
C CYS B 143 41.03 2.48 7.91
N PRO B 144 42.10 2.53 7.10
CA PRO B 144 43.05 1.44 6.92
C PRO B 144 43.69 0.95 8.21
N ALA B 145 43.76 1.83 9.20
CA ALA B 145 44.36 1.49 10.47
C ALA B 145 43.42 0.69 11.35
N ASP B 146 42.13 0.71 11.01
CA ASP B 146 41.14 -0.01 11.81
C ASP B 146 41.17 -1.50 11.52
N ALA B 147 40.76 -2.31 12.50
CA ALA B 147 40.75 -3.76 12.35
C ALA B 147 39.60 -4.24 11.48
N VAL B 148 38.71 -3.32 11.10
CA VAL B 148 37.57 -3.69 10.27
C VAL B 148 37.68 -3.06 8.87
N TYR B 149 38.82 -2.49 8.58
CA TYR B 149 39.03 -1.86 7.28
C TYR B 149 38.58 -2.70 6.08
N LEU B 150 38.02 -2.02 5.09
CA LEU B 150 37.59 -2.64 3.85
C LEU B 150 38.11 -1.78 2.71
N ASP B 151 38.78 -2.42 1.77
CA ASP B 151 39.34 -1.76 0.60
C ASP B 151 38.24 -1.31 -0.35
N SER B 152 37.42 -2.24 -0.81
CA SER B 152 36.34 -1.93 -1.75
C SER B 152 35.25 -1.03 -1.19
N GLU B 153 35.08 0.13 -1.81
CA GLU B 153 34.08 1.09 -1.39
C GLU B 153 32.69 0.49 -1.40
N GLU B 154 32.31 -0.16 -2.49
CA GLU B 154 30.97 -0.73 -2.52
C GLU B 154 30.75 -1.79 -1.44
N GLU B 155 31.80 -2.53 -1.10
CA GLU B 155 31.65 -3.53 -0.07
C GLU B 155 31.40 -2.83 1.25
N ARG B 156 32.04 -1.68 1.45
CA ARG B 156 31.85 -0.94 2.69
C ARG B 156 30.40 -0.53 2.75
N GLN B 157 29.88 -0.10 1.60
CA GLN B 157 28.50 0.33 1.52
C GLN B 157 27.54 -0.80 1.84
N GLU B 158 27.66 -1.90 1.10
CA GLU B 158 26.80 -3.05 1.28
C GLU B 158 26.81 -3.60 2.70
N TYR B 159 28.00 -3.84 3.22
CA TYR B 159 28.13 -4.43 4.55
C TYR B 159 28.07 -3.53 5.77
N VAL B 160 28.06 -2.21 5.60
CA VAL B 160 27.99 -1.32 6.75
C VAL B 160 26.85 -0.32 6.66
N LEU B 161 26.75 0.35 5.52
CA LEU B 161 25.73 1.35 5.35
C LEU B 161 24.35 0.91 4.85
N THR B 162 24.30 -0.14 4.04
CA THR B 162 23.03 -0.64 3.49
C THR B 162 22.06 -1.04 4.59
N GLN B 163 20.84 -0.51 4.54
CA GLN B 163 19.85 -0.80 5.56
C GLN B 163 18.84 -1.91 5.22
N GLN B 164 18.65 -2.17 3.94
CA GLN B 164 17.73 -3.20 3.51
C GLN B 164 18.54 -4.41 3.08
N GLY B 165 17.91 -5.57 2.95
CA GLY B 165 18.67 -6.73 2.53
C GLY B 165 17.84 -7.98 2.34
N PHE B 166 18.52 -9.08 2.04
CA PHE B 166 17.88 -10.37 1.82
C PHE B 166 18.40 -11.41 2.77
N ILE B 167 17.52 -12.36 3.09
CA ILE B 167 17.85 -13.47 3.95
C ILE B 167 17.34 -14.64 3.13
N TYR B 168 18.20 -15.60 2.84
CA TYR B 168 17.80 -16.72 2.01
C TYR B 168 17.19 -17.90 2.74
N GLN B 169 15.96 -18.22 2.33
CA GLN B 169 15.19 -19.31 2.90
C GLN B 169 14.71 -20.26 1.80
N GLY B 170 13.58 -20.92 2.03
CA GLY B 170 13.04 -21.86 1.05
C GLY B 170 13.79 -23.19 1.08
N SER B 171 14.19 -23.66 -0.10
CA SER B 171 14.92 -24.92 -0.19
C SER B 171 16.18 -24.77 -1.04
N ALA B 172 17.06 -25.74 -0.96
CA ALA B 172 18.28 -25.68 -1.74
C ALA B 172 17.96 -25.84 -3.23
N LYS B 173 16.92 -26.63 -3.50
CA LYS B 173 16.49 -26.89 -4.87
C LYS B 173 15.66 -25.73 -5.42
N PHE B 174 15.24 -24.85 -4.52
CA PHE B 174 14.42 -23.69 -4.89
C PHE B 174 14.63 -22.59 -3.83
N ILE B 175 15.76 -21.90 -3.90
CA ILE B 175 16.05 -20.84 -2.94
C ILE B 175 15.04 -19.69 -3.01
N LYS B 176 14.72 -19.13 -1.85
CA LYS B 176 13.77 -18.02 -1.77
C LYS B 176 14.45 -16.89 -0.99
N ASN B 177 14.30 -15.66 -1.47
CA ASN B 177 14.93 -14.50 -0.83
C ASN B 177 13.95 -13.60 -0.11
N ILE B 178 13.96 -13.65 1.22
CA ILE B 178 13.08 -12.85 2.04
C ILE B 178 13.69 -11.49 2.34
N PRO B 179 12.95 -10.42 2.06
CA PRO B 179 13.40 -9.05 2.30
C PRO B 179 13.45 -8.75 3.78
N TRP B 180 14.44 -7.95 4.19
CA TRP B 180 14.58 -7.60 5.58
C TRP B 180 15.07 -6.17 5.77
N ASN B 181 14.46 -5.49 6.73
CA ASN B 181 14.82 -4.12 7.05
C ASN B 181 15.75 -4.16 8.24
N PHE B 182 17.04 -4.01 7.99
CA PHE B 182 18.02 -4.02 9.07
C PHE B 182 17.93 -2.70 9.81
N GLY B 183 17.54 -1.66 9.08
CA GLY B 183 17.39 -0.33 9.64
C GLY B 183 18.34 0.09 10.75
N GLN B 184 19.62 -0.30 10.65
CA GLN B 184 20.58 0.03 11.69
C GLN B 184 20.75 1.53 11.97
N PHE B 185 20.28 2.40 11.08
CA PHE B 185 20.41 3.84 11.30
C PHE B 185 19.08 4.50 11.61
N GLU B 186 18.07 3.67 11.90
CA GLU B 186 16.76 4.18 12.23
C GLU B 186 16.83 4.76 13.64
N ASP B 187 16.17 5.90 13.84
CA ASP B 187 16.16 6.58 15.12
C ASP B 187 16.08 5.67 16.33
N GLY B 188 16.94 5.93 17.31
CA GLY B 188 16.97 5.17 18.55
C GLY B 188 17.73 3.86 18.53
N ILE B 189 17.71 3.19 17.40
CA ILE B 189 18.39 1.91 17.26
C ILE B 189 19.83 1.89 17.77
N LEU B 190 20.58 2.97 17.58
CA LEU B 190 21.96 2.99 18.04
C LEU B 190 22.00 2.89 19.54
N ASP B 191 21.31 3.83 20.20
CA ASP B 191 21.25 3.88 21.65
C ASP B 191 20.85 2.53 22.26
N ILE B 192 19.91 1.84 21.61
CA ILE B 192 19.46 0.53 22.07
C ILE B 192 20.62 -0.48 21.97
N CYS B 193 21.51 -0.23 21.01
CA CYS B 193 22.67 -1.10 20.80
C CYS B 193 23.67 -0.95 21.92
N LEU B 194 23.96 0.30 22.25
CA LEU B 194 24.91 0.58 23.31
C LEU B 194 24.35 -0.05 24.59
N ILE B 195 23.07 0.19 24.85
CA ILE B 195 22.41 -0.39 26.02
C ILE B 195 22.66 -1.91 25.99
N LEU B 196 22.40 -2.50 24.83
CA LEU B 196 22.56 -3.94 24.64
C LEU B 196 23.94 -4.41 25.10
N LEU B 197 24.91 -3.52 25.02
CA LEU B 197 26.27 -3.85 25.41
C LEU B 197 26.47 -3.60 26.91
N ASP B 198 25.84 -2.52 27.39
CA ASP B 198 25.92 -2.15 28.80
C ASP B 198 25.10 -3.05 29.69
N VAL B 199 24.56 -4.12 29.15
CA VAL B 199 23.74 -5.00 29.97
C VAL B 199 24.09 -6.46 29.78
N ASN B 200 25.30 -6.73 29.32
CA ASN B 200 25.73 -8.11 29.11
C ASN B 200 26.65 -8.51 30.26
N PRO B 201 26.82 -9.81 30.51
CA PRO B 201 27.69 -10.31 31.59
C PRO B 201 29.02 -9.55 31.69
N LYS B 202 29.89 -9.76 30.71
CA LYS B 202 31.20 -9.12 30.66
C LYS B 202 31.21 -7.71 31.28
N PHE B 203 30.10 -6.98 31.10
CA PHE B 203 29.98 -5.61 31.62
C PHE B 203 29.53 -5.50 33.06
N LEU B 204 28.55 -6.33 33.43
CA LEU B 204 28.04 -6.30 34.80
C LEU B 204 29.10 -6.90 35.72
N LYS B 205 29.84 -7.89 35.21
CA LYS B 205 30.88 -8.56 36.00
C LYS B 205 32.09 -7.65 36.17
N ASN B 206 32.22 -6.64 35.31
CA ASN B 206 33.37 -5.74 35.37
C ASN B 206 33.28 -4.60 34.34
N ALA B 207 32.49 -3.58 34.63
CA ALA B 207 32.30 -2.44 33.73
C ALA B 207 33.57 -1.94 33.05
N GLY B 208 34.65 -1.80 33.82
CA GLY B 208 35.89 -1.33 33.24
C GLY B 208 36.47 -2.25 32.19
N ARG B 209 36.66 -3.51 32.56
CA ARG B 209 37.21 -4.53 31.67
C ARG B 209 36.45 -4.55 30.35
N ASP B 210 35.14 -4.73 30.44
CA ASP B 210 34.27 -4.80 29.27
C ASP B 210 34.32 -3.51 28.45
N CYS B 211 34.06 -2.36 29.09
CA CYS B 211 34.07 -1.08 28.38
C CYS B 211 35.41 -0.82 27.70
N SER B 212 36.47 -1.42 28.23
CA SER B 212 37.80 -1.25 27.65
C SER B 212 37.96 -2.04 26.38
N ARG B 213 37.71 -3.35 26.48
CA ARG B 213 37.84 -4.25 25.33
C ARG B 213 36.92 -3.95 24.13
N ARG B 214 36.04 -2.98 24.28
CA ARG B 214 35.13 -2.60 23.20
C ARG B 214 35.84 -1.90 22.05
N SER B 215 37.15 -2.13 21.97
CA SER B 215 37.97 -1.56 20.92
C SER B 215 38.29 -2.69 19.93
N SER B 216 37.89 -3.90 20.31
CA SER B 216 38.11 -5.07 19.50
C SER B 216 36.85 -5.54 18.80
N PRO B 217 36.88 -5.61 17.46
CA PRO B 217 35.69 -6.05 16.72
C PRO B 217 35.40 -7.49 17.08
N VAL B 218 36.44 -8.27 17.33
CA VAL B 218 36.24 -9.67 17.66
C VAL B 218 35.57 -9.81 19.03
N TYR B 219 35.87 -8.89 19.95
CA TYR B 219 35.25 -8.94 21.27
C TYR B 219 33.79 -8.51 21.10
N VAL B 220 33.60 -7.28 20.65
CA VAL B 220 32.27 -6.72 20.43
C VAL B 220 31.38 -7.68 19.65
N GLY B 221 31.96 -8.35 18.66
CA GLY B 221 31.21 -9.28 17.87
C GLY B 221 30.64 -10.40 18.71
N ARG B 222 31.46 -10.95 19.61
CA ARG B 222 31.04 -12.04 20.48
C ARG B 222 29.93 -11.59 21.42
N VAL B 223 30.10 -10.40 21.95
CA VAL B 223 29.13 -9.85 22.87
C VAL B 223 27.80 -9.65 22.16
N GLY B 224 27.80 -8.92 21.05
CA GLY B 224 26.56 -8.70 20.31
C GLY B 224 25.86 -10.00 19.96
N SER B 225 26.55 -10.85 19.20
CA SER B 225 26.05 -12.14 18.78
C SER B 225 25.31 -12.87 19.90
N GLY B 226 26.00 -13.04 21.03
CA GLY B 226 25.44 -13.74 22.17
C GLY B 226 24.32 -13.03 22.92
N MET B 227 24.23 -11.72 22.77
CA MET B 227 23.19 -10.97 23.44
C MET B 227 21.87 -11.04 22.72
N VAL B 228 21.84 -11.78 21.61
CA VAL B 228 20.60 -11.91 20.85
C VAL B 228 19.76 -13.04 21.43
N ASN B 229 20.38 -14.20 21.61
CA ASN B 229 19.68 -15.33 22.17
C ASN B 229 20.49 -16.00 23.27
N CYS B 230 21.53 -16.74 22.89
CA CYS B 230 22.39 -17.45 23.86
C CYS B 230 22.43 -16.76 25.23
N ASN B 231 21.78 -17.41 26.20
CA ASN B 231 21.61 -16.95 27.58
C ASN B 231 20.65 -15.78 27.61
N ASP B 232 19.36 -16.13 27.62
CA ASP B 232 18.28 -15.18 27.63
C ASP B 232 18.13 -14.63 29.04
N ASP B 233 19.19 -14.80 29.83
CA ASP B 233 19.23 -14.30 31.19
C ASP B 233 19.04 -12.79 31.03
N GLN B 234 19.32 -12.31 29.84
CA GLN B 234 19.21 -10.90 29.50
C GLN B 234 19.37 -10.73 27.99
N GLY B 235 18.71 -11.58 27.21
CA GLY B 235 18.80 -11.51 25.77
C GLY B 235 17.79 -10.60 25.09
N VAL B 236 17.72 -10.67 23.76
CA VAL B 236 16.80 -9.82 22.99
C VAL B 236 15.61 -10.60 22.45
N LEU B 237 15.85 -11.83 22.02
CA LEU B 237 14.79 -12.67 21.47
C LEU B 237 14.69 -14.03 22.16
N LEU B 238 13.45 -14.48 22.32
CA LEU B 238 13.20 -15.78 22.92
C LEU B 238 12.85 -16.75 21.79
N GLY B 239 13.61 -17.83 21.67
CA GLY B 239 13.34 -18.79 20.63
C GLY B 239 12.04 -19.54 20.84
N ARG B 240 11.57 -20.20 19.78
CA ARG B 240 10.33 -20.98 19.83
C ARG B 240 10.28 -21.72 18.50
N TRP B 241 10.17 -23.04 18.56
CA TRP B 241 10.15 -23.85 17.35
C TRP B 241 8.94 -24.78 17.18
N ASP B 242 8.20 -25.02 18.27
CA ASP B 242 7.04 -25.92 18.23
C ASP B 242 5.95 -25.53 17.22
N ASN B 243 5.91 -24.25 16.87
CA ASN B 243 4.95 -23.71 15.91
C ASN B 243 3.61 -23.24 16.50
N ASN B 244 3.70 -22.72 17.72
CA ASN B 244 2.54 -22.18 18.42
C ASN B 244 2.99 -20.82 18.95
N TYR B 245 2.82 -19.80 18.13
CA TYR B 245 3.27 -18.47 18.48
C TYR B 245 2.17 -17.48 18.87
N GLY B 246 0.94 -17.96 18.97
CA GLY B 246 -0.21 -17.11 19.29
C GLY B 246 -0.07 -15.95 20.27
N ASP B 247 0.77 -16.13 21.28
CA ASP B 247 0.98 -15.09 22.29
C ASP B 247 2.25 -14.30 22.02
N GLY B 248 2.53 -14.07 20.74
CA GLY B 248 3.71 -13.32 20.35
C GLY B 248 3.70 -13.10 18.86
N VAL B 249 4.89 -12.99 18.26
CA VAL B 249 4.99 -12.79 16.82
C VAL B 249 5.69 -13.94 16.11
N SER B 250 5.01 -14.56 15.17
CA SER B 250 5.58 -15.67 14.40
C SER B 250 6.94 -15.24 13.88
N PRO B 251 7.99 -16.02 14.16
CA PRO B 251 9.34 -15.67 13.69
C PRO B 251 9.33 -15.27 12.21
N MET B 252 8.49 -15.95 11.43
CA MET B 252 8.38 -15.68 10.01
C MET B 252 7.64 -14.38 9.72
N SER B 253 6.99 -13.82 10.73
CA SER B 253 6.24 -12.58 10.54
C SER B 253 7.10 -11.31 10.54
N TRP B 254 8.20 -11.32 11.27
CA TRP B 254 9.09 -10.16 11.32
C TRP B 254 9.60 -9.79 9.94
N ILE B 255 9.75 -8.49 9.69
CA ILE B 255 10.27 -8.05 8.42
C ILE B 255 11.37 -7.00 8.62
N GLY B 256 11.94 -7.00 9.83
CA GLY B 256 12.98 -6.05 10.14
C GLY B 256 13.31 -5.97 11.61
N SER B 257 14.60 -5.97 11.93
CA SER B 257 15.09 -5.91 13.32
C SER B 257 14.63 -4.65 14.08
N VAL B 258 14.38 -3.57 13.36
CA VAL B 258 13.97 -2.32 13.96
C VAL B 258 12.87 -2.45 14.99
N ASP B 259 11.83 -3.22 14.68
CA ASP B 259 10.74 -3.35 15.64
C ASP B 259 11.08 -4.26 16.82
N ILE B 260 11.82 -5.33 16.57
CA ILE B 260 12.20 -6.25 17.64
C ILE B 260 13.07 -5.51 18.68
N LEU B 261 14.03 -4.71 18.22
CA LEU B 261 14.89 -3.94 19.12
C LEU B 261 14.10 -2.99 20.02
N ARG B 262 13.17 -2.25 19.42
CA ARG B 262 12.33 -1.31 20.17
C ARG B 262 11.44 -2.07 21.13
N ARG B 263 10.86 -3.17 20.68
CA ARG B 263 10.00 -3.98 21.53
C ARG B 263 10.82 -4.52 22.69
N TRP B 264 12.13 -4.60 22.49
CA TRP B 264 13.01 -5.09 23.53
C TRP B 264 13.21 -4.05 24.63
N LYS B 265 13.72 -2.89 24.24
CA LYS B 265 13.96 -1.80 25.19
C LYS B 265 12.65 -1.30 25.80
N ASN B 266 11.68 -1.03 24.94
CA ASN B 266 10.37 -0.54 25.35
C ASN B 266 9.69 -1.39 26.41
N HIS B 267 10.05 -2.66 26.49
CA HIS B 267 9.46 -3.53 27.51
C HIS B 267 10.53 -3.80 28.54
N GLY B 268 11.27 -2.75 28.88
CA GLY B 268 12.34 -2.86 29.86
C GLY B 268 13.31 -3.99 29.58
N CYS B 269 13.85 -4.06 28.37
CA CYS B 269 14.81 -5.09 27.99
C CYS B 269 14.39 -6.54 28.25
N GLN B 270 13.13 -6.85 27.92
CA GLN B 270 12.58 -8.19 28.08
C GLN B 270 12.62 -8.91 26.74
N ARG B 271 13.20 -10.11 26.74
CA ARG B 271 13.32 -10.93 25.54
C ARG B 271 12.03 -10.80 24.75
N VAL B 272 12.16 -10.47 23.48
CA VAL B 272 10.99 -10.30 22.62
C VAL B 272 10.38 -11.62 22.20
N LYS B 273 9.05 -11.62 22.11
CA LYS B 273 8.25 -12.78 21.77
C LYS B 273 8.42 -13.52 20.46
N TYR B 274 9.24 -14.56 20.51
CA TYR B 274 9.53 -15.47 19.41
C TYR B 274 10.35 -15.04 18.20
N GLY B 275 11.42 -15.79 17.98
CA GLY B 275 12.33 -15.59 16.88
C GLY B 275 13.04 -16.91 16.60
N GLN B 276 13.76 -16.98 15.49
CA GLN B 276 14.49 -18.20 15.14
C GLN B 276 15.83 -17.85 14.51
N CYS B 277 16.67 -18.86 14.30
CA CYS B 277 18.03 -18.63 13.80
C CYS B 277 18.25 -17.47 12.81
N TRP B 278 17.41 -17.34 11.80
CA TRP B 278 17.60 -16.24 10.86
C TRP B 278 17.21 -14.92 11.50
N VAL B 279 16.25 -14.95 12.41
CA VAL B 279 15.82 -13.73 13.08
C VAL B 279 16.94 -13.28 13.99
N PHE B 280 17.65 -14.24 14.60
CA PHE B 280 18.77 -13.89 15.48
C PHE B 280 19.86 -13.25 14.65
N ALA B 281 20.24 -13.94 13.58
CA ALA B 281 21.28 -13.49 12.67
C ALA B 281 20.98 -12.10 12.11
N ALA B 282 19.71 -11.87 11.81
CA ALA B 282 19.28 -10.60 11.24
C ALA B 282 19.45 -9.44 12.20
N VAL B 283 19.05 -9.59 13.46
CA VAL B 283 19.19 -8.47 14.39
C VAL B 283 20.66 -8.32 14.75
N ALA B 284 21.38 -9.43 14.71
CA ALA B 284 22.82 -9.42 15.00
C ALA B 284 23.51 -8.58 13.95
N CYS B 285 23.07 -8.75 12.70
CA CYS B 285 23.61 -8.00 11.60
C CYS B 285 23.21 -6.54 11.79
N THR B 286 22.01 -6.32 12.32
CA THR B 286 21.53 -4.96 12.55
C THR B 286 22.41 -4.30 13.60
N VAL B 287 22.72 -5.05 14.65
CA VAL B 287 23.57 -4.53 15.71
C VAL B 287 24.99 -4.20 15.20
N LEU B 288 25.72 -5.22 14.77
CA LEU B 288 27.08 -5.02 14.28
C LEU B 288 27.20 -3.92 13.23
N ARG B 289 26.32 -3.93 12.24
CA ARG B 289 26.36 -2.90 11.20
C ARG B 289 26.25 -1.51 11.79
N CYS B 290 25.37 -1.38 12.79
CA CYS B 290 25.18 -0.10 13.45
C CYS B 290 26.53 0.32 14.00
N LEU B 291 27.12 -0.55 14.81
CA LEU B 291 28.40 -0.30 15.44
C LEU B 291 29.58 -0.11 14.49
N GLY B 292 29.40 -0.42 13.21
CA GLY B 292 30.47 -0.22 12.25
C GLY B 292 31.22 -1.43 11.74
N ILE B 293 30.96 -2.60 12.31
CA ILE B 293 31.62 -3.82 11.88
C ILE B 293 30.93 -4.46 10.68
N PRO B 294 31.60 -4.46 9.51
CA PRO B 294 31.02 -5.06 8.30
C PRO B 294 30.46 -6.44 8.57
N THR B 295 29.15 -6.59 8.39
CA THR B 295 28.49 -7.86 8.63
C THR B 295 27.46 -8.15 7.55
N ARG B 296 27.29 -9.44 7.25
CA ARG B 296 26.32 -9.90 6.24
C ARG B 296 25.70 -11.20 6.71
N VAL B 297 24.38 -11.31 6.68
CA VAL B 297 23.78 -12.56 7.13
C VAL B 297 23.86 -13.63 6.02
N VAL B 298 24.30 -14.83 6.41
CA VAL B 298 24.48 -15.94 5.48
C VAL B 298 23.53 -17.09 5.75
N THR B 299 23.18 -17.84 4.71
CA THR B 299 22.29 -18.99 4.83
C THR B 299 22.99 -20.26 4.36
N ASN B 300 22.78 -21.35 5.09
CA ASN B 300 23.39 -22.63 4.75
C ASN B 300 22.28 -23.68 4.65
N TYR B 301 22.22 -24.34 3.50
CA TYR B 301 21.20 -25.37 3.26
C TYR B 301 21.71 -26.75 3.66
N ASN B 302 20.81 -27.57 4.20
CA ASN B 302 21.16 -28.92 4.66
C ASN B 302 22.27 -28.73 5.67
N SER B 303 22.00 -27.92 6.67
CA SER B 303 22.95 -27.62 7.72
C SER B 303 22.86 -28.68 8.79
N ALA B 304 24.00 -29.26 9.15
CA ALA B 304 24.04 -30.28 10.19
C ALA B 304 24.15 -29.58 11.54
N HIS B 305 23.13 -28.78 11.84
CA HIS B 305 23.11 -28.02 13.08
C HIS B 305 22.66 -28.82 14.29
N ASP B 306 23.00 -28.28 15.46
CA ASP B 306 22.69 -28.82 16.77
C ASP B 306 23.42 -30.13 17.07
N GLN B 307 23.99 -30.76 16.06
CA GLN B 307 24.72 -32.00 16.33
C GLN B 307 25.78 -31.54 17.30
N ASN B 308 26.30 -32.46 18.09
CA ASN B 308 27.29 -32.05 19.07
C ASN B 308 28.57 -31.64 18.38
N SER B 309 28.56 -31.71 17.06
CA SER B 309 29.68 -31.36 16.20
C SER B 309 30.18 -32.62 15.52
N ASN B 310 29.55 -33.75 15.85
CA ASN B 310 29.96 -35.01 15.27
C ASN B 310 29.97 -34.96 13.76
N LEU B 311 31.16 -35.09 13.20
CA LEU B 311 31.36 -35.08 11.77
C LEU B 311 30.77 -36.33 11.14
N LEU B 312 30.09 -37.12 11.96
CA LEU B 312 29.42 -38.32 11.47
C LEU B 312 28.09 -38.45 12.21
N ILE B 313 27.02 -38.63 11.45
CA ILE B 313 25.68 -38.74 12.00
C ILE B 313 25.03 -40.01 11.47
N GLU B 314 24.37 -40.74 12.35
CA GLU B 314 23.70 -41.97 11.97
C GLU B 314 22.20 -41.92 12.27
N TYR B 315 21.41 -42.39 11.33
CA TYR B 315 19.96 -42.42 11.48
C TYR B 315 19.50 -43.84 11.22
N PHE B 316 18.49 -44.27 11.97
CA PHE B 316 17.98 -45.62 11.81
C PHE B 316 16.52 -45.51 11.48
N ARG B 317 16.15 -46.07 10.32
CA ARG B 317 14.78 -45.99 9.83
C ARG B 317 14.13 -47.37 9.74
N ASN B 318 12.82 -47.41 9.93
CA ASN B 318 12.05 -48.65 9.82
C ASN B 318 12.04 -49.08 8.35
N GLU B 319 11.26 -50.10 7.98
CA GLU B 319 11.26 -50.51 6.57
C GLU B 319 10.47 -49.54 5.66
N PHE B 320 10.48 -48.27 6.04
CA PHE B 320 9.81 -47.23 5.28
C PHE B 320 10.65 -45.99 5.13
N GLY B 321 11.88 -46.08 5.62
CA GLY B 321 12.78 -44.94 5.53
C GLY B 321 12.40 -43.86 6.50
N GLU B 322 11.47 -44.19 7.38
CA GLU B 322 11.05 -43.23 8.38
C GLU B 322 12.02 -43.24 9.56
N ILE B 323 12.82 -42.19 9.67
CA ILE B 323 13.80 -42.10 10.76
C ILE B 323 13.17 -42.57 12.05
N GLN B 324 13.35 -43.86 12.33
CA GLN B 324 12.82 -44.48 13.53
C GLN B 324 13.52 -43.80 14.69
N GLY B 325 14.76 -43.40 14.43
CA GLY B 325 15.59 -42.72 15.42
C GLY B 325 14.92 -42.16 16.65
N ASP B 326 15.02 -40.84 16.83
CA ASP B 326 14.47 -40.10 17.96
C ASP B 326 15.63 -39.62 18.83
N LYS B 327 15.41 -38.55 19.59
CA LYS B 327 16.47 -37.99 20.43
C LYS B 327 17.58 -37.51 19.51
N SER B 328 17.54 -37.98 18.27
CA SER B 328 18.51 -37.63 17.24
C SER B 328 17.98 -36.40 16.51
N GLU B 329 18.88 -35.45 16.24
CA GLU B 329 18.54 -34.21 15.55
C GLU B 329 18.56 -34.41 14.03
N MET B 330 17.54 -33.88 13.36
CA MET B 330 17.43 -33.98 11.91
C MET B 330 18.32 -32.92 11.28
N ILE B 331 18.69 -33.11 10.03
CA ILE B 331 19.51 -32.12 9.35
C ILE B 331 18.56 -30.99 9.03
N TRP B 332 18.98 -29.77 9.35
CA TRP B 332 18.19 -28.58 9.11
C TRP B 332 18.05 -28.27 7.63
N ASN B 333 16.86 -27.89 7.21
CA ASN B 333 16.64 -27.54 5.80
C ASN B 333 17.61 -26.42 5.47
N PHE B 334 17.72 -25.50 6.42
CA PHE B 334 18.62 -24.37 6.30
C PHE B 334 18.75 -23.74 7.66
N HIS B 335 19.96 -23.27 7.96
CA HIS B 335 20.25 -22.61 9.22
C HIS B 335 20.97 -21.34 8.84
N CYS B 336 20.80 -20.29 9.64
CA CYS B 336 21.44 -19.02 9.34
C CYS B 336 22.34 -18.50 10.44
N TRP B 337 23.40 -17.81 10.01
CA TRP B 337 24.34 -17.17 10.92
C TRP B 337 24.86 -15.97 10.16
N VAL B 338 25.73 -15.17 10.75
CA VAL B 338 26.27 -14.02 10.03
C VAL B 338 27.79 -14.15 9.91
N GLU B 339 28.37 -13.23 9.15
CA GLU B 339 29.81 -13.18 8.95
C GLU B 339 30.21 -11.73 9.14
N SER B 340 31.32 -11.52 9.83
CA SER B 340 31.82 -10.18 10.05
C SER B 340 33.27 -10.04 9.66
N TRP B 341 33.53 -8.94 8.98
CA TRP B 341 34.83 -8.58 8.45
C TRP B 341 35.71 -7.89 9.47
N MET B 342 36.85 -8.52 9.79
CA MET B 342 37.76 -7.95 10.76
C MET B 342 39.10 -8.68 10.72
N THR B 343 40.12 -8.07 11.28
CA THR B 343 41.44 -8.69 11.34
C THR B 343 41.51 -9.54 12.60
N ARG B 344 42.38 -10.55 12.64
CA ARG B 344 42.47 -11.36 13.84
C ARG B 344 43.81 -11.31 14.57
N PRO B 345 44.07 -10.20 15.27
CA PRO B 345 45.29 -9.96 16.03
C PRO B 345 45.34 -10.84 17.28
N ASP B 346 44.92 -12.09 17.12
CA ASP B 346 44.91 -13.03 18.22
C ASP B 346 45.04 -14.43 17.66
N LEU B 347 45.41 -14.48 16.39
CA LEU B 347 45.57 -15.74 15.70
C LEU B 347 46.77 -15.69 14.75
N GLN B 348 47.34 -16.85 14.45
CA GLN B 348 48.47 -16.97 13.56
C GLN B 348 48.15 -16.30 12.22
N PRO B 349 48.61 -15.06 12.02
CA PRO B 349 48.39 -14.25 10.81
C PRO B 349 48.01 -15.00 9.54
N GLY B 350 47.08 -14.42 8.79
CA GLY B 350 46.60 -15.03 7.57
C GLY B 350 45.13 -15.36 7.73
N TYR B 351 44.58 -15.08 8.91
CA TYR B 351 43.18 -15.37 9.18
C TYR B 351 42.30 -14.14 9.33
N GLU B 352 42.68 -13.05 8.63
CA GLU B 352 41.90 -11.81 8.67
C GLU B 352 40.81 -12.00 7.62
N GLY B 353 39.69 -11.30 7.78
CA GLY B 353 38.62 -11.43 6.82
C GLY B 353 37.31 -11.83 7.45
N TRP B 354 36.58 -12.68 6.76
CA TRP B 354 35.27 -13.12 7.25
C TRP B 354 35.30 -14.08 8.43
N GLN B 355 34.75 -13.59 9.55
CA GLN B 355 34.66 -14.37 10.78
C GLN B 355 33.19 -14.80 10.90
N ALA B 356 32.96 -16.10 11.04
CA ALA B 356 31.60 -16.61 11.14
C ALA B 356 31.06 -16.56 12.57
N LEU B 357 30.02 -15.77 12.77
CA LEU B 357 29.39 -15.65 14.10
C LEU B 357 27.99 -16.23 14.07
N ASP B 358 27.70 -17.16 14.96
CA ASP B 358 26.37 -17.77 15.00
C ASP B 358 25.64 -17.38 16.28
N PRO B 359 24.58 -16.54 16.18
CA PRO B 359 23.83 -16.13 17.35
C PRO B 359 22.76 -17.13 17.78
N THR B 360 22.85 -18.35 17.24
CA THR B 360 21.90 -19.41 17.57
C THR B 360 22.57 -20.43 18.49
N PRO B 361 22.06 -20.56 19.73
CA PRO B 361 22.62 -21.50 20.68
C PRO B 361 22.42 -22.93 20.24
N GLN B 362 23.42 -23.77 20.42
CA GLN B 362 23.28 -25.17 20.06
C GLN B 362 23.93 -26.01 21.12
N GLU B 363 23.26 -27.09 21.50
CA GLU B 363 23.79 -27.98 22.52
C GLU B 363 25.20 -28.38 22.11
N LYS B 364 26.18 -27.95 22.92
CA LYS B 364 27.59 -28.22 22.64
C LYS B 364 28.19 -29.36 23.50
N SER B 365 29.49 -29.62 23.32
CA SER B 365 30.18 -30.69 24.05
C SER B 365 30.28 -30.47 25.57
N GLU B 366 29.44 -29.59 26.10
CA GLU B 366 29.43 -29.26 27.51
C GLU B 366 28.03 -28.79 27.93
N GLY B 367 27.54 -27.75 27.27
CA GLY B 367 26.22 -27.20 27.56
C GLY B 367 25.48 -26.51 26.41
N THR B 368 25.00 -25.28 26.64
CA THR B 368 24.25 -24.57 25.61
C THR B 368 24.53 -23.08 25.38
N TYR B 369 25.47 -22.80 24.49
CA TYR B 369 25.81 -21.42 24.15
C TYR B 369 25.97 -21.34 22.64
N CYS B 370 26.33 -20.17 22.12
CA CYS B 370 26.52 -20.02 20.69
C CYS B 370 27.99 -19.99 20.28
N CYS B 371 28.24 -19.88 18.98
CA CYS B 371 29.61 -19.92 18.49
C CYS B 371 30.17 -18.70 17.77
N GLY B 372 31.44 -18.80 17.41
CA GLY B 372 32.14 -17.74 16.70
C GLY B 372 32.66 -16.64 17.59
N PRO B 373 33.45 -15.69 17.05
CA PRO B 373 33.85 -15.65 15.65
C PRO B 373 35.00 -16.59 15.31
N VAL B 374 34.90 -17.25 14.17
CA VAL B 374 35.95 -18.15 13.72
C VAL B 374 36.25 -17.80 12.26
N PRO B 375 37.55 -17.76 11.89
CA PRO B 375 37.87 -17.42 10.52
C PRO B 375 37.28 -18.43 9.54
N VAL B 376 36.64 -17.93 8.49
CA VAL B 376 36.06 -18.83 7.53
C VAL B 376 37.17 -19.58 6.80
N ARG B 377 38.23 -18.86 6.44
CA ARG B 377 39.37 -19.45 5.75
C ARG B 377 39.82 -20.65 6.60
N ALA B 378 39.57 -20.55 7.90
CA ALA B 378 39.94 -21.61 8.82
C ALA B 378 39.02 -22.81 8.60
N ILE B 379 37.73 -22.56 8.56
CA ILE B 379 36.78 -23.63 8.36
C ILE B 379 37.01 -24.28 6.99
N LYS B 380 37.66 -23.56 6.08
CA LYS B 380 37.90 -24.12 4.77
C LYS B 380 39.13 -25.02 4.76
N GLU B 381 40.12 -24.67 5.57
CA GLU B 381 41.35 -25.45 5.64
C GLU B 381 41.22 -26.71 6.47
N GLY B 382 40.35 -26.67 7.47
CA GLY B 382 40.19 -27.82 8.32
C GLY B 382 40.96 -27.56 9.60
N ASP B 383 41.41 -26.31 9.75
CA ASP B 383 42.16 -25.86 10.91
C ASP B 383 41.22 -25.75 12.11
N LEU B 384 40.57 -26.87 12.45
CA LEU B 384 39.62 -26.92 13.55
C LEU B 384 40.15 -26.41 14.87
N SER B 385 41.44 -26.13 14.95
CA SER B 385 42.01 -25.63 16.20
C SER B 385 41.95 -24.13 16.37
N THR B 386 41.56 -23.40 15.31
CA THR B 386 41.47 -21.96 15.42
C THR B 386 40.40 -21.55 16.42
N LYS B 387 40.74 -20.57 17.25
CA LYS B 387 39.84 -20.09 18.28
C LYS B 387 38.43 -19.70 17.86
N TYR B 388 37.49 -20.15 18.70
CA TYR B 388 36.07 -19.90 18.62
C TYR B 388 35.16 -20.84 17.87
N ASP B 389 34.98 -22.00 18.48
CA ASP B 389 34.08 -23.01 17.98
C ASP B 389 34.30 -23.49 16.55
N ALA B 390 35.53 -23.46 16.08
CA ALA B 390 35.84 -23.91 14.73
C ALA B 390 35.21 -25.27 14.39
N PRO B 391 35.31 -26.23 15.32
CA PRO B 391 34.77 -27.58 15.12
C PRO B 391 33.28 -27.64 14.77
N PHE B 392 32.48 -26.81 15.42
CA PHE B 392 31.04 -26.78 15.16
C PHE B 392 30.73 -26.30 13.76
N VAL B 393 31.23 -25.11 13.41
CA VAL B 393 31.02 -24.53 12.08
C VAL B 393 31.49 -25.49 11.00
N PHE B 394 32.44 -26.35 11.31
CA PHE B 394 32.95 -27.30 10.33
C PHE B 394 31.93 -28.39 10.02
N ALA B 395 31.36 -28.97 11.09
CA ALA B 395 30.37 -30.03 10.95
C ALA B 395 29.06 -29.46 10.43
N GLU B 396 28.88 -28.17 10.67
CA GLU B 396 27.70 -27.43 10.24
C GLU B 396 27.64 -27.51 8.72
N VAL B 397 28.83 -27.51 8.11
CA VAL B 397 28.97 -27.54 6.66
C VAL B 397 29.53 -28.84 6.07
N ASN B 398 30.28 -29.60 6.87
CA ASN B 398 30.89 -30.85 6.39
C ASN B 398 30.47 -32.13 7.09
N ALA B 399 29.41 -32.10 7.88
CA ALA B 399 28.99 -33.31 8.55
C ALA B 399 28.78 -34.41 7.53
N ASP B 400 28.90 -35.65 7.98
CA ASP B 400 28.69 -36.79 7.09
C ASP B 400 27.47 -37.49 7.65
N VAL B 401 26.64 -38.08 6.80
CA VAL B 401 25.43 -38.76 7.27
C VAL B 401 25.28 -40.17 6.70
N VAL B 402 24.82 -41.09 7.54
CA VAL B 402 24.60 -42.46 7.10
C VAL B 402 23.21 -42.89 7.46
N ASP B 403 22.46 -43.38 6.47
CA ASP B 403 21.10 -43.80 6.73
C ASP B 403 20.97 -45.31 6.80
N TRP B 404 20.73 -45.81 8.01
CA TRP B 404 20.57 -47.25 8.23
C TRP B 404 19.11 -47.63 8.19
N ILE B 405 18.83 -48.82 7.67
CA ILE B 405 17.46 -49.29 7.61
C ILE B 405 17.32 -50.57 8.43
N GLN B 406 16.43 -50.53 9.42
CA GLN B 406 16.19 -51.67 10.30
C GLN B 406 15.65 -52.89 9.62
N GLN B 407 16.29 -54.02 9.87
CA GLN B 407 15.85 -55.27 9.27
C GLN B 407 14.80 -55.80 10.23
N ASP B 408 13.63 -56.16 9.70
CA ASP B 408 12.55 -56.69 10.52
C ASP B 408 12.91 -58.10 10.98
N ASP B 409 14.17 -58.30 11.35
CA ASP B 409 14.66 -59.60 11.77
C ASP B 409 16.10 -59.50 12.26
N GLY B 410 16.41 -58.42 12.98
CA GLY B 410 17.76 -58.28 13.47
C GLY B 410 18.40 -56.91 13.27
N SER B 411 19.64 -56.91 12.78
CA SER B 411 20.38 -55.67 12.56
C SER B 411 19.92 -54.85 11.37
N VAL B 412 20.52 -53.66 11.27
CA VAL B 412 20.22 -52.69 10.23
C VAL B 412 21.13 -52.89 9.02
N HIS B 413 20.67 -52.42 7.87
CA HIS B 413 21.40 -52.54 6.61
C HIS B 413 21.65 -51.14 6.03
N LYS B 414 22.91 -50.83 5.73
CA LYS B 414 23.28 -49.52 5.18
C LYS B 414 22.62 -49.26 3.84
N SER B 415 22.08 -48.05 3.69
CA SER B 415 21.41 -47.70 2.44
C SER B 415 22.13 -46.62 1.66
N ILE B 416 21.83 -46.55 0.36
CA ILE B 416 22.44 -45.54 -0.50
C ILE B 416 21.51 -44.34 -0.55
N ASN B 417 22.00 -43.19 -0.11
CA ASN B 417 21.20 -41.97 -0.15
C ASN B 417 21.97 -40.86 -0.83
N ARG B 418 22.13 -40.97 -2.15
CA ARG B 418 22.87 -39.98 -2.91
C ARG B 418 22.15 -38.64 -3.02
N SER B 419 20.97 -38.53 -2.42
CA SER B 419 20.19 -37.30 -2.51
C SER B 419 20.36 -36.32 -1.37
N LEU B 420 21.36 -36.54 -0.50
CA LEU B 420 21.58 -35.62 0.61
C LEU B 420 23.00 -35.06 0.62
N ILE B 421 23.12 -33.77 0.90
CA ILE B 421 24.42 -33.12 0.93
C ILE B 421 24.43 -32.06 2.01
N VAL B 422 25.37 -32.17 2.94
CA VAL B 422 25.48 -31.20 4.01
C VAL B 422 26.34 -30.03 3.54
N GLY B 423 25.79 -28.81 3.62
CA GLY B 423 26.52 -27.64 3.17
C GLY B 423 26.21 -27.36 1.70
N LEU B 424 25.01 -26.86 1.44
CA LEU B 424 24.56 -26.56 0.08
C LEU B 424 24.30 -25.09 -0.15
N LYS B 425 24.46 -24.67 -1.40
CA LYS B 425 24.20 -23.30 -1.81
C LYS B 425 24.38 -22.21 -0.74
N ILE B 426 25.43 -22.31 0.06
CA ILE B 426 25.68 -21.31 1.10
C ILE B 426 25.59 -19.93 0.46
N SER B 427 24.56 -19.19 0.82
CA SER B 427 24.33 -17.90 0.19
C SER B 427 24.12 -16.69 1.07
N THR B 428 24.27 -15.52 0.44
CA THR B 428 24.09 -14.21 1.06
C THR B 428 23.90 -13.23 -0.09
N LYS B 429 23.26 -12.08 0.20
CA LYS B 429 22.99 -11.06 -0.81
C LYS B 429 24.26 -10.62 -1.53
N SER B 430 24.09 -10.16 -2.76
CA SER B 430 25.22 -9.68 -3.56
C SER B 430 25.56 -8.25 -3.16
N VAL B 431 26.83 -7.91 -3.31
CA VAL B 431 27.26 -6.58 -2.95
C VAL B 431 26.83 -5.58 -4.01
N GLY B 432 25.92 -4.67 -3.63
CA GLY B 432 25.47 -3.65 -4.54
C GLY B 432 24.35 -4.02 -5.47
N ARG B 433 23.88 -5.26 -5.36
CA ARG B 433 22.79 -5.71 -6.22
C ARG B 433 21.80 -6.56 -5.44
N ASP B 434 20.74 -6.98 -6.13
CA ASP B 434 19.71 -7.80 -5.50
C ASP B 434 19.87 -9.30 -5.78
N GLU B 435 20.82 -9.67 -6.64
CA GLU B 435 21.01 -11.08 -6.92
C GLU B 435 21.59 -11.74 -5.70
N ARG B 436 21.64 -13.06 -5.74
CA ARG B 436 22.17 -13.86 -4.66
C ARG B 436 23.62 -14.23 -4.97
N GLU B 437 24.48 -14.27 -3.95
CA GLU B 437 25.88 -14.65 -4.17
C GLU B 437 26.21 -15.95 -3.45
N ASP B 438 26.50 -17.00 -4.21
CA ASP B 438 26.82 -18.26 -3.60
C ASP B 438 28.25 -18.18 -3.09
N ILE B 439 28.41 -18.28 -1.78
CA ILE B 439 29.73 -18.22 -1.18
C ILE B 439 30.10 -19.58 -0.60
N THR B 440 29.58 -20.65 -1.21
CA THR B 440 29.87 -22.00 -0.72
C THR B 440 31.33 -22.32 -0.91
N HIS B 441 31.95 -21.70 -1.92
CA HIS B 441 33.36 -21.93 -2.21
C HIS B 441 34.29 -21.35 -1.16
N THR B 442 33.77 -20.49 -0.29
CA THR B 442 34.59 -19.89 0.73
C THR B 442 34.63 -20.77 1.99
N TYR B 443 33.83 -21.83 2.00
CA TYR B 443 33.78 -22.74 3.13
C TYR B 443 34.35 -24.13 2.79
N LYS B 444 34.16 -24.56 1.56
CA LYS B 444 34.63 -25.89 1.19
C LYS B 444 35.42 -25.89 -0.12
N TYR B 445 36.44 -26.73 -0.20
CA TYR B 445 37.19 -26.83 -1.43
C TYR B 445 36.34 -27.75 -2.30
N PRO B 446 36.52 -27.68 -3.63
CA PRO B 446 35.74 -28.53 -4.54
C PRO B 446 35.91 -29.97 -4.16
N GLU B 447 34.85 -30.77 -4.33
CA GLU B 447 34.94 -32.19 -3.98
C GLU B 447 35.95 -32.87 -4.89
N GLY B 448 36.60 -33.92 -4.38
CA GLY B 448 37.57 -34.63 -5.17
C GLY B 448 38.97 -34.04 -5.07
N SER B 449 39.05 -32.72 -5.27
CA SER B 449 40.32 -32.00 -5.22
C SER B 449 41.28 -32.46 -4.14
N SER B 450 42.52 -32.02 -4.26
CA SER B 450 43.56 -32.35 -3.32
C SER B 450 43.44 -31.49 -2.07
N GLU B 451 43.12 -30.22 -2.29
CA GLU B 451 42.95 -29.27 -1.20
C GLU B 451 41.85 -29.75 -0.27
N GLU B 452 40.88 -30.46 -0.82
CA GLU B 452 39.79 -30.98 -0.01
C GLU B 452 40.31 -32.13 0.85
N ARG B 453 41.21 -32.92 0.29
CA ARG B 453 41.76 -34.06 1.01
C ARG B 453 42.67 -33.57 2.13
N GLU B 454 43.55 -32.63 1.83
CA GLU B 454 44.44 -32.14 2.86
C GLU B 454 43.67 -31.35 3.91
N ALA B 455 42.47 -30.90 3.57
CA ALA B 455 41.65 -30.15 4.51
C ALA B 455 40.94 -31.09 5.49
N PHE B 456 40.33 -32.14 4.94
CA PHE B 456 39.62 -33.13 5.72
C PHE B 456 40.62 -33.89 6.57
N THR B 457 41.89 -33.57 6.36
CA THR B 457 42.94 -34.23 7.12
C THR B 457 43.28 -33.42 8.36
N ARG B 458 43.32 -32.09 8.22
CA ARG B 458 43.60 -31.21 9.36
C ARG B 458 42.39 -31.35 10.28
N ALA B 459 41.37 -32.05 9.78
CA ALA B 459 40.14 -32.22 10.53
C ALA B 459 39.82 -33.67 10.88
N ASN B 460 40.67 -34.61 10.44
CA ASN B 460 40.45 -36.04 10.71
C ASN B 460 39.11 -36.49 10.18
N HIS B 461 38.62 -35.77 9.16
CA HIS B 461 37.34 -36.07 8.55
C HIS B 461 37.53 -36.83 7.25
N LEU B 462 38.58 -37.67 7.20
CA LEU B 462 38.84 -38.45 6.00
C LEU B 462 37.86 -39.61 5.86
N ASN B 463 36.58 -39.32 6.10
CA ASN B 463 35.53 -40.32 5.98
C ASN B 463 34.81 -39.97 4.69
N LYS B 464 35.35 -40.44 3.58
CA LYS B 464 34.80 -40.17 2.26
C LYS B 464 35.36 -41.06 1.16
N LEU B 465 34.85 -42.28 1.05
CA LEU B 465 35.28 -43.23 0.02
C LEU B 465 34.04 -43.76 -0.69
N ALA B 466 33.27 -42.85 -1.28
CA ALA B 466 32.03 -43.15 -1.99
C ALA B 466 31.88 -44.57 -2.54
N GLU B 467 30.63 -45.06 -2.56
CA GLU B 467 30.31 -46.38 -3.07
C GLU B 467 29.97 -46.25 -4.57
N LYS B 468 30.98 -45.86 -5.36
CA LYS B 468 30.84 -45.66 -6.81
C LYS B 468 30.43 -46.95 -7.54
N GLU B 469 30.11 -47.99 -6.77
CA GLU B 469 29.72 -49.27 -7.36
C GLU B 469 28.20 -49.49 -7.40
N GLU B 470 27.50 -49.14 -6.32
CA GLU B 470 26.05 -49.30 -6.23
C GLU B 470 25.56 -50.60 -6.84
N THR B 471 24.24 -50.76 -7.01
CA THR B 471 23.73 -51.99 -7.62
C THR B 471 22.96 -51.69 -8.90
N GLY B 472 23.52 -50.79 -9.71
CA GLY B 472 22.91 -50.43 -10.98
C GLY B 472 21.65 -49.60 -10.94
N MET B 473 21.30 -49.04 -9.78
CA MET B 473 20.11 -48.22 -9.69
C MET B 473 20.27 -46.90 -8.93
N ALA B 474 19.48 -45.90 -9.35
CA ALA B 474 19.49 -44.58 -8.74
C ALA B 474 18.06 -44.07 -8.63
N MET B 475 17.83 -43.16 -7.69
CA MET B 475 16.51 -42.58 -7.50
C MET B 475 16.62 -41.16 -6.96
N ARG B 476 15.73 -40.30 -7.43
CA ARG B 476 15.71 -38.90 -7.01
C ARG B 476 14.27 -38.42 -7.11
N ILE B 477 13.92 -37.38 -6.34
CA ILE B 477 12.56 -36.86 -6.37
C ILE B 477 12.47 -35.68 -7.33
N ARG B 478 11.51 -35.74 -8.25
CA ARG B 478 11.30 -34.68 -9.22
C ARG B 478 9.97 -33.98 -8.90
N VAL B 479 9.88 -32.69 -9.17
CA VAL B 479 8.66 -31.94 -8.88
C VAL B 479 7.91 -31.52 -10.12
N GLY B 480 8.50 -31.75 -11.29
CA GLY B 480 7.84 -31.36 -12.52
C GLY B 480 8.03 -29.86 -12.68
N GLN B 481 7.12 -29.07 -12.13
CA GLN B 481 7.25 -27.61 -12.17
C GLN B 481 6.97 -27.05 -10.77
N SER B 482 6.94 -25.72 -10.66
CA SER B 482 6.69 -25.04 -9.39
C SER B 482 5.25 -25.26 -8.88
N MET B 483 5.11 -25.57 -7.60
CA MET B 483 3.79 -25.76 -7.00
C MET B 483 3.55 -24.64 -5.99
N ASN B 484 2.34 -24.10 -5.99
CA ASN B 484 2.01 -22.99 -5.11
C ASN B 484 1.25 -23.38 -3.86
N MET B 485 1.38 -22.53 -2.85
CA MET B 485 0.74 -22.70 -1.57
C MET B 485 -0.76 -22.53 -1.75
N GLY B 486 -1.50 -23.61 -1.52
CA GLY B 486 -2.94 -23.54 -1.66
C GLY B 486 -3.51 -24.49 -2.69
N SER B 487 -2.65 -25.22 -3.37
CA SER B 487 -3.15 -26.13 -4.39
C SER B 487 -2.66 -27.57 -4.22
N ASP B 488 -3.08 -28.41 -5.15
CA ASP B 488 -2.69 -29.81 -5.17
C ASP B 488 -1.61 -29.88 -6.23
N PHE B 489 -0.76 -30.89 -6.18
CA PHE B 489 0.29 -31.00 -7.16
C PHE B 489 0.92 -32.37 -7.06
N ASP B 490 1.73 -32.74 -8.05
CA ASP B 490 2.37 -34.02 -8.02
C ASP B 490 3.89 -33.93 -7.93
N VAL B 491 4.46 -34.91 -7.24
CA VAL B 491 5.90 -35.03 -7.08
C VAL B 491 6.14 -36.43 -7.59
N PHE B 492 7.33 -36.70 -8.12
CA PHE B 492 7.59 -38.03 -8.66
C PHE B 492 8.86 -38.67 -8.13
N ALA B 493 8.81 -39.99 -7.98
CA ALA B 493 9.95 -40.77 -7.54
C ALA B 493 10.55 -41.24 -8.84
N HIS B 494 11.68 -40.69 -9.23
CA HIS B 494 12.28 -41.09 -10.49
C HIS B 494 13.31 -42.19 -10.30
N ILE B 495 12.97 -43.38 -10.75
CA ILE B 495 13.85 -44.54 -10.64
C ILE B 495 14.54 -44.81 -11.96
N THR B 496 15.86 -44.91 -11.93
CA THR B 496 16.66 -45.20 -13.11
C THR B 496 17.30 -46.56 -12.91
N ASN B 497 17.21 -47.41 -13.94
CA ASN B 497 17.76 -48.75 -13.88
C ASN B 497 18.69 -49.01 -15.06
N ASN B 498 19.97 -48.71 -14.89
CA ASN B 498 20.90 -48.97 -15.97
C ASN B 498 21.51 -50.35 -15.78
N THR B 499 20.70 -51.38 -15.98
CA THR B 499 21.17 -52.74 -15.82
C THR B 499 20.45 -53.69 -16.75
N ALA B 500 21.08 -54.83 -17.01
CA ALA B 500 20.52 -55.86 -17.86
C ALA B 500 19.34 -56.50 -17.14
N GLU B 501 19.46 -56.57 -15.82
CA GLU B 501 18.46 -57.16 -14.94
C GLU B 501 17.15 -56.39 -14.92
N GLU B 502 16.03 -57.11 -14.86
CA GLU B 502 14.73 -56.45 -14.80
C GLU B 502 14.12 -56.70 -13.42
N TYR B 503 14.60 -55.95 -12.44
CA TYR B 503 14.17 -56.08 -11.04
C TYR B 503 12.68 -55.89 -10.73
N VAL B 504 12.34 -56.28 -9.50
CA VAL B 504 11.00 -56.15 -8.94
C VAL B 504 11.26 -55.64 -7.54
N CYS B 505 10.76 -54.43 -7.26
CA CYS B 505 11.00 -53.80 -5.98
C CYS B 505 9.79 -53.48 -5.14
N ARG B 506 10.09 -52.79 -4.05
CA ARG B 506 9.13 -52.31 -3.08
C ARG B 506 9.52 -50.85 -3.00
N LEU B 507 8.65 -49.97 -3.48
CA LEU B 507 8.93 -48.54 -3.42
C LEU B 507 8.01 -47.91 -2.40
N LEU B 508 8.60 -47.29 -1.37
CA LEU B 508 7.78 -46.67 -0.35
C LEU B 508 7.89 -45.16 -0.49
N LEU B 509 6.75 -44.49 -0.67
CA LEU B 509 6.72 -43.05 -0.82
C LEU B 509 5.95 -42.35 0.32
N CYS B 510 6.62 -41.45 1.01
CA CYS B 510 5.99 -40.73 2.11
C CYS B 510 6.32 -39.23 2.10
N ALA B 511 5.28 -38.42 2.06
CA ALA B 511 5.41 -36.97 2.08
C ALA B 511 4.90 -36.40 3.41
N ARG B 512 5.61 -35.44 3.98
CA ARG B 512 5.20 -34.86 5.26
C ARG B 512 5.59 -33.40 5.39
N THR B 513 4.72 -32.60 6.02
CA THR B 513 5.00 -31.20 6.20
C THR B 513 6.06 -31.02 7.28
N VAL B 514 7.16 -30.36 6.92
CA VAL B 514 8.27 -30.13 7.84
C VAL B 514 8.45 -28.66 8.17
N SER B 515 9.18 -28.39 9.24
CA SER B 515 9.48 -27.03 9.69
C SER B 515 10.89 -26.76 9.16
N TYR B 516 11.30 -25.49 9.13
CA TYR B 516 12.61 -25.19 8.59
C TYR B 516 13.79 -25.90 9.24
N ASN B 517 13.59 -26.51 10.40
CA ASN B 517 14.69 -27.20 11.05
C ASN B 517 14.60 -28.72 11.08
N GLY B 518 13.64 -29.29 10.36
CA GLY B 518 13.54 -30.74 10.30
C GLY B 518 12.45 -31.42 11.09
N ILE B 519 11.78 -30.68 11.95
CA ILE B 519 10.71 -31.24 12.75
C ILE B 519 9.60 -31.74 11.81
N LEU B 520 9.59 -33.05 11.55
CA LEU B 520 8.61 -33.67 10.67
C LEU B 520 7.20 -33.74 11.25
N GLY B 521 6.23 -33.23 10.49
CA GLY B 521 4.85 -33.27 10.94
C GLY B 521 4.16 -34.50 10.37
N PRO B 522 2.82 -34.55 10.46
CA PRO B 522 2.02 -35.68 9.95
C PRO B 522 2.15 -35.84 8.44
N GLU B 523 2.05 -37.08 7.95
CA GLU B 523 2.14 -37.37 6.52
C GLU B 523 0.97 -36.73 5.74
N CYS B 524 1.29 -36.09 4.62
CA CYS B 524 0.28 -35.43 3.80
C CYS B 524 0.19 -36.08 2.43
N GLY B 525 0.59 -37.36 2.37
CA GLY B 525 0.54 -38.08 1.12
C GLY B 525 1.45 -39.29 1.18
N THR B 526 0.93 -40.45 0.82
CA THR B 526 1.70 -41.68 0.84
C THR B 526 1.23 -42.68 -0.20
N LYS B 527 2.18 -43.37 -0.82
CA LYS B 527 1.88 -44.38 -1.83
C LYS B 527 2.91 -45.48 -1.67
N TYR B 528 2.46 -46.73 -1.67
CA TYR B 528 3.36 -47.87 -1.52
C TYR B 528 3.07 -48.93 -2.58
N LEU B 529 4.05 -49.20 -3.42
CA LEU B 529 3.91 -50.22 -4.44
C LEU B 529 4.83 -51.34 -4.00
N LEU B 530 4.28 -52.55 -3.85
CA LEU B 530 5.08 -53.69 -3.41
C LEU B 530 5.53 -54.62 -4.54
N ASN B 531 5.10 -54.32 -5.77
CA ASN B 531 5.46 -55.11 -6.93
C ASN B 531 5.76 -54.19 -8.11
N LEU B 532 6.74 -53.32 -7.93
CA LEU B 532 7.13 -52.39 -8.98
C LEU B 532 8.06 -53.13 -9.95
N ASN B 533 7.76 -53.01 -11.24
CA ASN B 533 8.56 -53.65 -12.27
C ASN B 533 9.50 -52.64 -12.88
N LEU B 534 10.80 -52.90 -12.76
CA LEU B 534 11.80 -52.00 -13.33
C LEU B 534 12.53 -52.63 -14.50
N GLU B 535 11.88 -52.64 -15.65
CA GLU B 535 12.44 -53.22 -16.86
C GLU B 535 13.88 -52.74 -17.07
N PRO B 536 14.72 -53.55 -17.73
CA PRO B 536 16.12 -53.27 -18.02
C PRO B 536 16.35 -51.94 -18.73
N PHE B 537 17.50 -51.34 -18.47
CA PHE B 537 17.88 -50.06 -19.09
C PHE B 537 16.78 -49.06 -19.31
N SER B 538 15.86 -48.94 -18.35
CA SER B 538 14.76 -48.00 -18.48
C SER B 538 14.67 -47.13 -17.23
N GLU B 539 13.65 -46.27 -17.19
CA GLU B 539 13.41 -45.38 -16.06
C GLU B 539 11.92 -45.40 -15.77
N LYS B 540 11.57 -45.43 -14.48
CA LYS B 540 10.16 -45.45 -14.08
C LYS B 540 9.84 -44.20 -13.28
N SER B 541 8.67 -43.63 -13.50
CA SER B 541 8.28 -42.43 -12.77
C SER B 541 7.00 -42.69 -11.99
N VAL B 542 7.11 -42.69 -10.67
CA VAL B 542 5.96 -42.95 -9.82
C VAL B 542 5.47 -41.68 -9.15
N PRO B 543 4.20 -41.33 -9.38
CA PRO B 543 3.50 -40.15 -8.87
C PRO B 543 3.03 -40.22 -7.42
N LEU B 544 2.99 -39.05 -6.78
CA LEU B 544 2.52 -38.91 -5.41
C LEU B 544 1.71 -37.62 -5.36
N CYS B 545 0.40 -37.73 -5.20
CA CYS B 545 -0.44 -36.55 -5.16
C CYS B 545 -0.54 -35.90 -3.77
N ILE B 546 0.02 -34.71 -3.67
CA ILE B 546 0.01 -33.96 -2.42
C ILE B 546 -1.15 -32.99 -2.49
N LEU B 547 -2.18 -33.28 -1.70
CA LEU B 547 -3.40 -32.47 -1.65
C LEU B 547 -3.32 -31.35 -0.64
N TYR B 548 -3.89 -30.20 -1.01
CA TYR B 548 -3.91 -29.04 -0.12
C TYR B 548 -4.67 -29.47 1.10
N GLU B 549 -5.82 -30.06 0.84
CA GLU B 549 -6.70 -30.53 1.89
C GLU B 549 -5.97 -31.41 2.89
N LYS B 550 -4.86 -32.03 2.48
CA LYS B 550 -4.13 -32.91 3.39
C LYS B 550 -2.81 -32.44 3.99
N TYR B 551 -2.40 -31.20 3.71
CA TYR B 551 -1.15 -30.69 4.28
C TYR B 551 -1.38 -29.33 4.88
N ARG B 552 -2.56 -28.77 4.60
CA ARG B 552 -2.92 -27.43 5.07
C ARG B 552 -2.94 -27.26 6.59
N ASP B 553 -3.40 -28.28 7.31
CA ASP B 553 -3.45 -28.17 8.75
C ASP B 553 -2.12 -28.02 9.46
N CYS B 554 -1.12 -28.81 9.08
CA CYS B 554 0.17 -28.73 9.75
C CYS B 554 1.36 -28.13 8.98
N LEU B 555 1.13 -27.11 8.17
CA LEU B 555 2.21 -26.50 7.43
C LEU B 555 2.71 -25.29 8.21
N THR B 556 4.03 -25.09 8.21
CA THR B 556 4.65 -23.96 8.89
C THR B 556 4.71 -22.76 7.97
N GLU B 557 5.01 -21.60 8.55
CA GLU B 557 5.11 -20.38 7.77
C GLU B 557 6.15 -20.48 6.67
N SER B 558 6.97 -21.52 6.75
CA SER B 558 8.03 -21.72 5.77
C SER B 558 7.62 -22.53 4.57
N ASN B 559 6.34 -22.87 4.49
CA ASN B 559 5.79 -23.65 3.37
C ASN B 559 6.68 -24.80 2.91
N LEU B 560 7.12 -25.62 3.86
CA LEU B 560 7.99 -26.74 3.54
C LEU B 560 7.30 -28.08 3.69
N ILE B 561 7.50 -28.96 2.71
CA ILE B 561 6.96 -30.32 2.73
C ILE B 561 8.09 -31.29 2.30
N LYS B 562 8.40 -32.28 3.12
CA LYS B 562 9.48 -33.22 2.77
C LYS B 562 8.95 -34.52 2.18
N VAL B 563 9.43 -34.83 0.98
CA VAL B 563 9.02 -36.05 0.32
C VAL B 563 10.12 -37.07 0.51
N ARG B 564 9.74 -38.31 0.83
CA ARG B 564 10.70 -39.37 1.07
C ARG B 564 10.35 -40.63 0.28
N ALA B 565 11.37 -41.30 -0.26
CA ALA B 565 11.11 -42.51 -1.02
C ALA B 565 12.17 -43.56 -0.72
N LEU B 566 11.70 -44.79 -0.51
CA LEU B 566 12.60 -45.89 -0.23
C LEU B 566 12.35 -46.96 -1.27
N LEU B 567 13.41 -47.35 -1.96
CA LEU B 567 13.32 -48.37 -2.99
C LEU B 567 14.03 -49.60 -2.46
N VAL B 568 13.27 -50.68 -2.27
CA VAL B 568 13.82 -51.92 -1.77
C VAL B 568 13.87 -53.01 -2.83
N GLU B 569 15.01 -53.67 -2.91
CA GLU B 569 15.24 -54.74 -3.87
C GLU B 569 15.50 -55.98 -3.04
N PRO B 570 14.47 -56.81 -2.81
CA PRO B 570 14.56 -58.05 -2.02
C PRO B 570 15.77 -58.97 -2.31
N VAL B 571 15.90 -59.43 -3.56
CA VAL B 571 17.00 -60.30 -3.97
C VAL B 571 18.33 -59.89 -3.30
N ILE B 572 19.10 -59.05 -3.96
CA ILE B 572 20.38 -58.58 -3.43
C ILE B 572 20.19 -57.80 -2.12
N ASN B 573 18.95 -57.72 -1.65
CA ASN B 573 18.59 -56.99 -0.43
C ASN B 573 19.23 -55.59 -0.40
N SER B 574 18.81 -54.73 -1.33
CA SER B 574 19.35 -53.37 -1.44
C SER B 574 18.36 -52.26 -1.13
N TYR B 575 18.82 -51.28 -0.36
CA TYR B 575 17.99 -50.13 0.01
C TYR B 575 18.55 -48.87 -0.60
N LEU B 576 17.67 -48.15 -1.30
CA LEU B 576 18.03 -46.90 -1.95
C LEU B 576 17.11 -45.84 -1.39
N LEU B 577 17.69 -44.82 -0.75
CA LEU B 577 16.94 -43.75 -0.13
C LEU B 577 17.02 -42.45 -0.89
N ALA B 578 15.91 -41.71 -0.90
CA ALA B 578 15.86 -40.44 -1.58
C ALA B 578 14.82 -39.55 -0.91
N GLU B 579 15.25 -38.37 -0.46
CA GLU B 579 14.34 -37.44 0.18
C GLU B 579 14.57 -36.10 -0.46
N ARG B 580 13.58 -35.21 -0.40
CA ARG B 580 13.71 -33.87 -0.95
C ARG B 580 12.74 -32.93 -0.23
N ASP B 581 13.18 -31.69 -0.02
CA ASP B 581 12.35 -30.70 0.65
C ASP B 581 11.76 -29.74 -0.38
N LEU B 582 10.43 -29.72 -0.48
CA LEU B 582 9.71 -28.85 -1.41
C LEU B 582 9.34 -27.52 -0.76
N TYR B 583 9.25 -26.46 -1.55
CA TYR B 583 8.84 -25.15 -1.04
C TYR B 583 7.62 -24.69 -1.80
N LEU B 584 6.50 -24.58 -1.12
CA LEU B 584 5.27 -24.14 -1.76
C LEU B 584 5.30 -22.63 -1.94
N GLU B 585 5.30 -22.21 -3.21
CA GLU B 585 5.36 -20.79 -3.58
C GLU B 585 4.17 -19.94 -3.12
N ASN B 586 4.48 -18.83 -2.43
CA ASN B 586 3.44 -17.93 -1.94
C ASN B 586 2.93 -17.05 -3.05
N PRO B 587 1.76 -16.43 -2.87
CA PRO B 587 1.24 -15.56 -3.93
C PRO B 587 2.10 -14.30 -3.93
N GLU B 588 2.40 -13.75 -5.09
CA GLU B 588 3.22 -12.54 -5.16
C GLU B 588 2.46 -11.35 -4.59
N ILE B 589 3.18 -10.26 -4.31
CA ILE B 589 2.53 -9.06 -3.80
C ILE B 589 2.81 -7.91 -4.78
N LYS B 590 1.78 -7.46 -5.48
CA LYS B 590 1.95 -6.37 -6.43
C LYS B 590 2.13 -5.06 -5.67
N ILE B 591 3.11 -4.27 -6.10
CA ILE B 591 3.39 -3.00 -5.46
C ILE B 591 3.53 -1.88 -6.48
N ARG B 592 2.73 -0.83 -6.31
CA ARG B 592 2.77 0.30 -7.22
C ARG B 592 3.11 1.53 -6.41
N ILE B 593 4.01 2.35 -6.95
CA ILE B 593 4.38 3.58 -6.28
C ILE B 593 3.69 4.71 -7.03
N LEU B 594 2.63 5.23 -6.41
CA LEU B 594 1.85 6.29 -7.01
C LEU B 594 2.44 7.64 -6.66
N GLY B 595 2.48 8.52 -7.65
CA GLY B 595 3.01 9.84 -7.43
C GLY B 595 4.50 9.91 -7.68
N GLU B 596 5.10 11.04 -7.35
CA GLU B 596 6.54 11.26 -7.53
C GLU B 596 7.34 11.03 -6.25
N PRO B 597 8.36 10.17 -6.33
CA PRO B 597 9.22 9.85 -5.20
C PRO B 597 10.18 10.98 -4.89
N LYS B 598 9.67 12.00 -4.20
CA LYS B 598 10.47 13.13 -3.81
C LYS B 598 10.73 13.10 -2.32
N GLN B 599 11.83 13.71 -1.90
CA GLN B 599 12.19 13.75 -0.49
C GLN B 599 11.21 14.63 0.27
N LYS B 600 10.97 14.31 1.54
CA LYS B 600 10.03 15.07 2.37
C LYS B 600 8.81 15.44 1.53
N ARG B 601 8.09 14.43 1.09
CA ARG B 601 6.91 14.61 0.26
C ARG B 601 6.06 13.37 0.45
N LYS B 602 4.74 13.52 0.34
CA LYS B 602 3.85 12.39 0.50
C LYS B 602 4.18 11.36 -0.58
N LEU B 603 3.83 10.11 -0.32
CA LEU B 603 4.08 9.03 -1.24
C LEU B 603 3.09 7.96 -0.92
N VAL B 604 2.55 7.32 -1.94
CA VAL B 604 1.59 6.27 -1.71
C VAL B 604 2.00 4.93 -2.31
N ALA B 605 1.74 3.86 -1.56
CA ALA B 605 2.09 2.55 -2.03
C ALA B 605 0.85 1.68 -2.03
N GLU B 606 0.49 1.19 -3.20
CA GLU B 606 -0.67 0.34 -3.35
C GLU B 606 -0.16 -1.10 -3.39
N VAL B 607 -0.65 -1.94 -2.50
CA VAL B 607 -0.23 -3.33 -2.46
C VAL B 607 -1.42 -4.25 -2.65
N SER B 608 -1.29 -5.19 -3.58
CA SER B 608 -2.34 -6.15 -3.82
C SER B 608 -1.79 -7.54 -3.58
N LEU B 609 -2.69 -8.51 -3.47
CA LEU B 609 -2.32 -9.90 -3.22
C LEU B 609 -3.55 -10.61 -3.74
N GLN B 610 -3.41 -11.77 -4.37
CA GLN B 610 -4.60 -12.46 -4.85
C GLN B 610 -4.76 -13.82 -4.18
N ASN B 611 -5.72 -13.92 -3.26
CA ASN B 611 -5.97 -15.14 -2.50
C ASN B 611 -5.90 -16.41 -3.35
N PRO B 612 -4.86 -17.23 -3.12
CA PRO B 612 -4.60 -18.49 -3.83
C PRO B 612 -5.30 -19.71 -3.25
N LEU B 613 -5.82 -19.59 -2.02
CA LEU B 613 -6.49 -20.71 -1.41
C LEU B 613 -7.86 -20.96 -2.03
N PRO B 614 -8.44 -22.15 -1.77
CA PRO B 614 -9.75 -22.52 -2.30
C PRO B 614 -10.83 -22.00 -1.34
N VAL B 615 -10.37 -21.55 -0.17
CA VAL B 615 -11.25 -21.03 0.87
C VAL B 615 -10.99 -19.54 1.04
N ALA B 616 -11.93 -18.84 1.67
CA ALA B 616 -11.77 -17.41 1.87
C ALA B 616 -10.65 -17.09 2.86
N LEU B 617 -10.32 -15.81 2.94
CA LEU B 617 -9.28 -15.31 3.82
C LEU B 617 -9.90 -14.31 4.79
N GLU B 618 -9.65 -14.46 6.09
CA GLU B 618 -10.21 -13.55 7.08
C GLU B 618 -9.14 -12.85 7.91
N GLY B 619 -9.47 -11.65 8.39
CA GLY B 619 -8.51 -10.90 9.19
C GLY B 619 -7.21 -10.61 8.48
N CYS B 620 -7.31 -10.24 7.21
CA CYS B 620 -6.15 -9.96 6.40
C CYS B 620 -5.48 -8.66 6.83
N THR B 621 -4.16 -8.72 6.98
CA THR B 621 -3.39 -7.54 7.38
C THR B 621 -2.13 -7.31 6.57
N PHE B 622 -1.94 -6.07 6.18
CA PHE B 622 -0.75 -5.66 5.42
C PHE B 622 0.12 -4.81 6.35
N THR B 623 1.40 -5.13 6.39
CA THR B 623 2.32 -4.39 7.24
C THR B 623 3.50 -3.93 6.38
N VAL B 624 3.87 -2.67 6.55
CA VAL B 624 4.96 -2.10 5.79
C VAL B 624 6.02 -1.47 6.68
N GLU B 625 7.27 -1.56 6.22
CA GLU B 625 8.40 -1.02 6.96
C GLU B 625 9.49 -0.67 5.93
N GLY B 626 10.55 0.00 6.37
CA GLY B 626 11.62 0.36 5.46
C GLY B 626 12.35 1.64 5.83
N ALA B 627 13.56 1.48 6.39
CA ALA B 627 14.36 2.63 6.80
C ALA B 627 14.69 3.56 5.65
N GLY B 628 14.06 4.73 5.63
CA GLY B 628 14.29 5.68 4.56
C GLY B 628 12.96 6.10 3.97
N LEU B 629 11.96 5.21 4.08
CA LEU B 629 10.62 5.50 3.57
C LEU B 629 9.64 5.88 4.68
N THR B 630 9.80 5.29 5.87
CA THR B 630 8.92 5.62 7.01
C THR B 630 9.66 5.55 8.31
N GLU B 631 9.22 6.37 9.25
CA GLU B 631 9.83 6.42 10.57
C GLU B 631 9.24 5.27 11.39
N GLU B 632 7.94 5.07 11.22
CA GLU B 632 7.23 4.02 11.93
C GLU B 632 6.63 3.00 10.98
N GLN B 633 6.38 1.81 11.50
CA GLN B 633 5.79 0.71 10.74
C GLN B 633 4.38 1.16 10.37
N LYS B 634 3.84 0.62 9.29
CA LYS B 634 2.50 0.97 8.88
C LYS B 634 1.69 -0.31 8.71
N THR B 635 0.52 -0.36 9.35
CA THR B 635 -0.34 -1.53 9.25
C THR B 635 -1.76 -1.17 8.88
N VAL B 636 -2.31 -1.91 7.92
CA VAL B 636 -3.69 -1.71 7.49
C VAL B 636 -4.40 -3.04 7.65
N GLU B 637 -5.65 -2.97 8.09
CA GLU B 637 -6.45 -4.18 8.28
C GLU B 637 -7.58 -4.23 7.26
N ILE B 638 -7.69 -5.35 6.55
CA ILE B 638 -8.76 -5.52 5.57
C ILE B 638 -9.95 -6.05 6.34
N PRO B 639 -10.95 -5.20 6.60
CA PRO B 639 -12.19 -5.48 7.34
C PRO B 639 -12.98 -6.74 6.99
N ASP B 640 -13.21 -6.99 5.71
CA ASP B 640 -13.98 -8.16 5.30
C ASP B 640 -13.12 -9.27 4.73
N PRO B 641 -13.63 -10.50 4.75
CA PRO B 641 -12.86 -11.62 4.21
C PRO B 641 -12.65 -11.53 2.70
N VAL B 642 -11.58 -12.18 2.22
CA VAL B 642 -11.25 -12.22 0.80
C VAL B 642 -11.60 -13.60 0.29
N GLU B 643 -12.65 -13.67 -0.53
CA GLU B 643 -13.09 -14.96 -1.06
C GLU B 643 -12.00 -15.65 -1.85
N ALA B 644 -12.23 -16.93 -2.18
CA ALA B 644 -11.26 -17.74 -2.91
C ALA B 644 -10.59 -17.03 -4.09
N GLY B 645 -11.38 -16.54 -5.03
CA GLY B 645 -10.77 -15.86 -6.16
C GLY B 645 -10.24 -14.48 -5.83
N GLU B 646 -11.12 -13.66 -5.27
CA GLU B 646 -10.84 -12.28 -4.88
C GLU B 646 -9.40 -11.89 -4.57
N GLU B 647 -9.07 -10.65 -4.93
CA GLU B 647 -7.76 -10.09 -4.68
C GLU B 647 -7.96 -9.08 -3.54
N VAL B 648 -6.87 -8.68 -2.90
CA VAL B 648 -6.96 -7.70 -1.82
C VAL B 648 -6.10 -6.55 -2.30
N LYS B 649 -6.47 -5.34 -1.93
CA LYS B 649 -5.69 -4.19 -2.33
C LYS B 649 -5.82 -3.14 -1.25
N VAL B 650 -4.82 -2.30 -1.13
CA VAL B 650 -4.84 -1.26 -0.11
C VAL B 650 -3.70 -0.31 -0.38
N ARG B 651 -3.81 0.91 0.13
CA ARG B 651 -2.78 1.92 -0.08
C ARG B 651 -2.23 2.35 1.26
N MET B 652 -1.01 2.88 1.26
CA MET B 652 -0.38 3.31 2.49
C MET B 652 0.41 4.57 2.23
N ASP B 653 0.04 5.62 2.93
CA ASP B 653 0.69 6.90 2.77
C ASP B 653 2.00 6.87 3.54
N LEU B 654 3.10 7.11 2.85
CA LEU B 654 4.40 7.12 3.47
C LEU B 654 4.99 8.48 3.24
N LEU B 655 5.97 8.84 4.08
CA LEU B 655 6.64 10.13 3.97
C LEU B 655 8.15 9.93 3.98
N PRO B 656 8.74 9.60 2.81
CA PRO B 656 10.17 9.38 2.68
C PRO B 656 10.91 10.58 3.25
N LEU B 657 11.87 10.33 4.12
CA LEU B 657 12.62 11.43 4.70
C LEU B 657 14.02 11.51 4.10
N HIS B 658 14.63 10.36 3.87
CA HIS B 658 15.96 10.34 3.28
C HIS B 658 15.85 10.02 1.78
N MET B 659 16.70 10.65 0.98
CA MET B 659 16.68 10.38 -0.45
C MET B 659 17.49 9.11 -0.71
N GLY B 660 17.86 8.88 -1.95
CA GLY B 660 18.63 7.69 -2.28
C GLY B 660 17.78 6.46 -2.58
N LEU B 661 18.39 5.28 -2.43
CA LEU B 661 17.67 4.04 -2.68
C LEU B 661 17.18 3.49 -1.36
N HIS B 662 16.00 2.89 -1.39
CA HIS B 662 15.40 2.32 -0.19
C HIS B 662 14.50 1.16 -0.59
N LYS B 663 14.57 0.08 0.16
CA LYS B 663 13.74 -1.07 -0.16
C LYS B 663 12.56 -1.08 0.80
N LEU B 664 11.37 -1.07 0.23
CA LEU B 664 10.17 -1.12 1.04
C LEU B 664 9.77 -2.57 1.26
N VAL B 665 9.82 -3.04 2.49
CA VAL B 665 9.44 -4.42 2.75
C VAL B 665 8.01 -4.45 3.26
N VAL B 666 7.24 -5.47 2.85
CA VAL B 666 5.86 -5.58 3.30
C VAL B 666 5.59 -7.01 3.67
N ASN B 667 4.63 -7.22 4.57
CA ASN B 667 4.25 -8.57 4.99
C ASN B 667 2.74 -8.66 5.07
N PHE B 668 2.19 -9.72 4.48
CA PHE B 668 0.74 -9.93 4.49
C PHE B 668 0.41 -11.06 5.47
N GLU B 669 -0.55 -10.79 6.35
CA GLU B 669 -0.97 -11.75 7.36
C GLU B 669 -2.48 -12.01 7.24
N SER B 670 -2.89 -13.25 7.48
CA SER B 670 -4.30 -13.63 7.43
C SER B 670 -4.48 -14.91 8.22
N ASP B 671 -5.73 -15.35 8.42
CA ASP B 671 -5.99 -16.57 9.16
C ASP B 671 -5.51 -17.87 8.47
N LYS B 672 -5.65 -17.95 7.15
CA LYS B 672 -5.25 -19.14 6.40
C LYS B 672 -3.98 -18.95 5.57
N LEU B 673 -3.45 -17.73 5.54
CA LEU B 673 -2.27 -17.45 4.74
C LEU B 673 -1.37 -16.48 5.48
N LYS B 674 -0.42 -17.00 6.25
CA LYS B 674 0.45 -16.12 7.02
C LYS B 674 1.84 -15.93 6.46
N ALA B 675 2.44 -14.80 6.85
CA ALA B 675 3.79 -14.42 6.46
C ALA B 675 4.14 -14.51 4.99
N VAL B 676 3.37 -13.85 4.14
CA VAL B 676 3.72 -13.83 2.73
C VAL B 676 4.42 -12.49 2.57
N LYS B 677 5.65 -12.52 2.05
CA LYS B 677 6.45 -11.32 1.89
C LYS B 677 6.33 -10.55 0.58
N GLY B 678 6.93 -9.37 0.58
CA GLY B 678 6.93 -8.52 -0.59
C GLY B 678 7.92 -7.38 -0.38
N PHE B 679 8.37 -6.79 -1.46
CA PHE B 679 9.30 -5.68 -1.35
C PHE B 679 9.41 -4.92 -2.68
N ARG B 680 9.85 -3.67 -2.62
CA ARG B 680 9.98 -2.82 -3.80
C ARG B 680 11.10 -1.81 -3.65
N ASN B 681 11.94 -1.70 -4.67
CA ASN B 681 13.03 -0.74 -4.63
C ASN B 681 12.51 0.62 -5.01
N VAL B 682 12.79 1.60 -4.15
CA VAL B 682 12.32 2.95 -4.35
C VAL B 682 13.46 3.97 -4.26
N ILE B 683 13.62 4.77 -5.32
CA ILE B 683 14.65 5.80 -5.37
C ILE B 683 13.98 7.13 -5.03
N ILE B 684 14.37 7.74 -3.91
CA ILE B 684 13.81 9.01 -3.49
C ILE B 684 14.73 10.17 -3.90
N GLY B 685 14.22 11.08 -4.71
CA GLY B 685 15.03 12.20 -5.14
C GLY B 685 14.84 13.47 -4.34
N PRO B 686 15.36 14.60 -4.84
CA PRO B 686 15.28 15.92 -4.20
C PRO B 686 13.85 16.48 -4.25
N ALA B 687 13.48 17.22 -3.21
CA ALA B 687 12.15 17.82 -3.18
C ALA B 687 12.16 19.08 -4.06
N LEU B 688 13.32 19.76 -4.06
CA LEU B 688 13.55 20.99 -4.83
C LEU B 688 13.24 22.25 -4.02
N GLU C 4 4.46 55.70 -29.43
CA GLU C 4 5.66 55.03 -28.87
C GLU C 4 5.98 53.73 -29.65
N LEU C 5 6.98 52.98 -29.19
CA LEU C 5 7.35 51.72 -29.84
C LEU C 5 7.90 50.74 -28.80
N VAL C 6 7.39 49.52 -28.82
CA VAL C 6 7.82 48.49 -27.89
C VAL C 6 9.30 48.12 -28.06
N LEU C 7 10.00 47.98 -26.93
CA LEU C 7 11.42 47.66 -26.93
C LEU C 7 11.76 46.16 -27.08
N GLU C 8 11.93 45.47 -25.97
CA GLU C 8 12.25 44.02 -25.96
C GLU C 8 13.72 43.68 -26.23
N ARG C 9 14.49 43.52 -25.16
CA ARG C 9 15.91 43.19 -25.25
C ARG C 9 16.21 41.85 -24.56
N CYS C 10 15.42 40.82 -24.89
CA CYS C 10 15.58 39.49 -24.28
C CYS C 10 14.35 38.62 -24.54
N ASP C 11 14.45 37.35 -24.16
CA ASP C 11 13.35 36.40 -24.33
C ASP C 11 13.67 35.01 -23.75
N LEU C 12 13.60 34.90 -22.42
CA LEU C 12 13.91 33.66 -21.69
C LEU C 12 12.87 32.57 -21.95
N GLU C 13 13.31 31.32 -21.86
CA GLU C 13 12.44 30.15 -22.10
C GLU C 13 12.42 29.26 -20.88
N LEU C 14 13.33 29.55 -19.95
CA LEU C 14 13.50 28.81 -18.72
C LEU C 14 13.65 27.28 -18.85
N GLU C 15 14.26 26.70 -17.83
CA GLU C 15 14.51 25.26 -17.78
C GLU C 15 13.47 24.60 -16.88
N THR C 16 12.68 25.44 -16.19
CA THR C 16 11.64 24.96 -15.33
C THR C 16 10.58 24.38 -16.25
N ASN C 17 10.73 24.64 -17.55
CA ASN C 17 9.82 24.12 -18.57
C ASN C 17 10.21 22.68 -18.80
N GLY C 18 11.51 22.45 -18.82
CA GLY C 18 12.02 21.10 -19.01
C GLY C 18 11.50 20.19 -17.91
N ARG C 19 11.67 20.58 -16.65
CA ARG C 19 11.20 19.76 -15.55
C ARG C 19 9.69 19.55 -15.64
N ASP C 20 8.99 20.60 -16.07
CA ASP C 20 7.54 20.57 -16.19
C ASP C 20 7.01 19.66 -17.30
N HIS C 21 7.69 19.62 -18.43
CA HIS C 21 7.25 18.77 -19.54
C HIS C 21 7.98 17.43 -19.62
N HIS C 22 8.73 17.11 -18.58
CA HIS C 22 9.49 15.87 -18.53
C HIS C 22 10.37 15.82 -19.77
N THR C 23 11.10 16.91 -20.01
CA THR C 23 11.99 17.01 -21.16
C THR C 23 13.28 17.71 -20.75
N ALA C 24 13.62 17.63 -19.47
CA ALA C 24 14.80 18.29 -18.93
C ALA C 24 16.07 17.89 -19.68
N ASP C 25 16.34 16.59 -19.78
CA ASP C 25 17.52 16.09 -20.47
C ASP C 25 17.55 16.56 -21.91
N LEU C 26 16.38 16.52 -22.54
CA LEU C 26 16.18 16.94 -23.93
C LEU C 26 16.30 18.45 -24.08
N CYS C 27 16.31 19.17 -22.95
CA CYS C 27 16.40 20.63 -22.96
C CYS C 27 17.80 21.18 -22.86
N ARG C 28 18.48 21.18 -23.99
CA ARG C 28 19.83 21.71 -24.08
C ARG C 28 19.86 22.56 -25.34
N GLU C 29 20.15 23.86 -25.18
CA GLU C 29 20.22 24.79 -26.31
C GLU C 29 19.10 24.67 -27.33
N LYS C 30 17.86 24.78 -26.85
CA LYS C 30 16.66 24.71 -27.67
C LYS C 30 15.56 24.08 -26.81
N LEU C 31 14.48 24.84 -26.61
CA LEU C 31 13.37 24.38 -25.81
C LEU C 31 12.61 23.22 -26.43
N VAL C 32 12.29 22.25 -25.59
CA VAL C 32 11.52 21.08 -26.01
C VAL C 32 10.41 20.96 -24.97
N VAL C 33 9.17 20.81 -25.46
CA VAL C 33 7.98 20.68 -24.62
C VAL C 33 7.02 19.63 -25.18
N ARG C 34 5.99 19.30 -24.42
CA ARG C 34 5.01 18.32 -24.87
C ARG C 34 3.65 18.97 -25.04
N ARG C 35 3.07 18.73 -26.21
CA ARG C 35 1.77 19.28 -26.57
C ARG C 35 0.69 19.10 -25.51
N GLY C 36 -0.31 19.97 -25.54
CA GLY C 36 -1.41 19.89 -24.60
C GLY C 36 -1.09 20.38 -23.21
N GLN C 37 0.07 21.03 -23.06
CA GLN C 37 0.47 21.55 -21.77
C GLN C 37 1.07 22.92 -21.96
N PRO C 38 0.95 23.79 -20.95
CA PRO C 38 1.48 25.15 -21.02
C PRO C 38 2.91 25.28 -20.53
N PHE C 39 3.62 26.29 -21.07
CA PHE C 39 4.99 26.55 -20.67
C PHE C 39 5.31 28.03 -20.46
N TRP C 40 6.09 28.31 -19.42
CA TRP C 40 6.51 29.67 -19.08
C TRP C 40 7.19 30.31 -20.27
N LEU C 41 7.25 31.63 -20.26
CA LEU C 41 7.88 32.38 -21.33
C LEU C 41 8.00 33.83 -20.90
N THR C 42 9.08 34.16 -20.18
CA THR C 42 9.28 35.54 -19.72
C THR C 42 9.88 36.41 -20.83
N LEU C 43 9.40 37.64 -20.95
CA LEU C 43 9.86 38.60 -21.95
C LEU C 43 10.44 39.81 -21.24
N HIS C 44 11.57 40.30 -21.73
CA HIS C 44 12.21 41.45 -21.13
C HIS C 44 12.30 42.63 -22.10
N PHE C 45 11.67 43.74 -21.76
CA PHE C 45 11.73 44.93 -22.60
C PHE C 45 12.63 45.92 -21.88
N GLU C 46 13.19 46.88 -22.61
CA GLU C 46 14.05 47.86 -21.96
C GLU C 46 13.25 49.13 -21.68
N GLY C 47 13.60 49.83 -20.60
CA GLY C 47 12.89 51.04 -20.26
C GLY C 47 11.41 50.80 -19.99
N ARG C 48 10.61 50.74 -21.06
CA ARG C 48 9.18 50.53 -20.92
C ARG C 48 8.73 49.07 -20.91
N ASN C 49 7.72 48.79 -20.08
CA ASN C 49 7.15 47.45 -19.95
C ASN C 49 6.08 47.30 -21.05
N TYR C 50 5.09 46.44 -20.81
CA TYR C 50 4.02 46.24 -21.77
C TYR C 50 2.87 47.19 -21.43
N GLU C 51 2.29 47.81 -22.44
CA GLU C 51 1.18 48.73 -22.22
C GLU C 51 -0.08 48.14 -22.86
N ALA C 52 -0.88 47.46 -22.05
CA ALA C 52 -2.11 46.86 -22.54
C ALA C 52 -2.91 47.88 -23.31
N SER C 53 -2.80 49.13 -22.86
CA SER C 53 -3.49 50.27 -23.46
C SER C 53 -3.30 50.34 -24.98
N VAL C 54 -2.18 50.93 -25.36
CA VAL C 54 -1.80 51.14 -26.76
C VAL C 54 -1.13 49.95 -27.44
N ASP C 55 -0.39 49.14 -26.67
CA ASP C 55 0.31 47.97 -27.21
C ASP C 55 -0.63 46.79 -27.49
N SER C 56 -0.50 46.22 -28.69
CA SER C 56 -1.33 45.09 -29.10
C SER C 56 -0.49 44.01 -29.81
N LEU C 57 0.08 43.07 -29.05
CA LEU C 57 0.91 42.02 -29.63
C LEU C 57 0.24 40.65 -29.74
N THR C 58 0.33 40.07 -30.93
CA THR C 58 -0.25 38.75 -31.23
C THR C 58 0.88 37.76 -31.55
N PHE C 59 0.72 36.52 -31.12
CA PHE C 59 1.73 35.51 -31.39
C PHE C 59 1.40 34.69 -32.62
N SER C 60 2.38 33.93 -33.09
CA SER C 60 2.21 33.11 -34.27
C SER C 60 3.31 32.05 -34.35
N VAL C 61 2.93 30.83 -34.75
CA VAL C 61 3.89 29.72 -34.86
C VAL C 61 3.64 28.86 -36.09
N VAL C 62 4.71 28.53 -36.79
CA VAL C 62 4.62 27.67 -37.97
C VAL C 62 5.55 26.48 -37.76
N THR C 63 5.25 25.37 -38.42
CA THR C 63 6.09 24.19 -38.27
C THR C 63 6.56 23.57 -39.59
N GLY C 64 5.63 23.01 -40.36
CA GLY C 64 6.01 22.39 -41.63
C GLY C 64 6.90 23.27 -42.50
N PRO C 65 7.51 22.72 -43.55
CA PRO C 65 8.36 23.55 -44.40
C PRO C 65 7.39 24.38 -45.22
N ALA C 66 6.11 24.00 -45.11
CA ALA C 66 4.98 24.64 -45.78
C ALA C 66 3.85 24.79 -44.76
N PRO C 67 3.98 25.72 -43.80
CA PRO C 67 2.98 25.96 -42.77
C PRO C 67 1.56 26.04 -43.32
N SER C 68 0.60 26.24 -42.42
CA SER C 68 -0.80 26.31 -42.81
C SER C 68 -1.74 26.42 -41.61
N GLN C 69 -2.72 27.31 -41.74
CA GLN C 69 -3.71 27.53 -40.70
C GLN C 69 -4.64 26.34 -40.70
N GLU C 70 -4.99 25.90 -41.90
CA GLU C 70 -5.89 24.79 -42.10
C GLU C 70 -5.26 23.43 -41.87
N ALA C 71 -3.97 23.30 -42.19
CA ALA C 71 -3.29 22.03 -42.04
C ALA C 71 -2.77 21.81 -40.63
N GLY C 72 -3.25 22.63 -39.70
CA GLY C 72 -2.81 22.51 -38.33
C GLY C 72 -1.29 22.54 -38.22
N THR C 73 -0.61 23.21 -39.16
CA THR C 73 0.85 23.28 -39.16
C THR C 73 1.35 24.72 -39.00
N LYS C 74 0.41 25.64 -38.77
CA LYS C 74 0.70 27.06 -38.55
C LYS C 74 -0.50 27.69 -37.85
N ALA C 75 -0.22 28.57 -36.90
CA ALA C 75 -1.29 29.23 -36.16
C ALA C 75 -0.80 30.47 -35.43
N ARG C 76 -1.60 31.53 -35.50
CA ARG C 76 -1.30 32.79 -34.85
C ARG C 76 -2.41 33.01 -33.84
N PHE C 77 -2.08 33.60 -32.69
CA PHE C 77 -3.09 33.82 -31.65
C PHE C 77 -2.84 35.04 -30.76
N PRO C 78 -3.92 35.69 -30.33
CA PRO C 78 -3.91 36.87 -29.48
C PRO C 78 -3.25 36.66 -28.13
N LEU C 79 -2.85 37.76 -27.51
CA LEU C 79 -2.25 37.69 -26.18
C LEU C 79 -3.28 38.30 -25.24
N ARG C 80 -3.83 37.47 -24.34
CA ARG C 80 -4.84 37.94 -23.39
C ARG C 80 -4.51 37.47 -21.98
N ASP C 81 -5.51 37.53 -21.09
CA ASP C 81 -5.34 37.04 -19.73
C ASP C 81 -6.62 36.30 -19.39
N ALA C 82 -7.31 35.91 -20.47
CA ALA C 82 -8.54 35.15 -20.39
C ALA C 82 -8.11 33.70 -20.56
N VAL C 83 -8.30 33.17 -21.77
CA VAL C 83 -7.92 31.79 -22.06
C VAL C 83 -8.54 31.34 -23.38
N GLY C 86 -10.43 26.31 -28.83
CA GLY C 86 -9.61 27.30 -29.50
C GLY C 86 -8.14 26.98 -29.41
N ASP C 87 -7.84 26.01 -28.51
CA ASP C 87 -6.51 25.50 -28.22
C ASP C 87 -5.15 26.25 -28.20
N TRP C 88 -4.81 26.93 -29.29
CA TRP C 88 -3.56 27.67 -29.33
C TRP C 88 -3.72 29.01 -28.63
N THR C 89 -3.43 29.05 -27.34
CA THR C 89 -3.57 30.25 -26.52
C THR C 89 -2.24 30.86 -26.08
N ALA C 90 -2.30 32.03 -25.48
CA ALA C 90 -1.14 32.74 -24.96
C ALA C 90 -1.74 33.78 -24.03
N THR C 91 -1.31 33.79 -22.77
CA THR C 91 -1.87 34.73 -21.81
C THR C 91 -0.83 35.28 -20.85
N VAL C 92 -1.09 36.48 -20.32
CA VAL C 92 -0.18 37.12 -19.37
C VAL C 92 -0.42 36.58 -17.96
N VAL C 93 0.60 35.94 -17.40
CA VAL C 93 0.48 35.37 -16.06
C VAL C 93 1.05 36.31 -15.00
N ASP C 94 1.82 37.30 -15.43
CA ASP C 94 2.40 38.29 -14.53
C ASP C 94 3.19 39.27 -15.38
N GLN C 95 3.75 40.29 -14.74
CA GLN C 95 4.51 41.32 -15.44
C GLN C 95 4.91 42.41 -14.45
N GLN C 96 6.21 42.67 -14.36
CA GLN C 96 6.69 43.68 -13.43
C GLN C 96 8.05 44.22 -13.87
N ASP C 97 8.30 45.50 -13.57
CA ASP C 97 9.55 46.14 -13.94
C ASP C 97 9.58 46.43 -15.44
N CYS C 98 10.02 45.45 -16.21
CA CYS C 98 10.11 45.58 -17.66
C CYS C 98 9.82 44.20 -18.25
N THR C 99 9.88 43.20 -17.39
CA THR C 99 9.65 41.82 -17.78
C THR C 99 8.14 41.55 -17.95
N LEU C 100 7.82 40.55 -18.76
CA LEU C 100 6.43 40.16 -19.02
C LEU C 100 6.33 38.66 -19.23
N SER C 101 6.06 37.90 -18.18
CA SER C 101 5.96 36.45 -18.30
C SER C 101 4.58 36.00 -18.78
N LEU C 102 4.57 35.17 -19.81
CA LEU C 102 3.33 34.66 -20.37
C LEU C 102 3.22 33.16 -20.16
N GLN C 103 2.20 32.58 -20.77
CA GLN C 103 1.96 31.15 -20.70
C GLN C 103 1.23 30.70 -21.94
N LEU C 104 1.93 29.98 -22.80
CA LEU C 104 1.34 29.48 -24.01
C LEU C 104 0.82 28.07 -23.82
N THR C 105 -0.19 27.72 -24.59
CA THR C 105 -0.80 26.43 -24.51
C THR C 105 -0.98 25.85 -25.90
N THR C 106 -0.56 24.61 -26.06
CA THR C 106 -0.69 23.93 -27.34
C THR C 106 -1.85 22.96 -27.28
N PRO C 107 -2.32 22.54 -28.46
CA PRO C 107 -3.44 21.59 -28.46
C PRO C 107 -2.90 20.22 -28.04
N ALA C 108 -3.79 19.28 -27.77
CA ALA C 108 -3.34 17.94 -27.39
C ALA C 108 -3.37 17.09 -28.64
N ASN C 109 -3.23 17.75 -29.78
CA ASN C 109 -3.22 17.06 -31.07
C ASN C 109 -2.43 17.92 -32.05
N ALA C 110 -1.71 18.88 -31.51
CA ALA C 110 -0.87 19.75 -32.31
C ALA C 110 0.18 18.84 -32.92
N PRO C 111 0.47 19.01 -34.22
CA PRO C 111 1.48 18.15 -34.82
C PRO C 111 2.83 18.36 -34.15
N ILE C 112 3.63 17.31 -34.08
CA ILE C 112 4.94 17.39 -33.44
C ILE C 112 6.02 17.77 -34.45
N GLY C 113 7.02 18.49 -33.95
CA GLY C 113 8.11 18.91 -34.80
C GLY C 113 8.73 20.19 -34.28
N LEU C 114 9.52 20.85 -35.14
CA LEU C 114 10.18 22.10 -34.78
C LEU C 114 9.24 23.24 -35.15
N TYR C 115 9.02 24.17 -34.22
CA TYR C 115 8.15 25.32 -34.47
C TYR C 115 8.92 26.62 -34.38
N ARG C 116 8.49 27.60 -35.17
CA ARG C 116 9.11 28.92 -35.17
C ARG C 116 8.13 29.85 -34.45
N LEU C 117 8.57 30.41 -33.32
CA LEU C 117 7.73 31.30 -32.53
C LEU C 117 7.95 32.76 -32.90
N SER C 118 6.94 33.34 -33.51
CA SER C 118 6.99 34.73 -33.94
C SER C 118 6.15 35.64 -33.05
N LEU C 119 6.51 36.92 -32.99
CA LEU C 119 5.75 37.88 -32.18
C LEU C 119 5.33 39.08 -33.04
N GLU C 120 4.04 39.38 -33.01
CA GLU C 120 3.47 40.50 -33.78
C GLU C 120 3.23 41.69 -32.86
N ALA C 121 4.09 42.71 -32.92
CA ALA C 121 3.94 43.89 -32.08
C ALA C 121 3.39 45.12 -32.81
N SER C 122 2.28 45.65 -32.30
CA SER C 122 1.65 46.84 -32.86
C SER C 122 1.48 47.85 -31.72
N THR C 123 2.54 48.58 -31.41
CA THR C 123 2.50 49.58 -30.35
C THR C 123 1.63 50.77 -30.80
N GLY C 124 0.71 50.50 -31.72
CA GLY C 124 -0.19 51.53 -32.24
C GLY C 124 -0.62 51.22 -33.66
N TYR C 125 0.29 51.45 -34.60
CA TYR C 125 0.04 51.22 -36.02
C TYR C 125 1.31 50.73 -36.72
N GLN C 126 2.46 51.06 -36.13
CA GLN C 126 3.75 50.63 -36.67
C GLN C 126 4.20 49.34 -35.98
N GLY C 127 4.84 49.50 -34.82
CA GLY C 127 5.32 48.35 -34.08
C GLY C 127 6.31 47.51 -34.87
N SER C 128 6.74 46.40 -34.28
CA SER C 128 7.71 45.51 -34.92
C SER C 128 7.33 44.03 -34.81
N SER C 129 7.46 43.29 -35.91
CA SER C 129 7.12 41.86 -35.96
C SER C 129 8.38 41.01 -36.22
N PHE C 130 8.66 40.06 -35.31
CA PHE C 130 9.86 39.23 -35.44
C PHE C 130 9.83 37.92 -34.66
N VAL C 131 10.82 37.06 -34.90
CA VAL C 131 10.93 35.77 -34.23
C VAL C 131 11.40 35.88 -32.79
N LEU C 132 11.02 34.89 -31.99
CA LEU C 132 11.39 34.85 -30.59
C LEU C 132 12.32 33.67 -30.31
N GLY C 133 12.19 32.63 -31.16
CA GLY C 133 13.01 31.43 -31.03
C GLY C 133 12.32 30.21 -31.61
N HIS C 134 12.86 29.02 -31.33
CA HIS C 134 12.28 27.77 -31.81
C HIS C 134 12.08 26.79 -30.65
N PHE C 135 11.18 25.84 -30.84
CA PHE C 135 10.90 24.83 -29.81
C PHE C 135 10.43 23.53 -30.46
N ILE C 136 10.66 22.41 -29.80
CA ILE C 136 10.22 21.13 -30.34
C ILE C 136 9.06 20.62 -29.49
N LEU C 137 7.93 20.35 -30.15
CA LEU C 137 6.74 19.89 -29.46
C LEU C 137 6.61 18.38 -29.64
N LEU C 138 6.54 17.65 -28.53
CA LEU C 138 6.47 16.20 -28.57
C LEU C 138 5.15 15.68 -28.03
N PHE C 139 4.88 14.41 -28.28
CA PHE C 139 3.67 13.77 -27.79
C PHE C 139 3.73 13.79 -26.26
N ASN C 140 2.63 14.16 -25.62
CA ASN C 140 2.60 14.22 -24.17
C ASN C 140 1.83 13.03 -23.60
N ALA C 141 2.50 12.18 -22.84
CA ALA C 141 1.84 11.02 -22.27
C ALA C 141 1.24 11.35 -20.91
N TRP C 142 1.50 12.55 -20.42
CA TRP C 142 0.99 12.99 -19.12
C TRP C 142 -0.28 13.82 -19.27
N CYS C 143 -0.64 14.13 -20.51
CA CYS C 143 -1.83 14.92 -20.80
C CYS C 143 -2.99 14.02 -21.23
N PRO C 144 -4.06 13.99 -20.43
CA PRO C 144 -5.26 13.18 -20.67
C PRO C 144 -5.92 13.43 -22.02
N ALA C 145 -5.69 14.62 -22.56
CA ALA C 145 -6.29 14.94 -23.85
C ALA C 145 -5.49 14.38 -25.01
N ASP C 146 -4.25 13.97 -24.75
CA ASP C 146 -3.40 13.43 -25.82
C ASP C 146 -3.78 11.99 -26.14
N ALA C 147 -3.52 11.58 -27.37
CA ALA C 147 -3.84 10.23 -27.83
C ALA C 147 -2.91 9.17 -27.28
N VAL C 148 -1.86 9.61 -26.57
CA VAL C 148 -0.90 8.67 -26.00
C VAL C 148 -0.94 8.67 -24.48
N TYR C 149 -1.93 9.34 -23.92
CA TYR C 149 -2.08 9.44 -22.48
C TYR C 149 -1.92 8.11 -21.76
N LEU C 150 -1.29 8.17 -20.58
CA LEU C 150 -1.08 7.02 -19.73
C LEU C 150 -1.46 7.45 -18.33
N ASP C 151 -2.31 6.65 -17.70
CA ASP C 151 -2.77 6.93 -16.35
C ASP C 151 -1.64 6.69 -15.33
N SER C 152 -1.10 5.47 -15.31
CA SER C 152 -0.05 5.10 -14.37
C SER C 152 1.25 5.89 -14.56
N GLU C 153 1.65 6.60 -13.52
CA GLU C 153 2.87 7.39 -13.57
C GLU C 153 4.09 6.53 -13.86
N GLU C 154 4.25 5.42 -13.15
CA GLU C 154 5.42 4.59 -13.40
C GLU C 154 5.45 4.03 -14.82
N GLU C 155 4.29 3.76 -15.39
CA GLU C 155 4.25 3.25 -16.75
C GLU C 155 4.73 4.35 -17.69
N ARG C 156 4.38 5.60 -17.37
CA ARG C 156 4.82 6.71 -18.21
C ARG C 156 6.33 6.76 -18.14
N GLN C 157 6.87 6.54 -16.94
CA GLN C 157 8.31 6.57 -16.75
C GLN C 157 8.98 5.47 -17.54
N GLU C 158 8.57 4.22 -17.27
CA GLU C 158 9.16 3.08 -17.95
C GLU C 158 9.10 3.18 -19.47
N TYR C 159 7.92 3.47 -20.01
CA TYR C 159 7.74 3.51 -21.45
C TYR C 159 8.08 4.78 -22.22
N VAL C 160 8.41 5.86 -21.52
CA VAL C 160 8.75 7.10 -22.23
C VAL C 160 10.09 7.67 -21.79
N LEU C 161 10.28 7.79 -20.49
CA LEU C 161 11.50 8.37 -19.95
C LEU C 161 12.69 7.44 -19.71
N THR C 162 12.44 6.18 -19.39
CA THR C 162 13.52 5.21 -19.12
C THR C 162 14.42 5.06 -20.35
N GLN C 163 15.73 5.21 -20.15
CA GLN C 163 16.70 5.13 -21.25
C GLN C 163 17.39 3.79 -21.43
N GLN C 164 17.45 2.99 -20.38
CA GLN C 164 18.08 1.68 -20.44
C GLN C 164 16.97 0.64 -20.48
N GLY C 165 17.31 -0.60 -20.81
CA GLY C 165 16.29 -1.61 -20.85
C GLY C 165 16.77 -2.99 -21.25
N PHE C 166 15.82 -3.91 -21.42
CA PHE C 166 16.12 -5.28 -21.78
C PHE C 166 15.44 -5.69 -23.08
N ILE C 167 16.08 -6.62 -23.78
CA ILE C 167 15.56 -7.18 -25.00
C ILE C 167 15.73 -8.64 -24.73
N TYR C 168 14.65 -9.41 -24.83
CA TYR C 168 14.74 -10.82 -24.55
C TYR C 168 15.13 -11.73 -25.71
N GLN C 169 16.21 -12.46 -25.50
CA GLN C 169 16.76 -13.38 -26.48
C GLN C 169 16.93 -14.79 -25.88
N GLY C 170 17.88 -15.55 -26.40
CA GLY C 170 18.11 -16.90 -25.90
C GLY C 170 17.10 -17.89 -26.44
N SER C 171 16.52 -18.69 -25.56
CA SER C 171 15.51 -19.67 -25.98
C SER C 171 14.27 -19.58 -25.08
N ALA C 172 13.17 -20.17 -25.51
CA ALA C 172 11.95 -20.14 -24.71
C ALA C 172 12.14 -20.99 -23.44
N LYS C 173 12.94 -22.03 -23.55
CA LYS C 173 13.21 -22.90 -22.42
C LYS C 173 14.25 -22.28 -21.48
N PHE C 174 14.93 -21.25 -21.97
CA PHE C 174 15.97 -20.59 -21.22
C PHE C 174 16.10 -19.15 -21.70
N ILE C 175 15.16 -18.29 -21.30
CA ILE C 175 15.19 -16.89 -21.73
C ILE C 175 16.43 -16.13 -21.24
N LYS C 176 16.96 -15.26 -22.08
CA LYS C 176 18.13 -14.48 -21.76
C LYS C 176 17.81 -13.01 -21.99
N ASN C 177 18.17 -12.15 -21.03
CA ASN C 177 17.87 -10.73 -21.14
C ASN C 177 19.09 -9.87 -21.50
N ILE C 178 19.12 -9.35 -22.72
CA ILE C 178 20.23 -8.53 -23.17
C ILE C 178 19.97 -7.07 -22.86
N PRO C 179 20.93 -6.41 -22.22
CA PRO C 179 20.82 -5.01 -21.85
C PRO C 179 20.93 -4.13 -23.09
N TRP C 180 20.20 -3.02 -23.09
CA TRP C 180 20.24 -2.12 -24.22
C TRP C 180 20.12 -0.67 -23.78
N ASN C 181 20.91 0.19 -24.41
CA ASN C 181 20.90 1.62 -24.13
C ASN C 181 20.05 2.29 -25.20
N PHE C 182 18.81 2.63 -24.85
CA PHE C 182 17.92 3.29 -25.79
C PHE C 182 18.36 4.73 -25.96
N GLY C 183 18.95 5.27 -24.90
CA GLY C 183 19.45 6.64 -24.87
C GLY C 183 18.68 7.67 -25.68
N GLN C 184 17.35 7.58 -25.70
CA GLN C 184 16.55 8.52 -26.47
C GLN C 184 16.75 9.99 -26.10
N PHE C 185 17.36 10.27 -24.96
CA PHE C 185 17.57 11.67 -24.56
C PHE C 185 19.03 12.07 -24.64
N GLU C 186 19.83 11.23 -25.28
CA GLU C 186 21.25 11.51 -25.42
C GLU C 186 21.40 12.59 -26.48
N ASP C 187 22.32 13.52 -26.23
CA ASP C 187 22.58 14.63 -27.13
C ASP C 187 22.53 14.30 -28.63
N GLY C 188 21.82 15.15 -29.37
CA GLY C 188 21.68 14.98 -30.80
C GLY C 188 20.62 14.00 -31.26
N ILE C 189 20.42 12.93 -30.50
CA ILE C 189 19.45 11.92 -30.88
C ILE C 189 18.08 12.43 -31.31
N LEU C 190 17.58 13.48 -30.66
CA LEU C 190 16.27 14.02 -31.01
C LEU C 190 16.32 14.55 -32.45
N ASP C 191 17.22 15.49 -32.66
CA ASP C 191 17.38 16.11 -33.98
C ASP C 191 17.49 15.06 -35.09
N ILE C 192 18.20 13.96 -34.81
CA ILE C 192 18.37 12.88 -35.78
C ILE C 192 17.03 12.24 -36.05
N CYS C 193 16.16 12.27 -35.04
CA CYS C 193 14.82 11.70 -35.15
C CYS C 193 13.95 12.52 -36.06
N LEU C 194 13.97 13.82 -35.86
CA LEU C 194 13.19 14.72 -36.69
C LEU C 194 13.66 14.56 -38.14
N ILE C 195 14.97 14.55 -38.34
CA ILE C 195 15.54 14.36 -39.67
C ILE C 195 14.97 13.06 -40.25
N LEU C 196 15.03 11.99 -39.45
CA LEU C 196 14.52 10.69 -39.87
C LEU C 196 13.08 10.79 -40.41
N LEU C 197 12.34 11.78 -39.93
CA LEU C 197 10.96 11.98 -40.37
C LEU C 197 10.93 12.84 -41.62
N ASP C 198 11.81 13.83 -41.66
CA ASP C 198 11.89 14.76 -42.79
C ASP C 198 12.54 14.13 -44.00
N VAL C 199 12.78 12.83 -43.97
CA VAL C 199 13.44 12.21 -45.11
C VAL C 199 12.74 10.92 -45.52
N ASN C 200 11.48 10.78 -45.14
CA ASN C 200 10.75 9.58 -45.49
C ASN C 200 9.82 9.91 -46.66
N PRO C 201 9.36 8.88 -47.41
CA PRO C 201 8.48 9.10 -48.57
C PRO C 201 7.36 10.10 -48.32
N LYS C 202 6.41 9.74 -47.46
CA LYS C 202 5.28 10.60 -47.10
C LYS C 202 5.64 12.09 -47.09
N PHE C 203 6.87 12.41 -46.69
CA PHE C 203 7.32 13.80 -46.60
C PHE C 203 7.88 14.36 -47.89
N LEU C 204 8.66 13.56 -48.60
CA LEU C 204 9.25 14.01 -49.85
C LEU C 204 8.14 14.10 -50.90
N LYS C 205 7.17 13.19 -50.80
CA LYS C 205 6.06 13.16 -51.75
C LYS C 205 5.09 14.31 -51.48
N ASN C 206 5.16 14.89 -50.28
CA ASN C 206 4.25 15.99 -49.93
C ASN C 206 4.53 16.55 -48.54
N ALA C 207 5.55 17.39 -48.43
CA ALA C 207 5.95 18.00 -47.16
C ALA C 207 4.80 18.47 -46.27
N GLY C 208 3.83 19.17 -46.86
CA GLY C 208 2.70 19.66 -46.09
C GLY C 208 1.85 18.55 -45.50
N ARG C 209 1.40 17.62 -46.34
CA ARG C 209 0.57 16.50 -45.92
C ARG C 209 1.22 15.76 -44.75
N ASP C 210 2.46 15.32 -44.96
CA ASP C 210 3.23 14.60 -43.96
C ASP C 210 3.43 15.41 -42.67
N CYS C 211 3.99 16.60 -42.80
CA CYS C 211 4.23 17.45 -41.64
C CYS C 211 2.95 17.71 -40.85
N SER C 212 1.82 17.65 -41.55
CA SER C 212 0.53 17.88 -40.91
C SER C 212 0.10 16.70 -40.06
N ARG C 213 0.06 15.53 -40.68
CA ARG C 213 -0.35 14.31 -39.99
C ARG C 213 0.53 13.89 -38.81
N ARG C 214 1.63 14.61 -38.58
CA ARG C 214 2.53 14.28 -37.48
C ARG C 214 1.91 14.59 -36.13
N SER C 215 0.59 14.68 -36.09
CA SER C 215 -0.13 14.96 -34.86
C SER C 215 -0.77 13.65 -34.41
N SER C 216 -0.63 12.64 -35.26
CA SER C 216 -1.17 11.33 -35.00
C SER C 216 -0.10 10.32 -34.58
N PRO C 217 -0.23 9.73 -33.39
CA PRO C 217 0.76 8.75 -32.95
C PRO C 217 0.75 7.54 -33.86
N VAL C 218 -0.44 7.19 -34.34
CA VAL C 218 -0.55 6.04 -35.23
C VAL C 218 0.15 6.33 -36.56
N TYR C 219 0.13 7.57 -37.03
CA TYR C 219 0.81 7.92 -38.28
C TYR C 219 2.32 7.89 -38.02
N VAL C 220 2.77 8.75 -37.10
CA VAL C 220 4.17 8.85 -36.72
C VAL C 220 4.76 7.47 -36.45
N GLY C 221 3.99 6.63 -35.77
CA GLY C 221 4.45 5.30 -35.46
C GLY C 221 4.81 4.51 -36.71
N ARG C 222 3.94 4.56 -37.72
CA ARG C 222 4.15 3.87 -38.99
C ARG C 222 5.38 4.38 -39.72
N VAL C 223 5.52 5.69 -39.72
CA VAL C 223 6.64 6.33 -40.36
C VAL C 223 7.93 5.90 -39.69
N GLY C 224 8.04 6.10 -38.39
CA GLY C 224 9.24 5.69 -37.68
C GLY C 224 9.60 4.22 -37.92
N SER C 225 8.69 3.34 -37.51
CA SER C 225 8.85 1.90 -37.66
C SER C 225 9.47 1.52 -39.01
N GLY C 226 8.84 2.01 -40.08
CA GLY C 226 9.29 1.71 -41.43
C GLY C 226 10.58 2.37 -41.87
N MET C 227 10.95 3.46 -41.22
CA MET C 227 12.19 4.15 -41.58
C MET C 227 13.42 3.47 -41.02
N VAL C 228 13.23 2.40 -40.27
CA VAL C 228 14.35 1.67 -39.68
C VAL C 228 14.92 0.69 -40.69
N ASN C 229 14.05 -0.09 -41.32
CA ASN C 229 14.50 -1.05 -42.32
C ASN C 229 13.64 -1.00 -43.56
N CYS C 230 12.42 -1.55 -43.47
CA CYS C 230 11.49 -1.59 -44.62
C CYS C 230 11.69 -0.43 -45.58
N ASN C 231 12.22 -0.76 -46.75
CA ASN C 231 12.58 0.15 -47.83
C ASN C 231 13.79 0.98 -47.40
N ASP C 232 14.95 0.37 -47.61
CA ASP C 232 16.23 0.96 -47.27
C ASP C 232 16.58 1.97 -48.36
N ASP C 233 15.56 2.38 -49.11
CA ASP C 233 15.72 3.37 -50.16
C ASP C 233 16.25 4.61 -49.42
N GLN C 234 16.01 4.63 -48.10
CA GLN C 234 16.43 5.71 -47.22
C GLN C 234 16.23 5.29 -45.77
N GLY C 235 16.63 4.08 -45.43
CA GLY C 235 16.47 3.58 -44.08
C GLY C 235 17.63 3.86 -43.14
N VAL C 236 17.59 3.26 -41.95
CA VAL C 236 18.62 3.45 -40.93
C VAL C 236 19.57 2.28 -40.79
N LEU C 237 19.03 1.07 -40.88
CA LEU C 237 19.85 -0.14 -40.77
C LEU C 237 19.68 -1.07 -41.95
N LEU C 238 20.78 -1.71 -42.31
CA LEU C 238 20.76 -2.67 -43.40
C LEU C 238 20.79 -4.07 -42.79
N GLY C 239 19.80 -4.89 -43.10
CA GLY C 239 19.76 -6.22 -42.55
C GLY C 239 20.87 -7.11 -43.10
N ARG C 240 21.09 -8.24 -42.43
CA ARG C 240 22.11 -9.22 -42.83
C ARG C 240 21.90 -10.42 -41.93
N TRP C 241 21.71 -11.58 -42.52
CA TRP C 241 21.47 -12.77 -41.74
C TRP C 241 22.43 -13.94 -42.00
N ASP C 242 23.16 -13.90 -43.11
CA ASP C 242 24.08 -14.98 -43.49
C ASP C 242 25.15 -15.30 -42.46
N ASN C 243 25.46 -14.32 -41.61
CA ASN C 243 26.46 -14.44 -40.55
C ASN C 243 27.89 -14.11 -40.94
N ASN C 244 28.02 -13.14 -41.84
CA ASN C 244 29.32 -12.68 -42.31
C ASN C 244 29.24 -11.17 -42.23
N TYR C 245 29.58 -10.64 -41.07
CA TYR C 245 29.48 -9.20 -40.81
C TYR C 245 30.81 -8.45 -40.80
N GLY C 246 31.88 -9.12 -41.16
CA GLY C 246 33.21 -8.51 -41.15
C GLY C 246 33.40 -7.07 -41.57
N ASP C 247 32.61 -6.61 -42.55
CA ASP C 247 32.72 -5.24 -43.05
C ASP C 247 31.65 -4.34 -42.43
N GLY C 248 31.37 -4.58 -41.16
CA GLY C 248 30.37 -3.81 -40.44
C GLY C 248 30.33 -4.22 -38.99
N VAL C 249 29.17 -4.09 -38.36
CA VAL C 249 29.04 -4.47 -36.96
C VAL C 249 28.02 -5.60 -36.75
N SER C 250 28.49 -6.70 -36.18
CA SER C 250 27.62 -7.83 -35.90
C SER C 250 26.36 -7.32 -35.21
N PRO C 251 25.18 -7.66 -35.73
CA PRO C 251 23.94 -7.20 -35.11
C PRO C 251 23.96 -7.45 -33.60
N MET C 252 24.55 -8.57 -33.20
CA MET C 252 24.62 -8.92 -31.80
C MET C 252 25.63 -8.06 -31.04
N SER C 253 26.46 -7.32 -31.76
CA SER C 253 27.46 -6.48 -31.10
C SER C 253 26.94 -5.16 -30.55
N TRP C 254 25.90 -4.62 -31.17
CA TRP C 254 25.32 -3.36 -30.72
C TRP C 254 24.83 -3.47 -29.29
N ILE C 255 24.97 -2.39 -28.53
CA ILE C 255 24.48 -2.38 -27.16
C ILE C 255 23.68 -1.11 -26.90
N GLY C 256 23.20 -0.50 -27.97
CA GLY C 256 22.42 0.71 -27.84
C GLY C 256 22.21 1.46 -29.13
N SER C 257 20.98 1.89 -29.37
CA SER C 257 20.61 2.63 -30.57
C SER C 257 21.39 3.92 -30.80
N VAL C 258 21.84 4.54 -29.71
CA VAL C 258 22.56 5.80 -29.78
C VAL C 258 23.68 5.84 -30.79
N ASP C 259 24.48 4.79 -30.86
CA ASP C 259 25.57 4.79 -31.84
C ASP C 259 25.09 4.55 -33.29
N ILE C 260 24.12 3.65 -33.46
CA ILE C 260 23.60 3.38 -34.79
C ILE C 260 23.01 4.67 -35.41
N LEU C 261 22.22 5.41 -34.62
CA LEU C 261 21.61 6.65 -35.10
C LEU C 261 22.66 7.67 -35.55
N ARG C 262 23.70 7.85 -34.75
CA ARG C 262 24.75 8.79 -35.09
C ARG C 262 25.50 8.29 -36.32
N ARG C 263 25.80 7.00 -36.36
CA ARG C 263 26.49 6.42 -37.50
C ARG C 263 25.64 6.60 -38.74
N TRP C 264 24.35 6.78 -38.54
CA TRP C 264 23.43 6.96 -39.65
C TRP C 264 23.54 8.36 -40.23
N LYS C 265 23.31 9.37 -39.39
CA LYS C 265 23.38 10.78 -39.80
C LYS C 265 24.79 11.16 -40.21
N ASN C 266 25.75 10.83 -39.34
CA ASN C 266 27.17 11.12 -39.58
C ASN C 266 27.71 10.64 -40.91
N HIS C 267 27.08 9.62 -41.49
CA HIS C 267 27.49 9.11 -42.80
C HIS C 267 26.44 9.55 -43.80
N GLY C 268 25.97 10.78 -43.64
CA GLY C 268 24.97 11.33 -44.53
C GLY C 268 23.75 10.46 -44.72
N CYS C 269 23.16 10.01 -43.62
CA CYS C 269 21.96 9.17 -43.65
C CYS C 269 22.07 7.89 -44.49
N GLN C 270 23.19 7.19 -44.37
CA GLN C 270 23.40 5.95 -45.10
C GLN C 270 23.12 4.79 -44.15
N ARG C 271 22.28 3.87 -44.62
CA ARG C 271 21.90 2.69 -43.86
C ARG C 271 23.13 2.18 -43.13
N VAL C 272 23.01 1.97 -41.82
CA VAL C 272 24.13 1.52 -41.01
C VAL C 272 24.40 0.04 -41.20
N LYS C 273 25.69 -0.30 -41.15
CA LYS C 273 26.16 -1.67 -41.35
C LYS C 273 25.74 -2.81 -40.44
N TYR C 274 24.71 -3.52 -40.89
CA TYR C 274 24.16 -4.71 -40.24
C TYR C 274 23.39 -4.61 -38.93
N GLY C 275 22.17 -5.15 -39.00
CA GLY C 275 21.26 -5.20 -37.87
C GLY C 275 20.24 -6.30 -38.14
N GLN C 276 19.43 -6.64 -37.13
CA GLN C 276 18.42 -7.67 -37.28
C GLN C 276 17.18 -7.30 -36.50
N CYS C 277 16.11 -8.08 -36.65
CA CYS C 277 14.83 -7.75 -36.04
C CYS C 277 14.82 -7.08 -34.68
N TRP C 278 15.61 -7.56 -33.72
CA TRP C 278 15.61 -6.92 -32.42
C TRP C 278 16.33 -5.59 -32.47
N VAL C 279 17.32 -5.46 -33.35
CA VAL C 279 18.05 -4.21 -33.49
C VAL C 279 17.14 -3.18 -34.11
N PHE C 280 16.26 -3.60 -35.01
CA PHE C 280 15.32 -2.68 -35.64
C PHE C 280 14.34 -2.20 -34.57
N ALA C 281 13.75 -3.16 -33.87
CA ALA C 281 12.78 -2.87 -32.82
C ALA C 281 13.36 -1.94 -31.77
N ALA C 282 14.61 -2.17 -31.42
CA ALA C 282 15.29 -1.36 -30.42
C ALA C 282 15.47 0.09 -30.82
N VAL C 283 15.90 0.37 -32.06
CA VAL C 283 16.09 1.75 -32.47
C VAL C 283 14.72 2.39 -32.69
N ALA C 284 13.76 1.54 -33.02
CA ALA C 284 12.39 1.99 -33.24
C ALA C 284 11.86 2.49 -31.90
N CYS C 285 12.16 1.75 -30.86
CA CYS C 285 11.74 2.10 -29.51
C CYS C 285 12.48 3.38 -29.10
N THR C 286 13.72 3.50 -29.55
CA THR C 286 14.50 4.67 -29.23
C THR C 286 13.86 5.88 -29.90
N VAL C 287 13.46 5.72 -31.15
CA VAL C 287 12.84 6.81 -31.86
C VAL C 287 11.52 7.24 -31.21
N LEU C 288 10.55 6.34 -31.17
CA LEU C 288 9.24 6.64 -30.62
C LEU C 288 9.29 7.21 -29.22
N ARG C 289 10.08 6.60 -28.35
CA ARG C 289 10.21 7.09 -26.99
C ARG C 289 10.70 8.55 -26.98
N CYS C 290 11.63 8.85 -27.87
CA CYS C 290 12.17 10.20 -27.96
C CYS C 290 10.99 11.12 -28.22
N LEU C 291 10.27 10.84 -29.30
CA LEU C 291 9.11 11.61 -29.73
C LEU C 291 7.95 11.68 -28.74
N GLY C 292 7.96 10.83 -27.71
CA GLY C 292 6.90 10.87 -26.70
C GLY C 292 5.87 9.76 -26.70
N ILE C 293 5.92 8.89 -27.70
CA ILE C 293 4.95 7.81 -27.77
C ILE C 293 5.38 6.60 -26.96
N PRO C 294 4.65 6.29 -25.88
CA PRO C 294 5.01 5.15 -25.04
C PRO C 294 5.25 3.88 -25.86
N THR C 295 6.48 3.38 -25.80
CA THR C 295 6.87 2.19 -26.54
C THR C 295 7.72 1.24 -25.72
N ARG C 296 7.58 -0.06 -25.98
CA ARG C 296 8.34 -1.08 -25.28
C ARG C 296 8.67 -2.20 -26.28
N VAL C 297 9.92 -2.62 -26.35
CA VAL C 297 10.24 -3.69 -27.30
C VAL C 297 9.84 -5.06 -26.72
N VAL C 298 9.18 -5.85 -27.55
CA VAL C 298 8.67 -7.16 -27.16
C VAL C 298 9.35 -8.31 -27.90
N THR C 299 9.44 -9.46 -27.25
CA THR C 299 10.04 -10.65 -27.85
C THR C 299 9.04 -11.80 -27.90
N ASN C 300 9.02 -12.52 -29.03
CA ASN C 300 8.12 -13.64 -29.21
C ASN C 300 8.93 -14.87 -29.59
N TYR C 301 8.77 -15.94 -28.81
CA TYR C 301 9.51 -17.17 -29.05
C TYR C 301 8.72 -18.13 -29.94
N ASN C 302 9.44 -18.85 -30.80
CA ASN C 302 8.81 -19.76 -31.75
C ASN C 302 7.85 -18.93 -32.58
N SER C 303 8.38 -17.87 -33.17
CA SER C 303 7.59 -16.95 -33.96
C SER C 303 7.50 -17.49 -35.39
N ALA C 304 6.27 -17.59 -35.90
CA ALA C 304 6.04 -18.07 -37.26
C ALA C 304 6.19 -16.88 -38.20
N HIS C 305 7.38 -16.28 -38.20
CA HIS C 305 7.66 -15.12 -39.03
C HIS C 305 7.98 -15.43 -40.48
N ASP C 306 7.87 -14.40 -41.31
CA ASP C 306 8.12 -14.45 -42.74
C ASP C 306 7.12 -15.29 -43.52
N GLN C 307 6.37 -16.15 -42.83
CA GLN C 307 5.37 -16.95 -43.53
C GLN C 307 4.50 -15.90 -44.19
N ASN C 308 3.83 -16.26 -45.27
CA ASN C 308 3.03 -15.27 -45.97
C ASN C 308 1.84 -14.87 -45.12
N SER C 309 1.76 -15.50 -43.95
CA SER C 309 0.69 -15.26 -42.98
C SER C 309 -0.12 -16.54 -42.84
N ASN C 310 0.25 -17.54 -43.63
CA ASN C 310 -0.46 -18.79 -43.59
C ASN C 310 -0.56 -19.35 -42.18
N LEU C 311 -1.77 -19.39 -41.67
CA LEU C 311 -2.06 -19.91 -40.35
C LEU C 311 -1.81 -21.42 -40.31
N LEU C 312 -1.29 -21.95 -41.41
CA LEU C 312 -0.95 -23.36 -41.50
C LEU C 312 0.35 -23.48 -42.28
N ILE C 313 1.30 -24.21 -41.68
CA ILE C 313 2.61 -24.40 -42.28
C ILE C 313 2.90 -25.89 -42.34
N GLU C 314 3.44 -26.35 -43.46
CA GLU C 314 3.76 -27.75 -43.63
C GLU C 314 5.23 -27.94 -43.93
N TYR C 315 5.85 -28.94 -43.30
CA TYR C 315 7.25 -29.24 -43.52
C TYR C 315 7.35 -30.70 -43.89
N PHE C 316 8.28 -31.01 -44.79
CA PHE C 316 8.48 -32.39 -45.20
C PHE C 316 9.91 -32.77 -44.92
N ARG C 317 10.06 -33.82 -44.10
CA ARG C 317 11.36 -34.29 -43.68
C ARG C 317 11.68 -35.69 -44.18
N ASN C 318 12.97 -35.96 -44.40
CA ASN C 318 13.41 -37.28 -44.85
C ASN C 318 13.24 -38.25 -43.69
N GLU C 319 13.75 -39.48 -43.80
CA GLU C 319 13.56 -40.42 -42.69
C GLU C 319 14.48 -40.12 -41.51
N PHE C 320 14.79 -38.83 -41.33
CA PHE C 320 15.62 -38.38 -40.23
C PHE C 320 15.09 -37.16 -39.56
N GLY C 321 13.90 -36.75 -39.98
CA GLY C 321 13.29 -35.58 -39.39
C GLY C 321 13.96 -34.32 -39.87
N GLU C 322 14.84 -34.47 -40.83
CA GLU C 322 15.54 -33.33 -41.37
C GLU C 322 14.67 -32.64 -42.42
N ILE C 323 14.14 -31.46 -42.08
CA ILE C 323 13.28 -30.71 -42.97
C ILE C 323 13.86 -30.75 -44.38
N GLN C 324 13.40 -31.74 -45.15
CA GLN C 324 13.85 -31.93 -46.51
C GLN C 324 13.41 -30.69 -47.27
N GLY C 325 12.29 -30.13 -46.81
CA GLY C 325 11.70 -28.95 -47.40
C GLY C 325 12.56 -28.13 -48.33
N ASP C 326 12.77 -26.86 -47.95
CA ASP C 326 13.54 -25.88 -48.72
C ASP C 326 12.57 -24.84 -49.28
N LYS C 327 13.07 -23.64 -49.54
CA LYS C 327 12.22 -22.56 -50.05
C LYS C 327 11.21 -22.24 -48.96
N SER C 328 11.07 -23.16 -48.01
CA SER C 328 10.14 -23.01 -46.90
C SER C 328 10.90 -22.34 -45.75
N GLU C 329 10.24 -21.40 -45.09
CA GLU C 329 10.83 -20.66 -43.96
C GLU C 329 10.66 -21.43 -42.66
N MET C 330 11.74 -21.50 -41.88
CA MET C 330 11.73 -22.21 -40.59
C MET C 330 11.06 -21.32 -39.56
N ILE C 331 10.59 -21.91 -38.46
CA ILE C 331 9.98 -21.10 -37.43
C ILE C 331 11.14 -20.43 -36.70
N TRP C 332 11.01 -19.13 -36.47
CA TRP C 332 12.06 -18.36 -35.80
C TRP C 332 12.16 -18.73 -34.32
N ASN C 333 13.39 -18.82 -33.82
CA ASN C 333 13.61 -19.15 -32.42
C ASN C 333 12.91 -18.06 -31.64
N PHE C 334 13.08 -16.85 -32.13
CA PHE C 334 12.45 -15.70 -31.52
C PHE C 334 12.56 -14.56 -32.51
N HIS C 335 11.53 -13.72 -32.53
CA HIS C 335 11.48 -12.57 -33.41
C HIS C 335 11.03 -11.42 -32.52
N CYS C 336 11.50 -10.21 -32.83
CA CYS C 336 11.14 -9.06 -32.02
C CYS C 336 10.46 -7.93 -32.78
N TRP C 337 9.57 -7.25 -32.07
CA TRP C 337 8.87 -6.10 -32.60
C TRP C 337 8.59 -5.23 -31.38
N VAL C 338 7.95 -4.08 -31.57
CA VAL C 338 7.65 -3.22 -30.44
C VAL C 338 6.16 -3.03 -30.34
N GLU C 339 5.75 -2.38 -29.26
CA GLU C 339 4.34 -2.08 -29.00
C GLU C 339 4.30 -0.61 -28.56
N SER C 340 3.31 0.11 -29.06
CA SER C 340 3.16 1.52 -28.70
C SER C 340 1.76 1.83 -28.19
N TRP C 341 1.73 2.59 -27.12
CA TRP C 341 0.51 2.98 -26.45
C TRP C 341 -0.14 4.20 -27.05
N MET C 342 -1.35 4.04 -27.57
CA MET C 342 -2.05 5.15 -28.19
C MET C 342 -3.52 4.79 -28.41
N THR C 343 -4.33 5.81 -28.65
CA THR C 343 -5.74 5.61 -28.89
C THR C 343 -5.93 5.39 -30.38
N ARG C 344 -7.00 4.74 -30.78
CA ARG C 344 -7.21 4.50 -32.21
C ARG C 344 -8.45 5.17 -32.81
N PRO C 345 -8.40 6.50 -32.97
CA PRO C 345 -9.49 7.30 -33.54
C PRO C 345 -9.67 7.04 -35.03
N ASP C 346 -9.57 5.77 -35.40
CA ASP C 346 -9.72 5.40 -36.81
C ASP C 346 -10.21 3.95 -36.85
N LEU C 347 -10.66 3.49 -35.70
CA LEU C 347 -11.16 2.12 -35.57
C LEU C 347 -12.36 2.08 -34.63
N GLN C 348 -13.19 1.06 -34.80
CA GLN C 348 -14.38 0.87 -33.98
C GLN C 348 -13.99 0.82 -32.50
N PRO C 349 -14.14 1.97 -31.78
CA PRO C 349 -13.83 2.14 -30.37
C PRO C 349 -13.70 0.87 -29.54
N GLY C 350 -12.72 0.86 -28.65
CA GLY C 350 -12.47 -0.29 -27.81
C GLY C 350 -11.10 -0.86 -28.14
N TYR C 351 -10.43 -0.27 -29.14
CA TYR C 351 -9.11 -0.73 -29.55
C TYR C 351 -7.97 0.21 -29.22
N GLU C 352 -8.14 0.97 -28.14
CA GLU C 352 -7.09 1.88 -27.70
C GLU C 352 -6.13 1.06 -26.85
N GLY C 353 -4.87 1.48 -26.78
CA GLY C 353 -3.92 0.72 -25.98
C GLY C 353 -2.71 0.30 -26.77
N TRP C 354 -2.22 -0.91 -26.50
CA TRP C 354 -1.03 -1.42 -27.17
C TRP C 354 -1.17 -1.78 -28.66
N GLN C 355 -0.51 -1.00 -29.50
CA GLN C 355 -0.53 -1.23 -30.94
C GLN C 355 0.80 -1.90 -31.29
N ALA C 356 0.73 -3.04 -31.94
CA ALA C 356 1.92 -3.78 -32.31
C ALA C 356 2.56 -3.29 -33.61
N LEU C 357 3.77 -2.74 -33.53
CA LEU C 357 4.48 -2.27 -34.71
C LEU C 357 5.72 -3.13 -34.95
N ASP C 358 5.86 -3.65 -36.16
CA ASP C 358 7.01 -4.49 -36.48
C ASP C 358 7.88 -3.81 -37.52
N PRO C 359 9.09 -3.37 -37.14
CA PRO C 359 9.97 -2.69 -38.08
C PRO C 359 10.80 -3.67 -38.92
N THR C 360 10.42 -4.93 -38.90
CA THR C 360 11.11 -5.97 -39.66
C THR C 360 10.28 -6.35 -40.89
N PRO C 361 10.81 -6.09 -42.09
CA PRO C 361 10.11 -6.41 -43.33
C PRO C 361 9.95 -7.90 -43.50
N GLN C 362 8.80 -8.34 -43.99
CA GLN C 362 8.59 -9.75 -44.22
C GLN C 362 7.82 -9.93 -45.51
N GLU C 363 8.26 -10.88 -46.32
CA GLU C 363 7.59 -11.12 -47.58
C GLU C 363 6.09 -11.30 -47.32
N LYS C 364 5.30 -10.37 -47.86
CA LYS C 364 3.85 -10.36 -47.67
C LYS C 364 3.06 -10.89 -48.88
N SER C 365 1.73 -10.89 -48.78
CA SER C 365 0.86 -11.39 -49.85
C SER C 365 0.90 -10.56 -51.13
N GLU C 366 1.96 -9.77 -51.29
CA GLU C 366 2.12 -8.92 -52.45
C GLU C 366 3.63 -8.66 -52.69
N GLY C 367 4.30 -8.09 -51.69
CA GLY C 367 5.72 -7.79 -51.79
C GLY C 367 6.52 -7.83 -50.50
N THR C 368 7.29 -6.77 -50.22
CA THR C 368 8.14 -6.76 -49.02
C THR C 368 8.20 -5.46 -48.20
N TYR C 369 7.30 -5.35 -47.23
CA TYR C 369 7.26 -4.18 -46.35
C TYR C 369 7.03 -4.68 -44.93
N CYS C 370 6.92 -3.77 -43.97
CA CYS C 370 6.68 -4.16 -42.59
C CYS C 370 5.23 -3.96 -42.14
N CYS C 371 4.93 -4.32 -40.90
CA CYS C 371 3.57 -4.23 -40.43
C CYS C 371 3.26 -3.30 -39.25
N GLY C 372 1.97 -3.24 -38.91
CA GLY C 372 1.51 -2.42 -37.79
C GLY C 372 1.33 -0.96 -38.15
N PRO C 373 0.74 -0.15 -37.24
CA PRO C 373 0.28 -0.58 -35.93
C PRO C 373 -1.07 -1.28 -35.94
N VAL C 374 -1.19 -2.36 -35.19
CA VAL C 374 -2.46 -3.09 -35.09
C VAL C 374 -2.77 -3.30 -33.62
N PRO C 375 -4.03 -3.08 -33.22
CA PRO C 375 -4.36 -3.27 -31.80
C PRO C 375 -4.07 -4.69 -31.35
N VAL C 376 -3.44 -4.84 -30.19
CA VAL C 376 -3.13 -6.17 -29.71
C VAL C 376 -4.42 -6.87 -29.30
N ARG C 377 -5.30 -6.12 -28.65
CA ARG C 377 -6.58 -6.65 -28.20
C ARG C 377 -7.23 -7.27 -29.44
N ALA C 378 -6.91 -6.70 -30.60
CA ALA C 378 -7.47 -7.19 -31.86
C ALA C 378 -6.86 -8.53 -32.18
N ILE C 379 -5.53 -8.64 -32.08
CA ILE C 379 -4.87 -9.90 -32.39
C ILE C 379 -5.32 -10.97 -31.40
N LYS C 380 -5.86 -10.55 -30.26
CA LYS C 380 -6.31 -11.51 -29.26
C LYS C 380 -7.70 -12.03 -29.58
N GLU C 381 -8.54 -11.15 -30.13
CA GLU C 381 -9.92 -11.51 -30.46
C GLU C 381 -10.04 -12.34 -31.75
N GLY C 382 -9.13 -12.11 -32.69
CA GLY C 382 -9.18 -12.82 -33.95
C GLY C 382 -9.79 -11.88 -34.97
N ASP C 383 -9.92 -10.62 -34.58
CA ASP C 383 -10.47 -9.56 -35.42
C ASP C 383 -9.45 -9.20 -36.52
N LEU C 384 -9.09 -10.20 -37.32
CA LEU C 384 -8.10 -10.05 -38.38
C LEU C 384 -8.41 -8.94 -39.37
N SER C 385 -9.57 -8.32 -39.26
CA SER C 385 -9.93 -7.26 -40.18
C SER C 385 -9.51 -5.86 -39.73
N THR C 386 -9.03 -5.75 -38.49
CA THR C 386 -8.62 -4.45 -37.98
C THR C 386 -7.41 -3.96 -38.75
N LYS C 387 -7.45 -2.68 -39.10
CA LYS C 387 -6.41 -2.05 -39.89
C LYS C 387 -4.97 -2.20 -39.41
N TYR C 388 -4.13 -2.47 -40.40
CA TYR C 388 -2.68 -2.63 -40.29
C TYR C 388 -2.08 -3.98 -40.01
N ASP C 389 -2.10 -4.80 -41.04
CA ASP C 389 -1.51 -6.12 -41.04
C ASP C 389 -1.92 -7.05 -39.91
N ALA C 390 -3.14 -6.92 -39.43
CA ALA C 390 -3.63 -7.79 -38.35
C ALA C 390 -3.38 -9.29 -38.63
N PRO C 391 -3.63 -9.75 -39.87
CA PRO C 391 -3.42 -11.14 -40.26
C PRO C 391 -2.02 -11.70 -40.01
N PHE C 392 -1.00 -10.90 -40.30
CA PHE C 392 0.38 -11.31 -40.10
C PHE C 392 0.70 -11.52 -38.62
N VAL C 393 0.48 -10.49 -37.83
CA VAL C 393 0.74 -10.57 -36.39
C VAL C 393 0.00 -11.75 -35.77
N PHE C 394 -1.11 -12.15 -36.37
CA PHE C 394 -1.90 -13.26 -35.84
C PHE C 394 -1.19 -14.59 -36.03
N ALA C 395 -0.70 -14.82 -37.25
CA ALA C 395 0.01 -16.04 -37.59
C ALA C 395 1.40 -16.06 -36.95
N GLU C 396 1.87 -14.86 -36.65
CA GLU C 396 3.16 -14.65 -36.01
C GLU C 396 3.11 -15.35 -34.66
N VAL C 397 1.93 -15.31 -34.05
CA VAL C 397 1.69 -15.88 -32.73
C VAL C 397 0.80 -17.13 -32.70
N ASN C 398 -0.06 -17.31 -33.72
CA ASN C 398 -0.96 -18.46 -33.75
C ASN C 398 -0.80 -19.43 -34.93
N ALA C 399 0.27 -19.30 -35.69
CA ALA C 399 0.44 -20.21 -36.82
C ALA C 399 0.33 -21.65 -36.33
N ASP C 400 -0.04 -22.54 -37.23
CA ASP C 400 -0.16 -23.94 -36.90
C ASP C 400 0.91 -24.64 -37.75
N VAL C 401 1.50 -25.71 -37.24
CA VAL C 401 2.54 -26.39 -37.98
C VAL C 401 2.33 -27.90 -38.03
N VAL C 402 2.62 -28.50 -39.18
CA VAL C 402 2.48 -29.94 -39.36
C VAL C 402 3.77 -30.52 -39.92
N ASP C 403 4.30 -31.52 -39.26
CA ASP C 403 5.55 -32.11 -39.71
C ASP C 403 5.32 -33.45 -40.39
N TRP C 404 5.52 -33.47 -41.70
CA TRP C 404 5.36 -34.68 -42.50
C TRP C 404 6.68 -35.39 -42.69
N ILE C 405 6.65 -36.70 -42.68
CA ILE C 405 7.87 -37.45 -42.88
C ILE C 405 7.76 -38.30 -44.14
N GLN C 406 8.69 -38.07 -45.07
CA GLN C 406 8.71 -38.78 -46.35
C GLN C 406 8.89 -40.27 -46.22
N GLN C 407 8.03 -41.03 -46.89
CA GLN C 407 8.12 -42.49 -46.87
C GLN C 407 9.09 -42.82 -48.01
N ASP C 408 10.11 -43.62 -47.71
CA ASP C 408 11.10 -44.02 -48.72
C ASP C 408 10.45 -45.00 -49.69
N ASP C 409 9.21 -44.71 -50.06
CA ASP C 409 8.44 -45.57 -50.96
C ASP C 409 7.10 -44.93 -51.32
N GLY C 410 7.09 -43.63 -51.52
CA GLY C 410 5.84 -42.97 -51.87
C GLY C 410 5.53 -41.70 -51.10
N SER C 411 4.30 -41.60 -50.60
CA SER C 411 3.86 -40.42 -49.88
C SER C 411 4.43 -40.27 -48.48
N VAL C 412 4.11 -39.13 -47.89
CA VAL C 412 4.55 -38.77 -46.55
C VAL C 412 3.55 -39.22 -45.48
N HIS C 413 4.04 -39.36 -44.26
CA HIS C 413 3.22 -39.80 -43.14
C HIS C 413 3.27 -38.73 -42.04
N LYS C 414 2.09 -38.28 -41.59
CA LYS C 414 2.01 -37.25 -40.54
C LYS C 414 2.63 -37.73 -39.23
N SER C 415 3.42 -36.87 -38.60
CA SER C 415 4.08 -37.22 -37.34
C SER C 415 3.58 -36.39 -36.16
N ILE C 416 3.79 -36.92 -34.97
CA ILE C 416 3.39 -36.24 -33.76
C ILE C 416 4.57 -35.42 -33.25
N ASN C 417 4.40 -34.10 -33.18
CA ASN C 417 5.46 -33.22 -32.68
C ASN C 417 4.91 -32.33 -31.58
N ARG C 418 4.67 -32.94 -30.41
CA ARG C 418 4.14 -32.20 -29.27
C ARG C 418 5.13 -31.22 -28.65
N SER C 419 6.35 -31.17 -29.19
CA SER C 419 7.38 -30.29 -28.65
C SER C 419 7.49 -28.91 -29.30
N LEU C 420 6.53 -28.52 -30.13
CA LEU C 420 6.60 -27.21 -30.76
C LEU C 420 5.35 -26.39 -30.48
N ILE C 421 5.53 -25.11 -30.24
CA ILE C 421 4.43 -24.21 -29.95
C ILE C 421 4.75 -22.84 -30.51
N VAL C 422 3.88 -22.33 -31.37
CA VAL C 422 4.09 -21.03 -31.94
C VAL C 422 3.49 -19.99 -30.99
N GLY C 423 4.32 -19.02 -30.58
CA GLY C 423 3.84 -17.99 -29.67
C GLY C 423 4.10 -18.40 -28.24
N LEU C 424 5.36 -18.34 -27.85
CA LEU C 424 5.80 -18.71 -26.51
C LEU C 424 6.39 -17.57 -25.73
N LYS C 425 6.28 -17.69 -24.41
CA LYS C 425 6.83 -16.70 -23.49
C LYS C 425 6.96 -15.25 -24.02
N ILE C 426 5.96 -14.76 -24.76
CA ILE C 426 6.00 -13.39 -25.28
C ILE C 426 6.35 -12.45 -24.13
N SER C 427 7.57 -11.92 -24.17
CA SER C 427 8.03 -11.07 -23.09
C SER C 427 8.57 -9.69 -23.42
N THR C 428 8.64 -8.87 -22.37
CA THR C 428 9.16 -7.51 -22.42
C THR C 428 9.52 -7.13 -20.96
N LYS C 429 10.42 -6.17 -20.80
CA LYS C 429 10.86 -5.74 -19.48
C LYS C 429 9.70 -5.35 -18.59
N SER C 430 9.88 -5.47 -17.27
CA SER C 430 8.86 -5.11 -16.28
C SER C 430 8.87 -3.62 -16.04
N VAL C 431 7.71 -3.06 -15.76
CA VAL C 431 7.62 -1.62 -15.53
C VAL C 431 8.20 -1.27 -14.16
N GLY C 432 9.30 -0.51 -14.19
CA GLY C 432 9.95 -0.09 -12.96
C GLY C 432 10.91 -1.07 -12.30
N ARG C 433 11.08 -2.24 -12.89
CA ARG C 433 11.97 -3.24 -12.34
C ARG C 433 12.76 -3.90 -13.44
N ASP C 434 13.66 -4.80 -13.04
CA ASP C 434 14.51 -5.51 -13.98
C ASP C 434 13.99 -6.90 -14.33
N GLU C 435 12.94 -7.35 -13.66
CA GLU C 435 12.40 -8.68 -13.98
C GLU C 435 11.77 -8.65 -15.34
N ARG C 436 11.41 -9.83 -15.83
CA ARG C 436 10.77 -9.96 -17.12
C ARG C 436 9.25 -10.06 -16.92
N GLU C 437 8.48 -9.48 -17.83
CA GLU C 437 7.02 -9.58 -17.72
C GLU C 437 6.44 -10.35 -18.89
N ASP C 438 5.88 -11.53 -18.61
CA ASP C 438 5.29 -12.33 -19.67
C ASP C 438 3.95 -11.70 -20.05
N ILE C 439 3.85 -11.22 -21.28
CA ILE C 439 2.63 -10.61 -21.77
C ILE C 439 1.98 -11.50 -22.83
N THR C 440 2.21 -12.82 -22.74
CA THR C 440 1.64 -13.74 -23.70
C THR C 440 0.13 -13.76 -23.60
N HIS C 441 -0.37 -13.49 -22.41
CA HIS C 441 -1.80 -13.48 -22.19
C HIS C 441 -2.50 -12.33 -22.90
N THR C 442 -1.74 -11.33 -23.34
CA THR C 442 -2.35 -10.20 -24.00
C THR C 442 -2.52 -10.45 -25.50
N TYR C 443 -1.98 -11.56 -25.97
CA TYR C 443 -2.08 -11.91 -27.38
C TYR C 443 -2.97 -13.13 -27.62
N LYS C 444 -2.96 -14.07 -26.68
CA LYS C 444 -3.75 -15.28 -26.83
C LYS C 444 -4.58 -15.62 -25.61
N TYR C 445 -5.78 -16.17 -25.83
CA TYR C 445 -6.62 -16.58 -24.72
C TYR C 445 -6.07 -17.92 -24.33
N PRO C 446 -6.32 -18.35 -23.09
CA PRO C 446 -5.81 -19.64 -22.65
C PRO C 446 -6.28 -20.74 -23.58
N GLU C 447 -5.47 -21.78 -23.79
CA GLU C 447 -5.85 -22.87 -24.68
C GLU C 447 -7.05 -23.61 -24.09
N GLY C 448 -7.87 -24.17 -24.95
CA GLY C 448 -9.05 -24.90 -24.48
C GLY C 448 -10.25 -23.99 -24.27
N SER C 449 -10.04 -22.90 -23.54
CA SER C 449 -11.10 -21.92 -23.25
C SER C 449 -12.07 -21.67 -24.40
N SER C 450 -13.19 -21.04 -24.07
CA SER C 450 -14.23 -20.70 -25.03
C SER C 450 -13.82 -19.46 -25.82
N GLU C 451 -13.22 -18.50 -25.12
CA GLU C 451 -12.78 -17.26 -25.73
C GLU C 451 -11.76 -17.56 -26.82
N GLU C 452 -11.01 -18.65 -26.63
CA GLU C 452 -10.03 -19.05 -27.62
C GLU C 452 -10.74 -19.60 -28.85
N ARG C 453 -11.84 -20.31 -28.63
CA ARG C 453 -12.59 -20.88 -29.72
C ARG C 453 -13.28 -19.79 -30.50
N GLU C 454 -13.93 -18.87 -29.81
CA GLU C 454 -14.63 -17.81 -30.51
C GLU C 454 -13.64 -16.87 -31.19
N ALA C 455 -12.39 -16.90 -30.74
CA ALA C 455 -11.35 -16.05 -31.34
C ALA C 455 -10.82 -16.66 -32.64
N PHE C 456 -10.52 -17.96 -32.58
CA PHE C 456 -10.00 -18.68 -33.74
C PHE C 456 -11.10 -18.78 -34.78
N THR C 457 -12.27 -18.27 -34.42
CA THR C 457 -13.40 -18.30 -35.33
C THR C 457 -13.48 -17.00 -36.11
N ARG C 458 -13.21 -15.87 -35.45
CA ARG C 458 -13.21 -14.57 -36.12
C ARG C 458 -12.00 -14.59 -37.05
N ALA C 459 -11.19 -15.65 -36.92
CA ALA C 459 -9.99 -15.83 -37.71
C ALA C 459 -9.99 -17.05 -38.64
N ASN C 460 -11.07 -17.85 -38.59
CA ASN C 460 -11.19 -19.05 -39.43
C ASN C 460 -10.01 -19.98 -39.18
N HIS C 461 -9.44 -19.87 -37.99
CA HIS C 461 -8.31 -20.68 -37.61
C HIS C 461 -8.76 -21.84 -36.70
N LEU C 462 -9.95 -22.35 -36.96
CA LEU C 462 -10.46 -23.46 -36.16
C LEU C 462 -9.80 -24.77 -36.55
N ASN C 463 -8.48 -24.72 -36.71
CA ASN C 463 -7.70 -25.90 -37.05
C ASN C 463 -6.99 -26.29 -35.75
N LYS C 464 -7.71 -27.02 -34.91
CA LYS C 464 -7.17 -27.44 -33.62
C LYS C 464 -8.00 -28.54 -32.95
N LEU C 465 -7.81 -29.78 -33.39
CA LEU C 465 -8.50 -30.93 -32.80
C LEU C 465 -7.46 -31.99 -32.40
N ALA C 466 -6.53 -31.60 -31.52
CA ALA C 466 -5.44 -32.45 -31.05
C ALA C 466 -5.66 -33.97 -31.12
N GLU C 467 -4.57 -34.70 -31.36
CA GLU C 467 -4.60 -36.15 -31.44
C GLU C 467 -4.33 -36.72 -30.05
N LYS C 468 -5.26 -36.44 -29.12
CA LYS C 468 -5.17 -36.89 -27.72
C LYS C 468 -5.12 -38.42 -27.59
N GLU C 469 -5.00 -39.11 -28.72
CA GLU C 469 -4.95 -40.56 -28.71
C GLU C 469 -3.53 -41.12 -28.82
N GLU C 470 -2.71 -40.55 -29.70
CA GLU C 470 -1.33 -41.00 -29.91
C GLU C 470 -1.19 -42.52 -29.91
N THR C 471 0.04 -43.04 -29.85
CA THR C 471 0.22 -44.49 -29.82
C THR C 471 0.96 -44.93 -28.55
N GLY C 472 0.58 -44.33 -27.42
CA GLY C 472 1.17 -44.67 -26.13
C GLY C 472 2.59 -44.22 -25.87
N MET C 473 3.11 -43.33 -26.72
CA MET C 473 4.47 -42.85 -26.53
C MET C 473 4.66 -41.33 -26.68
N ALA C 474 5.64 -40.82 -25.94
CA ALA C 474 5.98 -39.40 -25.96
C ALA C 474 7.49 -39.26 -25.92
N MET C 475 7.99 -38.12 -26.40
CA MET C 475 9.41 -37.86 -26.40
C MET C 475 9.66 -36.36 -26.30
N ARG C 476 10.71 -35.98 -25.56
CA ARG C 476 11.05 -34.58 -25.37
C ARG C 476 12.57 -34.53 -25.16
N ILE C 477 13.18 -33.39 -25.45
CA ILE C 477 14.63 -33.24 -25.27
C ILE C 477 14.94 -32.62 -23.91
N ARG C 478 15.80 -33.27 -23.14
CA ARG C 478 16.19 -32.77 -21.83
C ARG C 478 17.66 -32.34 -21.89
N VAL C 479 18.03 -31.32 -21.11
CA VAL C 479 19.41 -30.85 -21.12
C VAL C 479 20.17 -31.16 -19.83
N GLY C 480 19.47 -31.70 -18.84
CA GLY C 480 20.13 -31.99 -17.58
C GLY C 480 20.27 -30.69 -16.82
N GLN C 481 21.37 -29.99 -17.05
CA GLN C 481 21.58 -28.69 -16.42
C GLN C 481 22.07 -27.70 -17.48
N SER C 482 22.41 -26.48 -17.05
CA SER C 482 22.90 -25.42 -17.93
C SER C 482 24.30 -25.75 -18.53
N MET C 483 24.43 -25.54 -19.84
CA MET C 483 25.70 -25.79 -20.52
C MET C 483 26.25 -24.46 -20.99
N ASN C 484 27.56 -24.27 -20.84
CA ASN C 484 28.19 -23.02 -21.21
C ASN C 484 28.93 -23.05 -22.53
N MET C 485 29.00 -21.86 -23.13
CA MET C 485 29.67 -21.65 -24.38
C MET C 485 31.17 -21.92 -24.20
N GLY C 486 31.66 -22.96 -24.86
CA GLY C 486 33.07 -23.28 -24.78
C GLY C 486 33.33 -24.66 -24.26
N SER C 487 32.27 -25.37 -23.89
CA SER C 487 32.48 -26.72 -23.35
C SER C 487 31.70 -27.81 -24.08
N ASP C 488 31.86 -29.03 -23.57
CA ASP C 488 31.16 -30.19 -24.09
C ASP C 488 30.03 -30.44 -23.10
N PHE C 489 28.98 -31.09 -23.52
CA PHE C 489 27.86 -31.33 -22.62
C PHE C 489 26.93 -32.34 -23.26
N ASP C 490 26.02 -32.88 -22.48
CA ASP C 490 25.08 -33.86 -23.00
C ASP C 490 23.64 -33.39 -22.99
N VAL C 491 22.91 -33.83 -24.00
CA VAL C 491 21.50 -33.52 -24.15
C VAL C 491 20.89 -34.89 -24.26
N PHE C 492 19.66 -35.05 -23.81
CA PHE C 492 19.06 -36.38 -23.86
C PHE C 492 17.72 -36.44 -24.56
N ALA C 493 17.46 -37.57 -25.21
CA ALA C 493 16.20 -37.81 -25.89
C ALA C 493 15.43 -38.62 -24.86
N HIS C 494 14.43 -38.01 -24.23
CA HIS C 494 13.69 -38.74 -23.22
C HIS C 494 12.44 -39.39 -23.81
N ILE C 495 12.47 -40.72 -23.87
CA ILE C 495 11.35 -41.48 -24.41
C ILE C 495 10.53 -42.11 -23.30
N THR C 496 9.23 -41.84 -23.31
CA THR C 496 8.31 -42.38 -22.31
C THR C 496 7.39 -43.36 -23.03
N ASN C 497 7.20 -44.54 -22.43
CA ASN C 497 6.36 -45.57 -23.02
C ASN C 497 5.32 -46.05 -22.03
N ASN C 498 4.16 -45.41 -22.01
CA ASN C 498 3.13 -45.85 -21.09
C ASN C 498 2.22 -46.85 -21.80
N THR C 499 2.76 -48.03 -22.06
CA THR C 499 2.00 -49.07 -22.74
C THR C 499 2.42 -50.46 -22.30
N ALA C 500 1.53 -51.43 -22.50
CA ALA C 500 1.80 -52.80 -22.16
C ALA C 500 2.84 -53.34 -23.12
N GLU C 501 2.78 -52.84 -24.35
CA GLU C 501 3.68 -53.24 -25.43
C GLU C 501 5.13 -52.86 -25.18
N GLU C 502 6.05 -53.75 -25.56
CA GLU C 502 7.47 -53.44 -25.41
C GLU C 502 8.08 -53.27 -26.80
N TYR C 503 7.85 -52.09 -27.38
CA TYR C 503 8.33 -51.75 -28.71
C TYR C 503 9.82 -51.82 -28.99
N VAL C 504 10.14 -51.75 -30.28
CA VAL C 504 11.52 -51.73 -30.79
C VAL C 504 11.46 -50.64 -31.85
N CYS C 505 12.25 -49.58 -31.65
CA CYS C 505 12.24 -48.46 -32.56
C CYS C 505 13.55 -48.13 -33.24
N ARG C 506 13.49 -47.01 -33.94
CA ARG C 506 14.59 -46.42 -34.67
C ARG C 506 14.56 -45.00 -34.14
N LEU C 507 15.57 -44.62 -33.37
CA LEU C 507 15.62 -43.27 -32.83
C LEU C 507 16.74 -42.54 -33.55
N LEU C 508 16.38 -41.44 -34.22
CA LEU C 508 17.38 -40.67 -34.93
C LEU C 508 17.61 -39.36 -34.19
N LEU C 509 18.86 -39.11 -33.83
CA LEU C 509 19.22 -37.90 -33.09
C LEU C 509 20.18 -37.01 -33.90
N CYS C 510 19.78 -35.76 -34.12
CA CYS C 510 20.61 -34.82 -34.86
C CYS C 510 20.65 -33.42 -34.25
N ALA C 511 21.85 -32.97 -33.90
CA ALA C 511 22.05 -31.64 -33.31
C ALA C 511 22.75 -30.76 -34.34
N ARG C 512 22.33 -29.49 -34.43
CA ARG C 512 22.94 -28.56 -35.36
C ARG C 512 22.92 -27.12 -34.87
N THR C 513 23.97 -26.37 -35.16
CA THR C 513 24.06 -24.98 -34.74
C THR C 513 23.15 -24.14 -35.63
N VAL C 514 22.22 -23.45 -35.00
CA VAL C 514 21.26 -22.61 -35.70
C VAL C 514 21.45 -21.14 -35.38
N SER C 515 20.85 -20.29 -36.21
CA SER C 515 20.90 -18.85 -36.06
C SER C 515 19.59 -18.47 -35.40
N TYR C 516 19.46 -17.27 -34.85
CA TYR C 516 18.22 -16.92 -34.17
C TYR C 516 16.96 -17.01 -35.00
N ASN C 517 17.08 -17.14 -36.32
CA ASN C 517 15.90 -17.21 -37.15
C ASN C 517 15.63 -18.57 -37.78
N GLY C 518 16.38 -19.60 -37.40
CA GLY C 518 16.12 -20.92 -37.94
C GLY C 518 17.08 -21.46 -38.99
N ILE C 519 17.96 -20.60 -39.50
CA ILE C 519 18.92 -21.03 -40.50
C ILE C 519 19.82 -22.10 -39.89
N LEU C 520 19.51 -23.36 -40.20
CA LEU C 520 20.27 -24.50 -39.69
C LEU C 520 21.67 -24.67 -40.27
N GLY C 521 22.67 -24.77 -39.40
CA GLY C 521 24.03 -24.95 -39.85
C GLY C 521 24.40 -26.42 -39.87
N PRO C 522 25.69 -26.76 -40.04
CA PRO C 522 26.16 -28.14 -40.09
C PRO C 522 25.90 -28.88 -38.78
N GLU C 523 25.68 -30.19 -38.85
CA GLU C 523 25.44 -30.99 -37.66
C GLU C 523 26.68 -31.00 -36.74
N CYS C 524 26.43 -30.80 -35.44
CA CYS C 524 27.49 -30.79 -34.44
C CYS C 524 27.35 -31.96 -33.46
N GLY C 525 26.66 -33.00 -33.89
CA GLY C 525 26.46 -34.17 -33.06
C GLY C 525 25.31 -35.00 -33.58
N THR C 526 25.55 -36.30 -33.72
CA THR C 526 24.53 -37.20 -34.23
C THR C 526 24.69 -38.62 -33.69
N LYS C 527 23.56 -39.26 -33.39
CA LYS C 527 23.53 -40.62 -32.89
C LYS C 527 22.29 -41.27 -33.48
N TYR C 528 22.43 -42.50 -33.95
CA TYR C 528 21.30 -43.24 -34.52
C TYR C 528 21.28 -44.66 -33.99
N LEU C 529 20.20 -45.02 -33.30
CA LEU C 529 20.06 -46.37 -32.77
C LEU C 529 18.93 -46.97 -33.58
N LEU C 530 19.18 -48.10 -34.21
CA LEU C 530 18.18 -48.74 -35.04
C LEU C 530 17.45 -49.91 -34.38
N ASN C 531 17.85 -50.24 -33.16
CA ASN C 531 17.22 -51.33 -32.42
C ASN C 531 17.06 -50.92 -30.97
N LEU C 532 16.34 -49.84 -30.75
CA LEU C 532 16.14 -49.33 -29.40
C LEU C 532 15.02 -50.15 -28.77
N ASN C 533 15.26 -50.64 -27.56
CA ASN C 533 14.27 -51.44 -26.83
C ASN C 533 13.54 -50.56 -25.81
N LEU C 534 12.23 -50.43 -25.97
CA LEU C 534 11.44 -49.62 -25.06
C LEU C 534 10.50 -50.48 -24.22
N GLU C 535 11.06 -51.14 -23.21
CA GLU C 535 10.31 -52.01 -22.31
C GLU C 535 9.01 -51.32 -21.87
N PRO C 536 7.98 -52.11 -21.55
CA PRO C 536 6.65 -51.64 -21.10
C PRO C 536 6.70 -50.70 -19.92
N PHE C 537 5.75 -49.77 -19.88
CA PHE C 537 5.62 -48.81 -18.79
C PHE C 537 6.92 -48.27 -18.21
N SER C 538 7.89 -47.97 -19.07
CA SER C 538 9.17 -47.46 -18.61
C SER C 538 9.53 -46.20 -19.39
N GLU C 539 10.72 -45.68 -19.14
CA GLU C 539 11.22 -44.50 -19.83
C GLU C 539 12.69 -44.74 -20.18
N LYS C 540 13.09 -44.34 -21.38
CA LYS C 540 14.47 -44.53 -21.80
C LYS C 540 15.12 -43.16 -22.02
N SER C 541 16.39 -43.04 -21.65
CA SER C 541 17.11 -41.78 -21.83
C SER C 541 18.34 -42.01 -22.70
N VAL C 542 18.31 -41.45 -23.90
CA VAL C 542 19.42 -41.61 -24.85
C VAL C 542 20.24 -40.33 -24.97
N PRO C 543 21.54 -40.43 -24.65
CA PRO C 543 22.53 -39.35 -24.69
C PRO C 543 23.06 -38.93 -26.06
N LEU C 544 23.39 -37.65 -26.16
CA LEU C 544 23.96 -37.08 -27.38
C LEU C 544 25.06 -36.09 -26.94
N CYS C 545 26.31 -36.45 -27.19
CA CYS C 545 27.41 -35.60 -26.78
C CYS C 545 27.74 -34.49 -27.78
N ILE C 546 27.47 -33.26 -27.37
CA ILE C 546 27.73 -32.10 -28.19
C ILE C 546 29.08 -31.54 -27.80
N LEU C 547 30.05 -31.74 -28.66
CA LEU C 547 31.41 -31.28 -28.42
C LEU C 547 31.66 -29.85 -28.87
N TYR C 548 32.45 -29.10 -28.09
CA TYR C 548 32.80 -27.72 -28.43
C TYR C 548 33.53 -27.80 -29.75
N GLU C 549 34.51 -28.71 -29.80
CA GLU C 549 35.32 -28.91 -30.99
C GLU C 549 34.47 -29.11 -32.24
N LYS C 550 33.23 -29.56 -32.07
CA LYS C 550 32.35 -29.82 -33.22
C LYS C 550 31.21 -28.83 -33.52
N TYR C 551 31.08 -27.77 -32.73
CA TYR C 551 30.03 -26.78 -33.00
C TYR C 551 30.62 -25.38 -32.99
N ARG C 552 31.88 -25.28 -32.58
CA ARG C 552 32.59 -24.01 -32.48
C ARG C 552 32.73 -23.26 -33.78
N ASP C 553 32.97 -23.97 -34.87
CA ASP C 553 33.14 -23.30 -36.18
C ASP C 553 31.94 -22.55 -36.72
N CYS C 554 30.76 -23.15 -36.67
CA CYS C 554 29.55 -22.52 -37.19
C CYS C 554 28.49 -22.02 -36.22
N LEU C 555 28.90 -21.51 -35.05
CA LEU C 555 27.95 -20.99 -34.05
C LEU C 555 27.77 -19.50 -34.25
N THR C 556 26.54 -19.01 -34.11
CA THR C 556 26.24 -17.58 -34.26
C THR C 556 26.39 -16.88 -32.93
N GLU C 557 26.49 -15.57 -32.98
CA GLU C 557 26.63 -14.78 -31.76
C GLU C 557 25.50 -15.07 -30.77
N SER C 558 24.45 -15.76 -31.21
CA SER C 558 23.31 -16.07 -30.36
C SER C 558 23.43 -17.39 -29.61
N ASN C 559 24.59 -18.02 -29.75
CA ASN C 559 24.87 -19.27 -29.06
C ASN C 559 23.70 -20.27 -29.07
N LEU C 560 23.13 -20.49 -30.25
CA LEU C 560 22.02 -21.41 -30.38
C LEU C 560 22.39 -22.71 -31.09
N ILE C 561 21.94 -23.83 -30.56
CA ILE C 561 22.15 -25.14 -31.14
C ILE C 561 20.81 -25.89 -31.06
N LYS C 562 20.32 -26.38 -32.21
CA LYS C 562 19.05 -27.09 -32.25
C LYS C 562 19.21 -28.60 -32.27
N VAL C 563 18.59 -29.25 -31.30
CA VAL C 563 18.66 -30.69 -31.19
C VAL C 563 17.37 -31.24 -31.75
N ARG C 564 17.47 -32.31 -32.52
CA ARG C 564 16.30 -32.93 -33.14
C ARG C 564 16.31 -34.44 -32.96
N ALA C 565 15.15 -35.00 -32.68
CA ALA C 565 15.05 -36.45 -32.50
C ALA C 565 13.80 -36.98 -33.17
N LEU C 566 13.97 -38.11 -33.86
CA LEU C 566 12.86 -38.76 -34.53
C LEU C 566 12.80 -40.19 -34.02
N LEU C 567 11.63 -40.57 -33.53
CA LEU C 567 11.42 -41.91 -32.99
C LEU C 567 10.48 -42.61 -33.94
N VAL C 568 10.97 -43.67 -34.57
CA VAL C 568 10.19 -44.43 -35.53
C VAL C 568 9.83 -45.80 -34.98
N GLU C 569 8.56 -46.16 -35.15
CA GLU C 569 8.03 -47.44 -34.69
C GLU C 569 7.54 -48.14 -35.94
N PRO C 570 8.37 -49.03 -36.52
CA PRO C 570 8.03 -49.78 -37.74
C PRO C 570 6.64 -50.41 -37.81
N VAL C 571 6.32 -51.29 -36.85
CA VAL C 571 5.02 -51.97 -36.79
C VAL C 571 3.88 -51.03 -37.18
N ILE C 572 3.30 -50.36 -36.19
CA ILE C 572 2.21 -49.42 -36.45
C ILE C 572 2.65 -48.26 -37.33
N ASN C 573 3.90 -48.30 -37.78
CA ASN C 573 4.49 -47.24 -38.62
C ASN C 573 4.20 -45.83 -38.05
N SER C 574 4.75 -45.55 -36.87
CA SER C 574 4.53 -44.27 -36.19
C SER C 574 5.79 -43.40 -36.09
N TYR C 575 5.60 -42.11 -36.35
CA TYR C 575 6.67 -41.14 -36.26
C TYR C 575 6.40 -40.15 -35.15
N LEU C 576 7.36 -40.00 -34.25
CA LEU C 576 7.26 -39.07 -33.15
C LEU C 576 8.44 -38.11 -33.27
N LEU C 577 8.14 -36.83 -33.42
CA LEU C 577 9.17 -35.81 -33.60
C LEU C 577 9.36 -34.94 -32.36
N ALA C 578 10.61 -34.58 -32.10
CA ALA C 578 10.93 -33.73 -30.96
C ALA C 578 12.18 -32.92 -31.26
N GLU C 579 12.05 -31.61 -31.16
CA GLU C 579 13.18 -30.72 -31.39
C GLU C 579 13.23 -29.73 -30.24
N ARG C 580 14.40 -29.15 -29.99
CA ARG C 580 14.56 -28.16 -28.93
C ARG C 580 15.76 -27.28 -29.24
N ASP C 581 15.62 -25.99 -28.95
CA ASP C 581 16.70 -25.05 -29.18
C ASP C 581 17.46 -24.75 -27.88
N LEU C 582 18.75 -25.08 -27.86
CA LEU C 582 19.58 -24.86 -26.67
C LEU C 582 20.28 -23.51 -26.73
N TYR C 583 20.55 -22.93 -25.57
CA TYR C 583 21.28 -21.66 -25.52
C TYR C 583 22.54 -21.87 -24.71
N LEU C 584 23.70 -21.74 -25.34
CA LEU C 584 24.95 -21.90 -24.61
C LEU C 584 25.26 -20.62 -23.81
N GLU C 585 25.31 -20.77 -22.48
CA GLU C 585 25.56 -19.66 -21.56
C GLU C 585 26.94 -19.00 -21.68
N ASN C 586 26.94 -17.68 -21.86
CA ASN C 586 28.18 -16.94 -21.98
C ASN C 586 28.82 -16.74 -20.61
N PRO C 587 30.11 -16.37 -20.59
CA PRO C 587 30.74 -16.15 -19.29
C PRO C 587 30.19 -14.83 -18.76
N GLU C 588 29.97 -14.75 -17.46
CA GLU C 588 29.44 -13.52 -16.87
C GLU C 588 30.49 -12.41 -16.93
N ILE C 589 30.07 -11.17 -16.73
CA ILE C 589 31.01 -10.06 -16.73
C ILE C 589 30.94 -9.38 -15.35
N LYS C 590 32.01 -9.47 -14.57
CA LYS C 590 32.04 -8.86 -13.24
C LYS C 590 32.21 -7.36 -13.38
N ILE C 591 31.43 -6.60 -12.63
CA ILE C 591 31.49 -5.15 -12.71
C ILE C 591 31.56 -4.55 -11.32
N ARG C 592 32.57 -3.73 -11.09
CA ARG C 592 32.74 -3.08 -9.80
C ARG C 592 32.75 -1.58 -10.02
N ILE C 593 32.02 -0.86 -9.18
CA ILE C 593 31.98 0.58 -9.28
C ILE C 593 32.86 1.13 -8.17
N LEU C 594 34.05 1.57 -8.56
CA LEU C 594 35.04 2.10 -7.62
C LEU C 594 34.82 3.57 -7.35
N GLY C 595 34.92 3.95 -6.08
CA GLY C 595 34.72 5.34 -5.71
C GLY C 595 33.27 5.64 -5.42
N GLU C 596 32.96 6.91 -5.21
CA GLU C 596 31.61 7.36 -4.93
C GLU C 596 30.86 7.88 -6.16
N PRO C 597 29.67 7.32 -6.41
CA PRO C 597 28.81 7.69 -7.53
C PRO C 597 28.17 9.05 -7.33
N LYS C 598 28.95 10.10 -7.57
CA LYS C 598 28.45 11.46 -7.42
C LYS C 598 28.28 12.07 -8.80
N GLN C 599 27.38 13.04 -8.90
CA GLN C 599 27.12 13.74 -10.15
C GLN C 599 28.34 14.57 -10.52
N LYS C 600 28.57 14.77 -11.82
CA LYS C 600 29.71 15.55 -12.31
C LYS C 600 30.92 15.25 -11.42
N ARG C 601 31.35 13.99 -11.45
CA ARG C 601 32.49 13.55 -10.65
C ARG C 601 33.04 12.32 -11.34
N LYS C 602 34.35 12.11 -11.25
CA LYS C 602 34.97 10.95 -11.88
C LYS C 602 34.33 9.70 -11.30
N LEU C 603 34.42 8.62 -12.05
CA LEU C 603 33.86 7.35 -11.63
C LEU C 603 34.60 6.29 -12.42
N VAL C 604 34.88 5.17 -11.78
CA VAL C 604 35.60 4.12 -12.47
C VAL C 604 34.86 2.79 -12.42
N ALA C 605 34.90 2.09 -13.55
CA ALA C 605 34.22 0.81 -13.65
C ALA C 605 35.23 -0.24 -14.05
N GLU C 606 35.40 -1.22 -13.18
CA GLU C 606 36.30 -2.33 -13.44
C GLU C 606 35.47 -3.47 -13.97
N VAL C 607 35.84 -3.98 -15.13
CA VAL C 607 35.11 -5.09 -15.71
C VAL C 607 36.04 -6.28 -15.95
N SER C 608 35.63 -7.45 -15.51
CA SER C 608 36.43 -8.64 -15.71
C SER C 608 35.57 -9.64 -16.46
N LEU C 609 36.20 -10.66 -17.00
CA LEU C 609 35.56 -11.70 -17.78
C LEU C 609 36.55 -12.82 -17.64
N GLN C 610 36.11 -14.06 -17.55
CA GLN C 610 37.08 -15.15 -17.42
C GLN C 610 36.96 -16.13 -18.58
N ASN C 611 37.93 -16.08 -19.49
CA ASN C 611 37.92 -16.93 -20.68
C ASN C 611 37.49 -18.36 -20.43
N PRO C 612 36.31 -18.74 -20.94
CA PRO C 612 35.71 -20.07 -20.80
C PRO C 612 36.15 -21.07 -21.86
N LEU C 613 36.77 -20.60 -22.93
CA LEU C 613 37.21 -21.50 -23.99
C LEU C 613 38.44 -22.29 -23.58
N PRO C 614 38.72 -23.38 -24.31
CA PRO C 614 39.87 -24.24 -24.03
C PRO C 614 41.10 -23.66 -24.73
N VAL C 615 40.84 -22.69 -25.61
CA VAL C 615 41.87 -22.02 -26.38
C VAL C 615 41.97 -20.57 -25.94
N ALA C 616 43.08 -19.92 -26.26
CA ALA C 616 43.28 -18.53 -25.85
C ALA C 616 42.33 -17.59 -26.59
N LEU C 617 42.31 -16.34 -26.11
CA LEU C 617 41.48 -15.29 -26.67
C LEU C 617 42.40 -14.16 -27.17
N GLU C 618 42.18 -13.71 -28.40
CA GLU C 618 43.00 -12.65 -28.96
C GLU C 618 42.17 -11.44 -29.41
N GLY C 619 42.78 -10.26 -29.36
CA GLY C 619 42.09 -9.05 -29.77
C GLY C 619 40.85 -8.78 -28.94
N CYS C 620 40.97 -8.98 -27.63
CA CYS C 620 39.86 -8.77 -26.73
C CYS C 620 39.52 -7.31 -26.57
N THR C 621 38.24 -6.98 -26.70
CA THR C 621 37.79 -5.61 -26.56
C THR C 621 36.57 -5.44 -25.68
N PHE C 622 36.63 -4.44 -24.80
CA PHE C 622 35.54 -4.10 -23.89
C PHE C 622 34.97 -2.78 -24.35
N THR C 623 33.65 -2.71 -24.45
CA THR C 623 33.01 -1.49 -24.90
C THR C 623 31.93 -1.16 -23.89
N VAL C 624 31.85 0.11 -23.51
CA VAL C 624 30.87 0.57 -22.54
C VAL C 624 30.04 1.74 -23.05
N GLU C 625 28.79 1.78 -22.64
CA GLU C 625 27.85 2.82 -23.06
C GLU C 625 26.81 2.99 -21.94
N GLY C 626 25.97 4.01 -22.02
CA GLY C 626 24.97 4.20 -20.99
C GLY C 626 24.57 5.65 -20.80
N ALA C 627 23.38 6.01 -21.29
CA ALA C 627 22.88 7.38 -21.18
C ALA C 627 22.71 7.80 -19.74
N GLY C 628 23.59 8.68 -19.30
CA GLY C 628 23.52 9.15 -17.93
C GLY C 628 24.87 8.98 -17.28
N LEU C 629 25.64 8.01 -17.76
CA LEU C 629 26.98 7.72 -17.23
C LEU C 629 28.09 8.25 -18.13
N THR C 630 27.87 8.26 -19.45
CA THR C 630 28.88 8.79 -20.39
C THR C 630 28.23 9.45 -21.58
N GLU C 631 28.91 10.46 -22.12
CA GLU C 631 28.40 11.18 -23.28
C GLU C 631 28.76 10.37 -24.50
N GLU C 632 29.97 9.81 -24.46
CA GLU C 632 30.47 9.00 -25.57
C GLU C 632 30.75 7.55 -25.13
N GLN C 633 30.74 6.65 -26.11
CA GLN C 633 31.01 5.23 -25.90
C GLN C 633 32.47 5.12 -25.45
N LYS C 634 32.78 4.10 -24.69
CA LYS C 634 34.15 3.92 -24.22
C LYS C 634 34.63 2.54 -24.62
N THR C 635 35.79 2.47 -25.26
CA THR C 635 36.35 1.19 -25.68
C THR C 635 37.79 1.02 -25.27
N VAL C 636 38.09 -0.15 -24.72
CA VAL C 636 39.43 -0.46 -24.30
C VAL C 636 39.83 -1.73 -25.02
N GLU C 637 41.09 -1.81 -25.43
CA GLU C 637 41.60 -2.98 -26.13
C GLU C 637 42.61 -3.72 -25.26
N ILE C 638 42.42 -5.02 -25.08
CA ILE C 638 43.35 -5.80 -24.28
C ILE C 638 44.44 -6.25 -25.25
N PRO C 639 45.63 -5.63 -25.17
CA PRO C 639 46.81 -5.87 -26.01
C PRO C 639 47.28 -7.32 -26.23
N ASP C 640 47.36 -8.11 -25.16
CA ASP C 640 47.80 -9.50 -25.30
C ASP C 640 46.68 -10.50 -25.18
N PRO C 641 46.88 -11.71 -25.72
CA PRO C 641 45.84 -12.75 -25.65
C PRO C 641 45.57 -13.23 -24.23
N VAL C 642 44.37 -13.73 -24.01
CA VAL C 642 43.94 -14.24 -22.71
C VAL C 642 43.93 -15.76 -22.83
N GLU C 643 44.86 -16.41 -22.15
CA GLU C 643 44.96 -17.86 -22.21
C GLU C 643 43.69 -18.53 -21.73
N ALA C 644 43.59 -19.84 -21.96
CA ALA C 644 42.41 -20.62 -21.58
C ALA C 644 41.86 -20.31 -20.19
N GLY C 645 42.68 -20.45 -19.17
CA GLY C 645 42.16 -20.15 -17.84
C GLY C 645 41.99 -18.68 -17.58
N GLU C 646 43.07 -17.94 -17.79
CA GLU C 646 43.15 -16.49 -17.57
C GLU C 646 41.86 -15.69 -17.64
N GLU C 647 41.80 -14.67 -16.79
CA GLU C 647 40.68 -13.74 -16.74
C GLU C 647 41.19 -12.45 -17.37
N VAL C 648 40.28 -11.56 -17.74
CA VAL C 648 40.65 -10.29 -18.33
C VAL C 648 40.05 -9.27 -17.39
N LYS C 649 40.71 -8.13 -17.26
CA LYS C 649 40.22 -7.08 -16.40
C LYS C 649 40.66 -5.75 -16.97
N VAL C 650 39.89 -4.72 -16.71
CA VAL C 650 40.21 -3.40 -17.22
C VAL C 650 39.31 -2.38 -16.54
N ARG C 651 39.74 -1.14 -16.50
CA ARG C 651 38.96 -0.10 -15.87
C ARG C 651 38.60 0.96 -16.90
N MET C 652 37.54 1.70 -16.64
CA MET C 652 37.11 2.74 -17.55
C MET C 652 36.61 3.93 -16.77
N ASP C 653 37.25 5.06 -16.99
CA ASP C 653 36.90 6.29 -16.31
C ASP C 653 35.67 6.88 -16.99
N LEU C 654 34.64 7.10 -16.21
CA LEU C 654 33.41 7.66 -16.71
C LEU C 654 33.16 8.92 -15.93
N LEU C 655 32.31 9.79 -16.48
CA LEU C 655 31.97 11.04 -15.83
C LEU C 655 30.47 11.22 -15.86
N PRO C 656 29.75 10.60 -14.91
CA PRO C 656 28.30 10.70 -14.84
C PRO C 656 27.89 12.16 -14.84
N LEU C 657 26.95 12.51 -15.71
CA LEU C 657 26.50 13.89 -15.76
C LEU C 657 25.13 14.07 -15.14
N HIS C 658 24.26 13.09 -15.36
CA HIS C 658 22.92 13.15 -14.79
C HIS C 658 22.86 12.25 -13.56
N MET C 659 22.12 12.67 -12.53
CA MET C 659 21.99 11.86 -11.34
C MET C 659 20.89 10.82 -11.58
N GLY C 660 20.39 10.19 -10.52
CA GLY C 660 19.34 9.21 -10.69
C GLY C 660 19.86 7.80 -10.96
N LEU C 661 19.01 6.97 -11.55
CA LEU C 661 19.40 5.61 -11.87
C LEU C 661 19.86 5.53 -13.32
N HIS C 662 20.87 4.72 -13.58
CA HIS C 662 21.40 4.55 -14.92
C HIS C 662 21.99 3.17 -15.06
N LYS C 663 21.69 2.50 -16.15
CA LYS C 663 22.19 1.16 -16.36
C LYS C 663 23.39 1.25 -17.29
N LEU C 664 24.52 0.74 -16.83
CA LEU C 664 25.73 0.74 -17.62
C LEU C 664 25.78 -0.56 -18.40
N VAL C 665 25.69 -0.46 -19.72
CA VAL C 665 25.78 -1.66 -20.56
C VAL C 665 27.20 -1.82 -21.10
N VAL C 666 27.69 -3.06 -21.13
CA VAL C 666 29.02 -3.34 -21.64
C VAL C 666 28.99 -4.53 -22.58
N ASN C 667 29.91 -4.56 -23.53
CA ASN C 667 30.00 -5.66 -24.48
C ASN C 667 31.44 -6.07 -24.64
N PHE C 668 31.70 -7.37 -24.55
CA PHE C 668 33.05 -7.89 -24.71
C PHE C 668 33.17 -8.57 -26.07
N GLU C 669 34.23 -8.21 -26.80
CA GLU C 669 34.47 -8.75 -28.13
C GLU C 669 35.85 -9.38 -28.17
N SER C 670 35.98 -10.49 -28.92
CA SER C 670 37.27 -11.18 -29.08
C SER C 670 37.18 -12.04 -30.32
N ASP C 671 38.30 -12.65 -30.73
CA ASP C 671 38.32 -13.49 -31.92
C ASP C 671 37.53 -14.78 -31.81
N LYS C 672 37.57 -15.43 -30.65
CA LYS C 672 36.84 -16.69 -30.44
C LYS C 672 35.60 -16.54 -29.54
N LEU C 673 35.37 -15.36 -28.99
CA LEU C 673 34.22 -15.16 -28.10
C LEU C 673 33.62 -13.79 -28.35
N LYS C 674 32.60 -13.71 -29.21
CA LYS C 674 32.03 -12.42 -29.53
C LYS C 674 30.70 -12.15 -28.89
N ALA C 675 30.42 -10.87 -28.75
CA ALA C 675 29.17 -10.38 -28.21
C ALA C 675 28.72 -10.96 -26.90
N VAL C 676 29.56 -10.89 -25.87
CA VAL C 676 29.13 -11.37 -24.57
C VAL C 676 28.77 -10.06 -23.86
N LYS C 677 27.56 -10.01 -23.34
CA LYS C 677 27.03 -8.82 -22.67
C LYS C 677 27.25 -8.69 -21.17
N GLY C 678 26.93 -7.51 -20.66
CA GLY C 678 27.05 -7.24 -19.23
C GLY C 678 26.37 -5.91 -18.93
N PHE C 679 25.99 -5.69 -17.68
CA PHE C 679 25.36 -4.45 -17.31
C PHE C 679 25.35 -4.27 -15.79
N ARG C 680 25.20 -3.04 -15.33
CA ARG C 680 25.21 -2.77 -13.90
C ARG C 680 24.37 -1.53 -13.58
N ASN C 681 23.51 -1.64 -12.57
CA ASN C 681 22.68 -0.51 -12.17
C ASN C 681 23.49 0.42 -11.29
N VAL C 682 23.51 1.68 -11.68
CA VAL C 682 24.27 2.69 -10.97
C VAL C 682 23.40 3.90 -10.60
N ILE C 683 23.35 4.21 -9.30
CA ILE C 683 22.58 5.36 -8.80
C ILE C 683 23.56 6.51 -8.59
N ILE C 684 23.39 7.59 -9.35
CA ILE C 684 24.27 8.74 -9.25
C ILE C 684 23.62 9.82 -8.38
N GLY C 685 24.30 10.18 -7.29
CA GLY C 685 23.75 11.18 -6.39
C GLY C 685 24.28 12.58 -6.59
N PRO C 686 23.98 13.49 -5.66
CA PRO C 686 24.42 14.89 -5.72
C PRO C 686 25.92 15.03 -5.50
N ALA C 687 26.53 16.02 -6.15
CA ALA C 687 27.96 16.25 -5.99
C ALA C 687 28.16 16.99 -4.67
N LEU C 688 27.20 17.87 -4.35
CA LEU C 688 27.18 18.70 -3.15
C LEU C 688 27.83 20.07 -3.41
#